data_8FBN
#
_entry.id   8FBN
#
_cell.length_a   71.997
_cell.length_b   170.813
_cell.length_c   72.148
_cell.angle_alpha   90.000
_cell.angle_beta   117.828
_cell.angle_gamma   90.000
#
_symmetry.space_group_name_H-M   'P 1 21 1'
#
_entity_poly.entity_id   1
_entity_poly.type   'polypeptide(L)'
_entity_poly.pdbx_seq_one_letter_code
;ALEKDRRALEALKRAQEAEKKGDVEEAVRAAQEAVRAAKESGASWILRLVAEQALRIAKEAEKQGNVEVAVKAARVAVEA
AKQAGDNDVLRKVAEQALRIAKEAEKQGNVDVAAKAAQVAAEAAKQAGDKDMLEKVAKVAEQIAKAAEKEGDKKVSIDAT
RIALEASLAALEIILEELKEMLERLEKNPDKDVIVKVLKVIVKAIEASVKNQKISAKNQKALAELA
;
_entity_poly.pdbx_strand_id   A,B,C,D,E,F
#
# COMPACT_ATOMS: atom_id res chain seq x y z
N ALA A 1 -34.76 17.61 3.27
CA ALA A 1 -36.18 17.93 3.26
C ALA A 1 -36.55 18.69 2.00
N LEU A 2 -36.37 20.01 2.02
CA LEU A 2 -36.64 20.86 0.87
C LEU A 2 -35.37 21.40 0.21
N GLU A 3 -34.22 21.28 0.87
CA GLU A 3 -32.93 21.58 0.26
C GLU A 3 -32.05 20.35 0.38
N LYS A 4 -31.10 20.24 -0.55
CA LYS A 4 -30.33 19.01 -0.76
C LYS A 4 -31.24 17.87 -1.22
N ASP A 5 -32.50 18.18 -1.45
CA ASP A 5 -33.54 17.28 -1.95
C ASP A 5 -34.22 17.86 -3.18
N ARG A 6 -34.62 19.14 -3.15
CA ARG A 6 -35.10 19.79 -4.36
C ARG A 6 -34.07 19.71 -5.48
N ARG A 7 -32.79 19.82 -5.12
CA ARG A 7 -31.74 19.66 -6.11
C ARG A 7 -31.77 18.27 -6.75
N ALA A 8 -32.25 17.26 -6.01
CA ALA A 8 -32.36 15.92 -6.56
C ALA A 8 -33.48 15.84 -7.58
N LEU A 9 -34.65 16.41 -7.26
CA LEU A 9 -35.77 16.38 -8.19
C LEU A 9 -35.51 17.26 -9.41
N GLU A 10 -34.76 18.36 -9.24
CA GLU A 10 -34.38 19.16 -10.40
C GLU A 10 -33.49 18.37 -11.34
N ALA A 11 -32.61 17.53 -10.80
CA ALA A 11 -31.79 16.68 -11.65
C ALA A 11 -32.62 15.60 -12.33
N LEU A 12 -33.71 15.18 -11.70
CA LEU A 12 -34.60 14.22 -12.35
C LEU A 12 -35.31 14.85 -13.54
N LYS A 13 -35.80 16.09 -13.39
CA LYS A 13 -36.42 16.77 -14.53
C LYS A 13 -35.40 17.06 -15.61
N ARG A 14 -34.18 17.45 -15.23
CA ARG A 14 -33.11 17.62 -16.20
C ARG A 14 -32.81 16.31 -16.93
N ALA A 15 -33.04 15.18 -16.27
CA ALA A 15 -32.90 13.89 -16.93
C ALA A 15 -34.14 13.53 -17.74
N GLN A 16 -35.33 13.85 -17.21
CA GLN A 16 -36.56 13.54 -17.94
C GLN A 16 -36.64 14.32 -19.24
N GLU A 17 -36.20 15.59 -19.23
CA GLU A 17 -36.19 16.37 -20.46
C GLU A 17 -35.20 15.80 -21.47
N ALA A 18 -34.10 15.22 -21.00
CA ALA A 18 -33.12 14.64 -21.91
C ALA A 18 -33.64 13.37 -22.57
N GLU A 19 -34.43 12.58 -21.84
CA GLU A 19 -34.95 11.34 -22.41
C GLU A 19 -35.82 11.61 -23.62
N LYS A 20 -36.65 12.66 -23.56
CA LYS A 20 -37.52 12.98 -24.69
C LYS A 20 -36.77 13.72 -25.79
N LYS A 21 -35.71 14.45 -25.44
CA LYS A 21 -34.91 15.17 -26.42
C LYS A 21 -33.87 14.26 -27.08
N GLY A 22 -33.42 13.23 -26.38
CA GLY A 22 -32.32 12.40 -26.82
C GLY A 22 -31.07 12.70 -26.02
N ASP A 23 -29.96 12.10 -26.45
CA ASP A 23 -28.68 12.20 -25.76
C ASP A 23 -28.82 11.71 -24.32
N VAL A 24 -28.95 10.39 -24.21
CA VAL A 24 -29.08 9.74 -22.91
C VAL A 24 -27.85 9.94 -22.05
N GLU A 25 -26.73 10.34 -22.65
CA GLU A 25 -25.54 10.68 -21.89
C GLU A 25 -25.84 11.81 -20.91
N GLU A 26 -26.47 12.88 -21.40
CA GLU A 26 -26.83 14.00 -20.53
C GLU A 26 -27.89 13.60 -19.51
N ALA A 27 -28.72 12.62 -19.84
CA ALA A 27 -29.73 12.14 -18.89
C ALA A 27 -29.06 11.43 -17.72
N VAL A 28 -28.01 10.64 -17.99
CA VAL A 28 -27.32 9.94 -16.91
C VAL A 28 -26.54 10.93 -16.04
N ARG A 29 -25.89 11.92 -16.65
CA ARG A 29 -25.19 12.94 -15.89
C ARG A 29 -26.13 13.64 -14.92
N ALA A 30 -27.36 13.90 -15.35
CA ALA A 30 -28.37 14.45 -14.44
C ALA A 30 -28.79 13.40 -13.40
N ALA A 31 -28.95 12.15 -13.83
CA ALA A 31 -29.29 11.09 -12.89
C ALA A 31 -28.15 10.83 -11.91
N GLN A 32 -26.91 11.07 -12.32
CA GLN A 32 -25.79 10.96 -11.39
C GLN A 32 -25.83 12.06 -10.34
N GLU A 33 -26.15 13.29 -10.77
CA GLU A 33 -26.36 14.37 -9.81
C GLU A 33 -27.58 14.09 -8.93
N ALA A 34 -28.58 13.40 -9.47
CA ALA A 34 -29.79 13.11 -8.70
C ALA A 34 -29.50 12.11 -7.59
N VAL A 35 -28.82 11.00 -7.93
CA VAL A 35 -28.53 9.99 -6.91
C VAL A 35 -27.55 10.53 -5.88
N ARG A 36 -26.70 11.47 -6.27
CA ARG A 36 -25.77 12.07 -5.30
C ARG A 36 -26.51 12.94 -4.30
N ALA A 37 -27.44 13.77 -4.77
CA ALA A 37 -28.22 14.61 -3.86
C ALA A 37 -29.26 13.79 -3.10
N ALA A 38 -29.76 12.71 -3.69
CA ALA A 38 -30.75 11.88 -3.01
C ALA A 38 -30.09 11.08 -1.89
N LYS A 39 -28.88 10.57 -2.11
CA LYS A 39 -28.18 9.83 -1.07
C LYS A 39 -27.82 10.72 0.11
N GLU A 40 -27.48 11.99 -0.16
CA GLU A 40 -27.16 12.91 0.92
C GLU A 40 -28.37 13.18 1.80
N SER A 41 -29.56 13.25 1.21
CA SER A 41 -30.78 13.49 1.98
C SER A 41 -31.15 12.27 2.82
N GLY A 42 -30.90 11.07 2.31
CA GLY A 42 -31.23 9.86 3.05
C GLY A 42 -32.69 9.49 3.04
N ALA A 43 -33.48 10.06 2.12
CA ALA A 43 -34.90 9.76 2.03
C ALA A 43 -35.10 8.56 1.11
N SER A 44 -35.64 7.47 1.64
CA SER A 44 -35.89 6.29 0.83
C SER A 44 -36.94 6.52 -0.23
N TRP A 45 -37.76 7.56 -0.08
CA TRP A 45 -38.80 7.83 -1.07
C TRP A 45 -38.22 8.43 -2.34
N ILE A 46 -37.35 9.43 -2.22
CA ILE A 46 -36.70 9.98 -3.40
C ILE A 46 -35.74 8.98 -4.01
N LEU A 47 -35.20 8.07 -3.20
CA LEU A 47 -34.31 7.05 -3.75
C LEU A 47 -35.05 6.05 -4.62
N ARG A 48 -36.35 5.86 -4.40
CA ARG A 48 -37.12 4.97 -5.25
C ARG A 48 -37.44 5.62 -6.61
N LEU A 49 -37.50 6.95 -6.67
CA LEU A 49 -37.70 7.62 -7.95
C LEU A 49 -36.43 7.57 -8.79
N VAL A 50 -35.33 8.09 -8.26
CA VAL A 50 -34.07 8.13 -9.00
C VAL A 50 -33.64 6.73 -9.42
N ALA A 51 -34.00 5.71 -8.65
CA ALA A 51 -33.76 4.34 -9.09
C ALA A 51 -34.66 3.98 -10.27
N GLU A 52 -35.97 4.16 -10.11
CA GLU A 52 -36.89 3.81 -11.19
C GLU A 52 -36.76 4.76 -12.37
N GLN A 53 -36.35 6.00 -12.14
CA GLN A 53 -36.10 6.92 -13.25
C GLN A 53 -34.87 6.49 -14.04
N ALA A 54 -33.76 6.24 -13.35
CA ALA A 54 -32.54 5.79 -14.03
C ALA A 54 -32.77 4.47 -14.76
N LEU A 55 -33.68 3.63 -14.25
CA LEU A 55 -34.05 2.43 -14.98
C LEU A 55 -34.68 2.77 -16.32
N ARG A 56 -35.47 3.84 -16.37
CA ARG A 56 -36.09 4.24 -17.64
C ARG A 56 -35.04 4.68 -18.64
N ILE A 57 -34.04 5.47 -18.20
CA ILE A 57 -32.95 5.86 -19.09
C ILE A 57 -32.24 4.62 -19.61
N ALA A 58 -32.08 3.59 -18.77
CA ALA A 58 -31.44 2.36 -19.21
C ALA A 58 -32.24 1.69 -20.34
N LYS A 59 -33.56 1.75 -20.27
CA LYS A 59 -34.36 1.17 -21.36
C LYS A 59 -34.34 2.07 -22.59
N GLU A 60 -34.21 3.38 -22.41
CA GLU A 60 -34.07 4.28 -23.56
C GLU A 60 -32.82 3.93 -24.36
N ALA A 61 -31.73 3.60 -23.67
CA ALA A 61 -30.50 3.25 -24.37
C ALA A 61 -30.61 1.88 -25.01
N GLU A 62 -31.33 0.95 -24.38
CA GLU A 62 -31.45 -0.42 -24.91
C GLU A 62 -31.93 -0.40 -26.35
N LYS A 63 -32.96 0.40 -26.64
CA LYS A 63 -33.44 0.50 -28.02
C LYS A 63 -32.44 1.23 -28.91
N GLN A 64 -31.66 2.16 -28.34
CA GLN A 64 -30.65 2.90 -29.07
C GLN A 64 -29.29 2.19 -29.09
N GLY A 65 -29.21 1.01 -28.47
CA GLY A 65 -27.93 0.34 -28.33
C GLY A 65 -27.14 0.94 -27.17
N ASN A 66 -26.03 1.59 -27.49
CA ASN A 66 -25.27 2.42 -26.56
C ASN A 66 -25.23 1.80 -25.16
N VAL A 67 -24.82 0.52 -25.11
CA VAL A 67 -24.83 -0.23 -23.87
C VAL A 67 -23.86 0.36 -22.85
N GLU A 68 -22.95 1.23 -23.27
CA GLU A 68 -22.08 1.91 -22.33
C GLU A 68 -22.89 2.82 -21.42
N VAL A 69 -23.81 3.59 -21.99
CA VAL A 69 -24.62 4.51 -21.19
C VAL A 69 -25.67 3.74 -20.41
N ALA A 70 -26.08 2.58 -20.89
CA ALA A 70 -27.10 1.81 -20.19
C ALA A 70 -26.58 1.28 -18.85
N VAL A 71 -25.31 0.84 -18.82
CA VAL A 71 -24.73 0.34 -17.59
C VAL A 71 -24.49 1.48 -16.60
N LYS A 72 -24.11 2.65 -17.12
CA LYS A 72 -23.94 3.82 -16.24
C LYS A 72 -25.26 4.20 -15.59
N ALA A 73 -26.37 4.07 -16.33
CA ALA A 73 -27.70 4.31 -15.80
C ALA A 73 -28.17 3.15 -14.92
N ALA A 74 -27.73 1.93 -15.22
CA ALA A 74 -28.08 0.79 -14.37
C ALA A 74 -27.29 0.81 -13.07
N ARG A 75 -26.07 1.36 -13.09
CA ARG A 75 -25.30 1.49 -11.86
C ARG A 75 -25.90 2.56 -10.94
N VAL A 76 -26.38 3.66 -11.53
CA VAL A 76 -27.10 4.66 -10.74
C VAL A 76 -28.37 4.05 -10.16
N ALA A 77 -29.06 3.21 -10.94
CA ALA A 77 -30.29 2.61 -10.47
C ALA A 77 -30.05 1.64 -9.31
N VAL A 78 -29.00 0.80 -9.42
CA VAL A 78 -28.73 -0.16 -8.36
C VAL A 78 -28.15 0.53 -7.13
N GLU A 79 -27.40 1.62 -7.32
CA GLU A 79 -26.88 2.35 -6.17
C GLU A 79 -28.00 3.06 -5.41
N ALA A 80 -28.98 3.60 -6.14
CA ALA A 80 -30.10 4.26 -5.48
C ALA A 80 -31.03 3.23 -4.83
N ALA A 81 -31.27 2.11 -5.51
CA ALA A 81 -32.15 1.09 -4.96
C ALA A 81 -31.52 0.37 -3.78
N LYS A 82 -30.19 0.37 -3.68
CA LYS A 82 -29.54 -0.27 -2.54
C LYS A 82 -29.72 0.55 -1.27
N GLN A 83 -29.47 1.87 -1.35
CA GLN A 83 -29.63 2.71 -0.18
C GLN A 83 -31.09 2.82 0.25
N ALA A 84 -32.02 2.70 -0.69
CA ALA A 84 -33.43 2.79 -0.35
C ALA A 84 -33.88 1.58 0.47
N GLY A 85 -33.47 0.39 0.05
CA GLY A 85 -33.85 -0.83 0.74
C GLY A 85 -35.09 -1.50 0.21
N ASP A 86 -35.57 -1.13 -0.98
CA ASP A 86 -36.76 -1.74 -1.56
C ASP A 86 -36.32 -2.88 -2.47
N ASN A 87 -36.56 -4.12 -2.02
CA ASN A 87 -36.13 -5.29 -2.78
C ASN A 87 -36.88 -5.43 -4.10
N ASP A 88 -38.07 -4.84 -4.22
CA ASP A 88 -38.82 -4.95 -5.47
C ASP A 88 -38.09 -4.25 -6.62
N VAL A 89 -37.51 -3.09 -6.35
CA VAL A 89 -36.78 -2.37 -7.39
C VAL A 89 -35.45 -3.07 -7.67
N LEU A 90 -34.80 -3.60 -6.65
CA LEU A 90 -33.53 -4.29 -6.85
C LEU A 90 -33.71 -5.55 -7.69
N ARG A 91 -34.86 -6.23 -7.58
CA ARG A 91 -35.11 -7.37 -8.44
C ARG A 91 -35.39 -6.96 -9.87
N LYS A 92 -35.91 -5.76 -10.07
CA LYS A 92 -36.09 -5.22 -11.42
C LYS A 92 -34.78 -4.75 -12.02
N VAL A 93 -33.89 -4.18 -11.20
CA VAL A 93 -32.59 -3.74 -11.69
C VAL A 93 -31.76 -4.93 -12.14
N ALA A 94 -31.85 -6.04 -11.40
CA ALA A 94 -31.08 -7.23 -11.76
C ALA A 94 -31.52 -7.78 -13.12
N GLU A 95 -32.83 -7.86 -13.36
CA GLU A 95 -33.31 -8.38 -14.63
C GLU A 95 -32.95 -7.46 -15.79
N GLN A 96 -33.02 -6.14 -15.56
CA GLN A 96 -32.69 -5.20 -16.62
C GLN A 96 -31.20 -5.24 -16.95
N ALA A 97 -30.35 -5.40 -15.95
CA ALA A 97 -28.92 -5.48 -16.19
C ALA A 97 -28.54 -6.77 -16.91
N LEU A 98 -29.30 -7.86 -16.68
CA LEU A 98 -29.08 -9.07 -17.47
C LEU A 98 -29.39 -8.82 -18.94
N ARG A 99 -30.44 -8.05 -19.22
CA ARG A 99 -30.78 -7.71 -20.60
C ARG A 99 -29.66 -6.91 -21.26
N ILE A 100 -29.17 -5.88 -20.57
CA ILE A 100 -28.07 -5.09 -21.10
C ILE A 100 -26.83 -5.96 -21.31
N ALA A 101 -26.57 -6.87 -20.38
CA ALA A 101 -25.38 -7.72 -20.50
C ALA A 101 -25.51 -8.68 -21.67
N LYS A 102 -26.72 -9.19 -21.93
CA LYS A 102 -26.91 -10.07 -23.07
C LYS A 102 -26.88 -9.31 -24.39
N GLU A 103 -27.31 -8.05 -24.39
CA GLU A 103 -27.23 -7.25 -25.62
C GLU A 103 -25.81 -6.80 -25.89
N ALA A 104 -25.07 -6.43 -24.84
CA ALA A 104 -23.66 -6.08 -25.02
C ALA A 104 -22.85 -7.29 -25.46
N GLU A 105 -23.30 -8.50 -25.12
CA GLU A 105 -22.64 -9.71 -25.60
C GLU A 105 -22.92 -9.94 -27.08
N LYS A 106 -24.16 -9.67 -27.51
CA LYS A 106 -24.47 -9.74 -28.93
C LYS A 106 -23.74 -8.67 -29.72
N GLN A 107 -23.45 -7.53 -29.09
CA GLN A 107 -22.75 -6.43 -29.75
C GLN A 107 -21.25 -6.65 -29.83
N GLY A 108 -20.71 -7.59 -29.07
CA GLY A 108 -19.29 -7.87 -29.06
C GLY A 108 -18.52 -7.19 -27.95
N ASN A 109 -19.10 -6.20 -27.29
CA ASN A 109 -18.44 -5.49 -26.19
C ASN A 109 -18.63 -6.30 -24.92
N VAL A 110 -17.73 -7.27 -24.70
CA VAL A 110 -17.81 -8.10 -23.52
C VAL A 110 -17.36 -7.36 -22.28
N ASP A 111 -16.59 -6.28 -22.43
CA ASP A 111 -16.20 -5.48 -21.27
C ASP A 111 -17.41 -4.83 -20.63
N VAL A 112 -18.20 -4.11 -21.42
CA VAL A 112 -19.44 -3.53 -20.91
C VAL A 112 -20.39 -4.64 -20.47
N ALA A 113 -20.36 -5.78 -21.15
CA ALA A 113 -21.22 -6.90 -20.77
C ALA A 113 -20.90 -7.40 -19.37
N ALA A 114 -19.60 -7.50 -19.05
CA ALA A 114 -19.22 -7.92 -17.71
C ALA A 114 -19.61 -6.88 -16.66
N LYS A 115 -19.39 -5.60 -16.96
CA LYS A 115 -19.81 -4.54 -16.05
C LYS A 115 -21.31 -4.60 -15.79
N ALA A 116 -22.09 -4.94 -16.83
CA ALA A 116 -23.53 -5.09 -16.63
C ALA A 116 -23.84 -6.31 -15.79
N ALA A 117 -23.13 -7.42 -16.03
CA ALA A 117 -23.34 -8.62 -15.22
C ALA A 117 -22.93 -8.38 -13.77
N GLN A 118 -21.96 -7.49 -13.54
CA GLN A 118 -21.63 -7.11 -12.17
C GLN A 118 -22.77 -6.33 -11.53
N VAL A 119 -23.36 -5.38 -12.27
CA VAL A 119 -24.51 -4.65 -11.76
C VAL A 119 -25.66 -5.60 -11.45
N ALA A 120 -25.87 -6.59 -12.31
CA ALA A 120 -26.91 -7.58 -12.07
C ALA A 120 -26.63 -8.37 -10.79
N ALA A 121 -25.35 -8.64 -10.50
CA ALA A 121 -25.01 -9.37 -9.29
C ALA A 121 -25.20 -8.51 -8.06
N GLU A 122 -24.80 -7.24 -8.13
CA GLU A 122 -24.95 -6.33 -6.99
C GLU A 122 -26.41 -6.23 -6.56
N ALA A 123 -27.33 -6.21 -7.52
CA ALA A 123 -28.74 -6.04 -7.19
C ALA A 123 -29.35 -7.32 -6.65
N ALA A 124 -28.94 -8.48 -7.20
CA ALA A 124 -29.53 -9.75 -6.77
C ALA A 124 -29.02 -10.19 -5.41
N LYS A 125 -27.81 -9.77 -5.02
CA LYS A 125 -27.30 -10.11 -3.70
C LYS A 125 -27.90 -9.22 -2.61
N GLN A 126 -28.19 -7.96 -2.93
CA GLN A 126 -28.80 -7.07 -1.95
C GLN A 126 -30.24 -7.47 -1.66
N ALA A 127 -30.98 -7.88 -2.69
CA ALA A 127 -32.37 -8.29 -2.51
C ALA A 127 -32.51 -9.69 -1.95
N GLY A 128 -31.45 -10.50 -1.99
CA GLY A 128 -31.52 -11.86 -1.50
C GLY A 128 -32.27 -12.81 -2.40
N ASP A 129 -32.10 -12.69 -3.72
CA ASP A 129 -32.78 -13.54 -4.70
C ASP A 129 -31.79 -14.59 -5.18
N LYS A 130 -31.91 -15.81 -4.63
CA LYS A 130 -31.02 -16.89 -5.04
C LYS A 130 -31.31 -17.32 -6.48
N ASP A 131 -32.58 -17.34 -6.87
CA ASP A 131 -32.94 -17.74 -8.23
C ASP A 131 -32.44 -16.74 -9.27
N MET A 132 -32.26 -15.47 -8.86
CA MET A 132 -31.67 -14.49 -9.76
C MET A 132 -30.15 -14.53 -9.70
N LEU A 133 -29.58 -14.82 -8.53
CA LEU A 133 -28.13 -14.91 -8.39
C LEU A 133 -27.57 -16.07 -9.20
N GLU A 134 -28.23 -17.23 -9.16
CA GLU A 134 -27.81 -18.34 -10.02
C GLU A 134 -27.99 -17.98 -11.49
N LYS A 135 -29.01 -17.18 -11.80
CA LYS A 135 -29.23 -16.74 -13.18
C LYS A 135 -28.12 -15.82 -13.65
N VAL A 136 -27.70 -14.89 -12.79
CA VAL A 136 -26.60 -13.99 -13.13
C VAL A 136 -25.33 -14.78 -13.44
N ALA A 137 -25.08 -15.84 -12.67
CA ALA A 137 -23.90 -16.67 -12.90
C ALA A 137 -23.93 -17.30 -14.29
N LYS A 138 -25.11 -17.78 -14.73
CA LYS A 138 -25.23 -18.35 -16.06
C LYS A 138 -24.84 -17.33 -17.13
N VAL A 139 -25.26 -16.08 -16.96
CA VAL A 139 -24.92 -15.05 -17.95
C VAL A 139 -23.43 -14.73 -17.88
N ALA A 140 -22.90 -14.54 -16.67
CA ALA A 140 -21.48 -14.25 -16.52
C ALA A 140 -20.59 -15.38 -17.00
N GLU A 141 -21.09 -16.61 -17.04
CA GLU A 141 -20.35 -17.69 -17.69
C GLU A 141 -20.38 -17.54 -19.21
N GLN A 142 -21.53 -17.12 -19.75
CA GLN A 142 -21.63 -16.91 -21.19
C GLN A 142 -20.70 -15.80 -21.65
N ILE A 143 -20.59 -14.72 -20.86
CA ILE A 143 -19.70 -13.62 -21.21
C ILE A 143 -18.25 -14.08 -21.13
N ALA A 144 -17.93 -14.94 -20.15
CA ALA A 144 -16.58 -15.47 -20.05
C ALA A 144 -16.25 -16.35 -21.25
N LYS A 145 -17.17 -17.24 -21.62
CA LYS A 145 -16.99 -18.05 -22.81
C LYS A 145 -16.92 -17.18 -24.06
N ALA A 146 -17.65 -16.07 -24.08
CA ALA A 146 -17.58 -15.16 -25.22
C ALA A 146 -16.26 -14.40 -25.25
N ALA A 147 -15.74 -14.02 -24.08
CA ALA A 147 -14.45 -13.35 -24.02
C ALA A 147 -13.31 -14.29 -24.37
N GLU A 148 -13.50 -15.61 -24.22
CA GLU A 148 -12.48 -16.56 -24.65
C GLU A 148 -12.28 -16.50 -26.16
N LYS A 149 -13.39 -16.53 -26.92
CA LYS A 149 -13.28 -16.54 -28.38
C LYS A 149 -12.76 -15.22 -28.92
N GLU A 150 -13.11 -14.10 -28.27
CA GLU A 150 -12.67 -12.80 -28.75
C GLU A 150 -11.21 -12.50 -28.44
N GLY A 151 -10.59 -13.26 -27.54
CA GLY A 151 -9.22 -13.01 -27.15
C GLY A 151 -9.07 -12.07 -25.97
N ASP A 152 -10.13 -11.37 -25.57
CA ASP A 152 -10.08 -10.50 -24.39
C ASP A 152 -10.00 -11.34 -23.13
N LYS A 153 -8.78 -11.58 -22.65
CA LYS A 153 -8.59 -12.48 -21.51
C LYS A 153 -8.86 -11.79 -20.18
N LYS A 154 -8.61 -10.48 -20.08
CA LYS A 154 -8.88 -9.77 -18.84
C LYS A 154 -10.37 -9.80 -18.51
N VAL A 155 -11.22 -9.72 -19.53
CA VAL A 155 -12.66 -9.82 -19.29
C VAL A 155 -13.03 -11.24 -18.87
N SER A 156 -12.38 -12.24 -19.47
CA SER A 156 -12.66 -13.63 -19.11
C SER A 156 -12.40 -13.89 -17.63
N ILE A 157 -11.35 -13.28 -17.08
CA ILE A 157 -11.07 -13.41 -15.65
C ILE A 157 -12.11 -12.64 -14.84
N ASP A 158 -12.46 -11.43 -15.28
CA ASP A 158 -13.44 -10.64 -14.57
C ASP A 158 -14.83 -11.25 -14.65
N ALA A 159 -15.17 -11.88 -15.78
CA ALA A 159 -16.48 -12.50 -15.93
C ALA A 159 -16.61 -13.72 -15.03
N THR A 160 -15.56 -14.57 -14.97
CA THR A 160 -15.59 -15.71 -14.07
C THR A 160 -15.56 -15.29 -12.62
N ARG A 161 -14.91 -14.16 -12.31
CA ARG A 161 -14.97 -13.62 -10.96
C ARG A 161 -16.41 -13.22 -10.60
N ILE A 162 -17.14 -12.68 -11.56
CA ILE A 162 -18.53 -12.28 -11.30
C ILE A 162 -19.43 -13.51 -11.20
N ALA A 163 -19.21 -14.50 -12.06
CA ALA A 163 -19.96 -15.75 -11.96
C ALA A 163 -19.65 -16.48 -10.66
N LEU A 164 -18.46 -16.26 -10.11
CA LEU A 164 -18.11 -16.88 -8.84
C LEU A 164 -18.77 -16.17 -7.66
N GLU A 165 -18.72 -14.83 -7.65
CA GLU A 165 -19.33 -14.08 -6.56
C GLU A 165 -20.85 -14.19 -6.56
N ALA A 166 -21.46 -14.49 -7.70
CA ALA A 166 -22.90 -14.71 -7.73
C ALA A 166 -23.26 -16.09 -7.20
N SER A 167 -22.51 -17.12 -7.63
CA SER A 167 -22.72 -18.46 -7.11
C SER A 167 -22.40 -18.54 -5.62
N LEU A 168 -21.39 -17.79 -5.18
CA LEU A 168 -21.07 -17.72 -3.75
C LEU A 168 -22.22 -17.11 -2.96
N ALA A 169 -22.79 -16.02 -3.47
CA ALA A 169 -23.91 -15.39 -2.78
C ALA A 169 -25.13 -16.31 -2.74
N ALA A 170 -25.33 -17.10 -3.79
CA ALA A 170 -26.43 -18.07 -3.79
C ALA A 170 -26.17 -19.18 -2.78
N LEU A 171 -24.91 -19.56 -2.59
CA LEU A 171 -24.58 -20.59 -1.62
C LEU A 171 -24.82 -20.12 -0.18
N GLU A 172 -24.56 -18.84 0.09
CA GLU A 172 -24.83 -18.29 1.41
C GLU A 172 -26.33 -18.29 1.72
N ILE A 173 -27.17 -18.06 0.71
CA ILE A 173 -28.60 -18.08 0.92
C ILE A 173 -29.08 -19.49 1.24
N ILE A 174 -28.60 -20.48 0.50
CA ILE A 174 -28.96 -21.86 0.79
C ILE A 174 -28.39 -22.30 2.14
N LEU A 175 -27.21 -21.81 2.49
CA LEU A 175 -26.66 -22.09 3.81
C LEU A 175 -27.55 -21.51 4.90
N GLU A 176 -28.07 -20.30 4.68
CA GLU A 176 -29.01 -19.71 5.63
C GLU A 176 -30.31 -20.50 5.68
N GLU A 177 -30.80 -20.93 4.52
CA GLU A 177 -32.00 -21.77 4.51
C GLU A 177 -31.76 -23.11 5.18
N LEU A 178 -30.52 -23.61 5.14
CA LEU A 178 -30.21 -24.87 5.80
C LEU A 178 -30.18 -24.71 7.31
N LYS A 179 -29.66 -23.58 7.80
CA LYS A 179 -29.61 -23.36 9.24
C LYS A 179 -31.00 -23.12 9.82
N GLU A 180 -31.92 -22.58 9.03
CA GLU A 180 -33.30 -22.45 9.48
C GLU A 180 -33.98 -23.82 9.57
N MET A 181 -33.71 -24.70 8.61
CA MET A 181 -34.27 -26.05 8.65
C MET A 181 -33.64 -26.87 9.78
N LEU A 182 -32.34 -26.69 10.00
CA LEU A 182 -31.69 -27.33 11.15
C LEU A 182 -32.25 -26.78 12.45
N GLU A 183 -32.66 -25.51 12.45
CA GLU A 183 -33.31 -24.94 13.63
C GLU A 183 -34.65 -25.63 13.90
N ARG A 184 -35.43 -25.87 12.85
CA ARG A 184 -36.68 -26.60 12.97
C ARG A 184 -36.48 -28.11 13.10
N LEU A 185 -35.24 -28.58 13.08
CA LEU A 185 -34.95 -29.97 13.35
C LEU A 185 -34.55 -30.19 14.80
N GLU A 186 -33.83 -29.23 15.39
CA GLU A 186 -33.59 -29.25 16.84
C GLU A 186 -34.90 -29.34 17.59
N LYS A 187 -35.89 -28.54 17.20
CA LYS A 187 -37.24 -28.68 17.72
C LYS A 187 -37.99 -29.75 16.94
N ASN A 188 -38.72 -30.59 17.66
CA ASN A 188 -39.54 -31.66 17.08
C ASN A 188 -38.69 -32.56 16.17
N PRO A 189 -37.86 -33.44 16.73
CA PRO A 189 -37.14 -34.41 15.89
C PRO A 189 -38.11 -35.39 15.23
N ASP A 190 -38.33 -35.24 13.92
CA ASP A 190 -39.34 -36.00 13.21
C ASP A 190 -38.75 -36.60 11.95
N LYS A 191 -39.33 -37.73 11.52
CA LYS A 191 -38.90 -38.36 10.28
C LYS A 191 -39.16 -37.46 9.08
N ASP A 192 -40.28 -36.72 9.12
CA ASP A 192 -40.61 -35.84 8.01
C ASP A 192 -39.68 -34.62 7.97
N VAL A 193 -39.30 -34.11 9.15
CA VAL A 193 -38.35 -33.00 9.19
C VAL A 193 -36.98 -33.44 8.73
N ILE A 194 -36.60 -34.68 9.01
CA ILE A 194 -35.30 -35.19 8.56
C ILE A 194 -35.25 -35.25 7.04
N VAL A 195 -36.33 -35.71 6.41
CA VAL A 195 -36.37 -35.78 4.95
C VAL A 195 -36.22 -34.40 4.33
N LYS A 196 -36.84 -33.39 4.95
CA LYS A 196 -36.72 -32.03 4.44
C LYS A 196 -35.30 -31.49 4.66
N VAL A 197 -34.70 -31.79 5.81
CA VAL A 197 -33.31 -31.37 6.04
C VAL A 197 -32.36 -32.09 5.10
N LEU A 198 -32.58 -33.39 4.88
CA LEU A 198 -31.79 -34.12 3.90
C LEU A 198 -31.97 -33.55 2.50
N LYS A 199 -33.17 -33.03 2.19
CA LYS A 199 -33.41 -32.46 0.87
C LYS A 199 -32.63 -31.16 0.68
N VAL A 200 -32.52 -30.35 1.73
CA VAL A 200 -31.81 -29.08 1.62
C VAL A 200 -30.31 -29.30 1.54
N ILE A 201 -29.80 -30.29 2.27
CA ILE A 201 -28.35 -30.54 2.29
C ILE A 201 -27.87 -30.91 0.89
N VAL A 202 -28.62 -31.77 0.18
CA VAL A 202 -28.24 -32.13 -1.18
C VAL A 202 -28.24 -30.89 -2.07
N LYS A 203 -29.20 -29.99 -1.88
CA LYS A 203 -29.24 -28.76 -2.65
C LYS A 203 -28.09 -27.83 -2.27
N ALA A 204 -27.71 -27.82 -0.99
CA ALA A 204 -26.58 -27.01 -0.57
C ALA A 204 -25.27 -27.57 -1.11
N ILE A 205 -25.15 -28.90 -1.15
CA ILE A 205 -23.95 -29.52 -1.70
C ILE A 205 -23.89 -29.33 -3.22
N GLU A 206 -25.04 -29.50 -3.88
CA GLU A 206 -25.09 -29.31 -5.33
C GLU A 206 -24.70 -27.89 -5.72
N ALA A 207 -25.10 -26.90 -4.92
CA ALA A 207 -24.67 -25.52 -5.17
C ALA A 207 -23.20 -25.33 -4.84
N SER A 208 -22.68 -26.05 -3.84
CA SER A 208 -21.26 -25.97 -3.53
C SER A 208 -20.42 -26.55 -4.66
N VAL A 209 -20.86 -27.66 -5.24
CA VAL A 209 -20.13 -28.24 -6.38
C VAL A 209 -20.15 -27.27 -7.56
N LYS A 210 -21.28 -26.62 -7.80
CA LYS A 210 -21.35 -25.63 -8.87
C LYS A 210 -20.43 -24.44 -8.59
N ASN A 211 -20.26 -24.07 -7.33
CA ASN A 211 -19.37 -22.97 -6.99
C ASN A 211 -17.92 -23.37 -7.16
N GLN A 212 -17.56 -24.59 -6.74
CA GLN A 212 -16.18 -25.05 -6.91
C GLN A 212 -15.86 -25.32 -8.37
N LYS A 213 -16.87 -25.62 -9.19
CA LYS A 213 -16.63 -25.80 -10.61
C LYS A 213 -16.41 -24.46 -11.30
N ILE A 214 -17.10 -23.41 -10.85
CA ILE A 214 -16.85 -22.07 -11.36
C ILE A 214 -15.50 -21.57 -10.90
N SER A 215 -15.13 -21.87 -9.65
CA SER A 215 -13.82 -21.47 -9.14
C SER A 215 -12.70 -22.17 -9.90
N ALA A 216 -12.90 -23.45 -10.23
CA ALA A 216 -11.89 -24.17 -11.01
C ALA A 216 -11.77 -23.59 -12.42
N LYS A 217 -12.90 -23.19 -13.02
CA LYS A 217 -12.85 -22.55 -14.32
C LYS A 217 -12.20 -21.18 -14.27
N ASN A 218 -12.30 -20.50 -13.12
CA ASN A 218 -11.62 -19.21 -12.98
C ASN A 218 -10.12 -19.39 -12.84
N GLN A 219 -9.69 -20.39 -12.07
CA GLN A 219 -8.26 -20.68 -11.97
C GLN A 219 -7.69 -21.16 -13.29
N LYS A 220 -8.50 -21.84 -14.10
CA LYS A 220 -8.05 -22.19 -15.45
C LYS A 220 -7.82 -20.95 -16.29
N ALA A 221 -8.64 -19.91 -16.09
CA ALA A 221 -8.45 -18.65 -16.80
C ALA A 221 -7.20 -17.93 -16.32
N LEU A 222 -6.80 -18.15 -15.07
CA LEU A 222 -5.58 -17.53 -14.56
C LEU A 222 -4.33 -18.29 -15.02
N ALA A 223 -4.42 -19.61 -15.16
CA ALA A 223 -3.24 -20.37 -15.56
C ALA A 223 -2.92 -20.23 -17.04
N GLU A 224 -3.87 -19.73 -17.84
CA GLU A 224 -3.63 -19.54 -19.27
C GLU A 224 -2.69 -18.38 -19.56
N LEU A 225 -2.56 -17.43 -18.64
CA LEU A 225 -1.67 -16.28 -18.82
C LEU A 225 -0.22 -16.76 -18.79
N ALA A 226 0.48 -16.63 -19.92
CA ALA A 226 1.87 -17.04 -20.01
C ALA A 226 2.79 -15.93 -19.51
N ALA B 1 41.87 -5.87 19.08
CA ALA B 1 42.88 -6.35 18.14
C ALA B 1 43.56 -7.62 18.67
N LEU B 2 42.85 -8.35 19.53
CA LEU B 2 43.39 -9.60 20.08
C LEU B 2 42.39 -10.73 19.89
N GLU B 3 42.05 -11.42 20.98
CA GLU B 3 41.09 -12.51 20.90
C GLU B 3 39.68 -12.04 20.54
N LYS B 4 39.44 -10.72 20.52
CA LYS B 4 38.17 -10.21 20.03
C LYS B 4 37.99 -10.52 18.55
N ASP B 5 39.08 -10.54 17.79
CA ASP B 5 39.00 -10.89 16.38
C ASP B 5 38.61 -12.35 16.19
N ARG B 6 39.02 -13.22 17.11
CA ARG B 6 38.74 -14.64 16.97
C ARG B 6 37.24 -14.89 16.88
N ARG B 7 36.47 -14.28 17.78
CA ARG B 7 35.02 -14.44 17.73
C ARG B 7 34.43 -13.89 16.44
N ALA B 8 35.03 -12.83 15.91
CA ALA B 8 34.54 -12.24 14.66
C ALA B 8 34.84 -13.15 13.47
N LEU B 9 36.10 -13.61 13.36
CA LEU B 9 36.45 -14.49 12.25
C LEU B 9 35.71 -15.81 12.33
N GLU B 10 35.46 -16.31 13.55
CA GLU B 10 34.64 -17.51 13.69
C GLU B 10 33.20 -17.24 13.28
N ALA B 11 32.70 -16.03 13.54
CA ALA B 11 31.37 -15.66 13.08
C ALA B 11 31.34 -15.46 11.57
N LEU B 12 32.42 -14.92 11.01
CA LEU B 12 32.50 -14.79 9.56
C LEU B 12 32.54 -16.15 8.89
N LYS B 13 33.36 -17.06 9.42
CA LYS B 13 33.36 -18.43 8.91
C LYS B 13 32.02 -19.11 9.14
N ARG B 14 31.27 -18.69 10.16
CA ARG B 14 29.92 -19.18 10.38
C ARG B 14 28.94 -18.62 9.35
N ALA B 15 29.35 -17.65 8.54
CA ALA B 15 28.52 -17.14 7.46
C ALA B 15 29.00 -17.56 6.07
N GLN B 16 30.26 -18.00 5.94
CA GLN B 16 30.77 -18.43 4.64
C GLN B 16 30.23 -19.80 4.28
N GLU B 17 30.31 -20.76 5.21
CA GLU B 17 29.74 -22.08 4.98
C GLU B 17 28.22 -22.03 4.87
N ALA B 18 27.60 -20.99 5.44
CA ALA B 18 26.16 -20.81 5.24
C ALA B 18 25.83 -20.52 3.78
N GLU B 19 26.72 -19.78 3.10
CA GLU B 19 26.54 -19.61 1.66
C GLU B 19 26.58 -20.94 0.93
N LYS B 20 27.46 -21.85 1.37
CA LYS B 20 27.48 -23.19 0.78
C LYS B 20 26.24 -23.98 1.18
N LYS B 21 25.82 -23.89 2.44
CA LYS B 21 24.68 -24.65 2.91
C LYS B 21 23.34 -24.02 2.54
N GLY B 22 23.32 -22.73 2.22
CA GLY B 22 22.08 -22.03 1.95
C GLY B 22 21.57 -21.29 3.17
N ASP B 23 20.32 -20.86 3.06
CA ASP B 23 19.65 -20.11 4.12
C ASP B 23 20.43 -18.84 4.45
N VAL B 24 20.21 -17.78 3.67
CA VAL B 24 20.92 -16.52 3.88
C VAL B 24 20.55 -15.86 5.21
N GLU B 25 19.42 -16.25 5.80
CA GLU B 25 19.08 -15.74 7.13
C GLU B 25 20.13 -16.17 8.16
N GLU B 26 20.59 -17.41 8.07
CA GLU B 26 21.68 -17.86 8.94
C GLU B 26 22.94 -17.05 8.70
N ALA B 27 23.23 -16.73 7.44
CA ALA B 27 24.43 -15.96 7.13
C ALA B 27 24.33 -14.52 7.61
N VAL B 28 23.11 -13.99 7.73
CA VAL B 28 22.95 -12.62 8.23
C VAL B 28 23.10 -12.58 9.74
N ARG B 29 22.48 -13.53 10.45
CA ARG B 29 22.64 -13.58 11.90
C ARG B 29 24.10 -13.82 12.29
N ALA B 30 24.84 -14.57 11.48
CA ALA B 30 26.27 -14.73 11.73
C ALA B 30 27.03 -13.44 11.46
N ALA B 31 26.61 -12.67 10.46
CA ALA B 31 27.28 -11.41 10.17
C ALA B 31 26.98 -10.35 11.22
N GLN B 32 25.82 -10.45 11.88
CA GLN B 32 25.50 -9.50 12.95
C GLN B 32 26.37 -9.72 14.17
N GLU B 33 26.65 -10.99 14.52
CA GLU B 33 27.59 -11.28 15.59
C GLU B 33 29.00 -10.91 15.19
N ALA B 34 29.34 -11.05 13.90
CA ALA B 34 30.66 -10.68 13.43
C ALA B 34 30.89 -9.18 13.49
N VAL B 35 29.86 -8.39 13.15
CA VAL B 35 30.02 -6.94 13.18
C VAL B 35 29.88 -6.39 14.60
N ARG B 36 29.21 -7.10 15.50
CA ARG B 36 29.13 -6.65 16.88
C ARG B 36 30.47 -6.83 17.59
N ALA B 37 31.11 -7.98 17.39
CA ALA B 37 32.41 -8.21 18.01
C ALA B 37 33.47 -7.30 17.39
N ALA B 38 33.41 -7.07 16.08
CA ALA B 38 34.39 -6.21 15.43
C ALA B 38 34.22 -4.76 15.85
N LYS B 39 33.03 -4.36 16.28
CA LYS B 39 32.79 -3.00 16.74
C LYS B 39 33.27 -2.79 18.17
N GLU B 40 33.26 -3.85 18.99
CA GLU B 40 33.65 -3.70 20.39
C GLU B 40 35.09 -3.25 20.52
N SER B 41 35.98 -3.79 19.69
CA SER B 41 37.38 -3.37 19.66
C SER B 41 37.73 -2.99 18.23
N GLY B 42 38.28 -1.78 18.07
CA GLY B 42 38.58 -1.22 16.76
C GLY B 42 39.38 -2.13 15.85
N ALA B 43 38.79 -2.51 14.73
CA ALA B 43 39.43 -3.41 13.76
C ALA B 43 39.02 -2.94 12.37
N SER B 44 39.82 -2.02 11.80
CA SER B 44 39.50 -1.50 10.48
C SER B 44 39.59 -2.56 9.40
N TRP B 45 40.46 -3.57 9.58
CA TRP B 45 40.60 -4.61 8.58
C TRP B 45 39.53 -5.69 8.72
N ILE B 46 39.16 -6.03 9.96
CA ILE B 46 38.10 -7.01 10.16
C ILE B 46 36.76 -6.45 9.70
N LEU B 47 36.48 -5.19 10.01
CA LEU B 47 35.24 -4.56 9.57
C LEU B 47 35.17 -4.45 8.05
N ARG B 48 36.30 -4.58 7.35
CA ARG B 48 36.28 -4.60 5.90
C ARG B 48 35.83 -5.96 5.36
N LEU B 49 36.16 -7.05 6.08
CA LEU B 49 35.69 -8.37 5.66
C LEU B 49 34.21 -8.55 5.96
N VAL B 50 33.75 -8.06 7.12
CA VAL B 50 32.34 -8.17 7.48
C VAL B 50 31.47 -7.44 6.47
N ALA B 51 31.89 -6.24 6.06
CA ALA B 51 31.16 -5.51 5.05
C ALA B 51 31.20 -6.24 3.71
N GLU B 52 32.37 -6.74 3.32
CA GLU B 52 32.46 -7.48 2.07
C GLU B 52 31.77 -8.84 2.16
N GLN B 53 31.64 -9.40 3.36
CA GLN B 53 30.91 -10.65 3.50
C GLN B 53 29.40 -10.43 3.44
N ALA B 54 28.91 -9.38 4.11
CA ALA B 54 27.48 -9.08 4.07
C ALA B 54 27.04 -8.69 2.67
N LEU B 55 27.93 -8.10 1.87
CA LEU B 55 27.59 -7.76 0.49
C LEU B 55 27.30 -9.01 -0.33
N ARG B 56 28.19 -9.99 -0.26
CA ARG B 56 27.96 -11.24 -0.98
C ARG B 56 26.74 -11.98 -0.46
N ILE B 57 26.40 -11.79 0.83
CA ILE B 57 25.15 -12.35 1.35
C ILE B 57 23.95 -11.64 0.73
N ALA B 58 24.05 -10.32 0.56
CA ALA B 58 22.98 -9.57 -0.07
C ALA B 58 22.89 -9.86 -1.56
N LYS B 59 24.03 -10.12 -2.21
CA LYS B 59 24.01 -10.44 -3.63
C LYS B 59 23.37 -11.81 -3.87
N GLU B 60 23.78 -12.82 -3.10
CA GLU B 60 23.21 -14.15 -3.27
C GLU B 60 21.71 -14.15 -3.00
N ALA B 61 21.28 -13.42 -1.96
CA ALA B 61 19.86 -13.31 -1.68
C ALA B 61 19.13 -12.60 -2.82
N GLU B 62 19.76 -11.58 -3.40
CA GLU B 62 19.14 -10.83 -4.50
C GLU B 62 18.71 -11.76 -5.63
N LYS B 63 19.57 -12.71 -6.00
CA LYS B 63 19.21 -13.65 -7.06
C LYS B 63 18.19 -14.67 -6.57
N GLN B 64 18.25 -15.06 -5.30
CA GLN B 64 17.31 -16.05 -4.78
C GLN B 64 15.93 -15.47 -4.52
N GLY B 65 15.80 -14.16 -4.40
CA GLY B 65 14.58 -13.54 -3.96
C GLY B 65 14.64 -13.12 -2.51
N ASN B 66 13.47 -12.83 -1.95
CA ASN B 66 13.35 -12.41 -0.55
C ASN B 66 14.22 -11.18 -0.32
N VAL B 67 13.70 -10.01 -0.67
CA VAL B 67 14.45 -8.77 -0.60
C VAL B 67 14.46 -8.28 0.84
N GLU B 68 13.71 -8.98 1.70
CA GLU B 68 13.69 -8.65 3.12
C GLU B 68 15.01 -8.99 3.79
N VAL B 69 15.64 -10.09 3.42
CA VAL B 69 16.92 -10.47 4.02
C VAL B 69 18.07 -9.68 3.39
N ALA B 70 17.96 -9.36 2.09
CA ALA B 70 19.01 -8.58 1.43
C ALA B 70 19.19 -7.22 2.07
N VAL B 71 18.11 -6.63 2.58
CA VAL B 71 18.23 -5.35 3.30
C VAL B 71 18.94 -5.57 4.63
N LYS B 72 18.64 -6.68 5.31
CA LYS B 72 19.33 -6.98 6.56
C LYS B 72 20.82 -7.17 6.34
N ALA B 73 21.20 -7.78 5.21
CA ALA B 73 22.61 -7.91 4.88
C ALA B 73 23.20 -6.56 4.50
N ALA B 74 22.45 -5.74 3.75
CA ALA B 74 22.94 -4.42 3.39
C ALA B 74 23.00 -3.48 4.59
N ARG B 75 22.20 -3.76 5.63
CA ARG B 75 22.29 -2.95 6.85
C ARG B 75 23.55 -3.29 7.64
N VAL B 76 23.93 -4.57 7.67
CA VAL B 76 25.17 -4.96 8.34
C VAL B 76 26.38 -4.49 7.53
N ALA B 77 26.26 -4.47 6.19
CA ALA B 77 27.36 -4.01 5.36
C ALA B 77 27.63 -2.52 5.56
N VAL B 78 26.59 -1.72 5.72
CA VAL B 78 26.77 -0.29 5.94
C VAL B 78 27.13 0.01 7.39
N GLU B 79 26.82 -0.89 8.33
CA GLU B 79 27.25 -0.70 9.72
C GLU B 79 28.75 -0.86 9.87
N ALA B 80 29.34 -1.82 9.15
CA ALA B 80 30.76 -2.10 9.27
C ALA B 80 31.61 -1.05 8.55
N ALA B 81 31.22 -0.71 7.31
CA ALA B 81 32.01 0.23 6.53
C ALA B 81 31.97 1.63 7.12
N LYS B 82 30.91 1.97 7.85
CA LYS B 82 30.86 3.25 8.55
C LYS B 82 31.94 3.34 9.61
N GLN B 83 32.10 2.28 10.41
CA GLN B 83 33.15 2.26 11.43
C GLN B 83 34.54 2.27 10.80
N ALA B 84 34.70 1.64 9.64
CA ALA B 84 35.97 1.70 8.93
C ALA B 84 36.06 2.99 8.12
N GLY B 85 36.79 2.96 7.01
CA GLY B 85 36.92 4.14 6.18
C GLY B 85 35.68 4.38 5.34
N ASP B 86 35.38 5.66 5.15
CA ASP B 86 34.23 6.10 4.33
C ASP B 86 34.67 6.11 2.87
N ASN B 87 34.67 4.93 2.25
CA ASN B 87 35.33 4.75 0.96
C ASN B 87 34.55 3.87 -0.01
N ASP B 88 35.28 3.03 -0.74
CA ASP B 88 34.70 2.24 -1.82
C ASP B 88 33.68 1.22 -1.31
N VAL B 89 33.85 0.73 -0.09
CA VAL B 89 32.92 -0.27 0.42
C VAL B 89 31.54 0.33 0.61
N LEU B 90 31.47 1.57 1.08
CA LEU B 90 30.19 2.25 1.21
C LEU B 90 29.58 2.53 -0.16
N ARG B 91 30.41 2.86 -1.15
CA ARG B 91 29.89 3.14 -2.49
C ARG B 91 29.38 1.88 -3.17
N LYS B 92 29.97 0.72 -2.88
CA LYS B 92 29.43 -0.53 -3.39
C LYS B 92 28.14 -0.92 -2.67
N VAL B 93 28.03 -0.58 -1.38
CA VAL B 93 26.80 -0.84 -0.64
C VAL B 93 25.66 0.00 -1.19
N ALA B 94 25.92 1.28 -1.46
CA ALA B 94 24.88 2.17 -1.96
C ALA B 94 24.38 1.71 -3.33
N GLU B 95 25.30 1.29 -4.20
CA GLU B 95 24.88 0.78 -5.51
C GLU B 95 24.07 -0.50 -5.35
N GLN B 96 24.47 -1.38 -4.43
CA GLN B 96 23.75 -2.63 -4.24
C GLN B 96 22.41 -2.39 -3.55
N ALA B 97 22.33 -1.42 -2.65
CA ALA B 97 21.07 -1.15 -1.96
C ALA B 97 20.03 -0.59 -2.90
N LEU B 98 20.44 0.15 -3.93
CA LEU B 98 19.49 0.61 -4.94
C LEU B 98 19.00 -0.56 -5.80
N ARG B 99 19.90 -1.49 -6.13
CA ARG B 99 19.48 -2.69 -6.84
C ARG B 99 18.46 -3.49 -6.04
N ILE B 100 18.68 -3.59 -4.73
CA ILE B 100 17.73 -4.32 -3.88
C ILE B 100 16.41 -3.57 -3.82
N ALA B 101 16.46 -2.24 -3.78
CA ALA B 101 15.23 -1.45 -3.79
C ALA B 101 14.47 -1.62 -5.10
N LYS B 102 15.19 -1.58 -6.23
CA LYS B 102 14.54 -1.75 -7.53
C LYS B 102 13.95 -3.14 -7.69
N GLU B 103 14.56 -4.16 -7.07
CA GLU B 103 13.99 -5.49 -7.13
C GLU B 103 12.74 -5.59 -6.25
N ALA B 104 12.75 -4.92 -5.10
CA ALA B 104 11.54 -4.80 -4.30
C ALA B 104 10.50 -3.95 -5.00
N GLU B 105 10.91 -3.10 -5.94
CA GLU B 105 9.96 -2.35 -6.74
C GLU B 105 9.26 -3.26 -7.76
N LYS B 106 9.99 -4.21 -8.33
CA LYS B 106 9.39 -5.14 -9.27
C LYS B 106 8.42 -6.10 -8.60
N GLN B 107 8.58 -6.33 -7.29
CA GLN B 107 7.63 -7.14 -6.54
C GLN B 107 6.45 -6.28 -6.09
N GLY B 108 5.95 -6.52 -4.88
CA GLY B 108 4.83 -5.75 -4.37
C GLY B 108 5.09 -5.13 -3.01
N ASN B 109 6.31 -5.33 -2.49
CA ASN B 109 6.69 -4.82 -1.17
C ASN B 109 7.41 -3.49 -1.37
N VAL B 110 6.65 -2.40 -1.31
CA VAL B 110 7.25 -1.07 -1.37
C VAL B 110 7.81 -0.61 -0.04
N ASP B 111 7.49 -1.32 1.05
CA ASP B 111 8.02 -0.94 2.36
C ASP B 111 9.49 -1.28 2.48
N VAL B 112 9.86 -2.51 2.08
CA VAL B 112 11.27 -2.90 2.09
C VAL B 112 12.04 -2.17 0.99
N ALA B 113 11.36 -1.65 -0.02
CA ALA B 113 12.03 -0.85 -1.03
C ALA B 113 12.52 0.47 -0.43
N ALA B 114 11.72 1.07 0.45
CA ALA B 114 12.15 2.29 1.12
C ALA B 114 13.27 2.01 2.12
N LYS B 115 13.14 0.92 2.88
CA LYS B 115 14.22 0.55 3.81
C LYS B 115 15.53 0.33 3.06
N ALA B 116 15.46 -0.24 1.86
CA ALA B 116 16.64 -0.37 1.03
C ALA B 116 17.12 0.98 0.54
N ALA B 117 16.19 1.89 0.21
CA ALA B 117 16.58 3.24 -0.19
C ALA B 117 17.18 4.02 0.97
N GLN B 118 16.75 3.73 2.20
CA GLN B 118 17.36 4.36 3.36
C GLN B 118 18.81 3.88 3.54
N VAL B 119 19.06 2.59 3.30
CA VAL B 119 20.42 2.07 3.39
C VAL B 119 21.30 2.74 2.35
N ALA B 120 20.82 2.85 1.11
CA ALA B 120 21.60 3.50 0.06
C ALA B 120 21.88 4.94 0.39
N ALA B 121 20.92 5.64 1.00
CA ALA B 121 21.16 7.01 1.44
C ALA B 121 22.03 7.08 2.67
N GLU B 122 22.11 5.97 3.44
CA GLU B 122 22.99 5.96 4.60
C GLU B 122 24.44 5.79 4.21
N ALA B 123 24.70 4.97 3.18
CA ALA B 123 26.07 4.75 2.73
C ALA B 123 26.57 5.90 1.88
N ALA B 124 25.73 6.43 0.99
CA ALA B 124 26.16 7.52 0.12
C ALA B 124 26.38 8.82 0.90
N LYS B 125 25.65 9.00 2.00
CA LYS B 125 25.88 10.18 2.84
C LYS B 125 27.20 10.05 3.59
N GLN B 126 27.47 8.88 4.17
CA GLN B 126 28.72 8.69 4.91
C GLN B 126 29.93 8.74 3.99
N ALA B 127 29.80 8.23 2.75
CA ALA B 127 30.89 8.26 1.80
C ALA B 127 31.04 9.60 1.11
N GLY B 128 29.99 10.43 1.12
CA GLY B 128 30.06 11.73 0.48
C GLY B 128 30.03 11.69 -1.03
N ASP B 129 29.21 10.82 -1.60
CA ASP B 129 29.09 10.68 -3.05
C ASP B 129 27.86 11.47 -3.50
N LYS B 130 28.08 12.68 -4.01
CA LYS B 130 26.97 13.50 -4.49
C LYS B 130 26.22 12.82 -5.63
N ASP B 131 26.95 12.22 -6.57
CA ASP B 131 26.30 11.56 -7.71
C ASP B 131 25.42 10.41 -7.23
N MET B 132 25.86 9.67 -6.21
CA MET B 132 25.07 8.57 -5.69
C MET B 132 23.86 9.08 -4.89
N LEU B 133 24.01 10.23 -4.21
CA LEU B 133 22.94 10.73 -3.37
C LEU B 133 21.73 11.17 -4.20
N GLU B 134 21.98 11.89 -5.31
CA GLU B 134 20.88 12.32 -6.16
C GLU B 134 20.24 11.14 -6.89
N LYS B 135 21.02 10.08 -7.14
CA LYS B 135 20.43 8.87 -7.71
C LYS B 135 19.54 8.16 -6.70
N VAL B 136 19.93 8.19 -5.41
CA VAL B 136 19.07 7.65 -4.37
C VAL B 136 17.80 8.48 -4.25
N ALA B 137 17.94 9.81 -4.32
CA ALA B 137 16.77 10.68 -4.29
C ALA B 137 15.87 10.41 -5.49
N LYS B 138 16.46 10.13 -6.66
CA LYS B 138 15.66 9.81 -7.84
C LYS B 138 14.94 8.48 -7.66
N VAL B 139 15.57 7.52 -6.99
CA VAL B 139 14.91 6.24 -6.73
C VAL B 139 13.88 6.40 -5.63
N ALA B 140 14.18 7.20 -4.61
CA ALA B 140 13.22 7.40 -3.52
C ALA B 140 11.96 8.10 -4.01
N GLU B 141 12.08 9.00 -4.99
CA GLU B 141 10.88 9.57 -5.61
C GLU B 141 10.13 8.49 -6.39
N GLN B 142 10.86 7.62 -7.09
CA GLN B 142 10.23 6.56 -7.86
C GLN B 142 9.48 5.58 -6.97
N ILE B 143 9.97 5.37 -5.75
CA ILE B 143 9.24 4.53 -4.80
C ILE B 143 8.05 5.31 -4.23
N ALA B 144 8.21 6.61 -4.02
CA ALA B 144 7.11 7.43 -3.53
C ALA B 144 6.00 7.56 -4.57
N LYS B 145 6.36 7.53 -5.86
CA LYS B 145 5.34 7.57 -6.90
C LYS B 145 4.59 6.24 -6.98
N ALA B 146 5.31 5.12 -6.92
CA ALA B 146 4.65 3.82 -6.95
C ALA B 146 3.77 3.59 -5.73
N ALA B 147 4.16 4.13 -4.57
CA ALA B 147 3.33 4.01 -3.38
C ALA B 147 2.05 4.82 -3.50
N GLU B 148 2.08 5.90 -4.29
CA GLU B 148 0.87 6.67 -4.53
C GLU B 148 -0.11 5.89 -5.40
N LYS B 149 0.41 5.16 -6.40
CA LYS B 149 -0.47 4.32 -7.22
C LYS B 149 -0.98 3.13 -6.42
N GLU B 150 -0.13 2.55 -5.57
CA GLU B 150 -0.57 1.46 -4.70
C GLU B 150 -1.57 1.93 -3.66
N GLY B 151 -1.63 3.23 -3.38
CA GLY B 151 -2.53 3.76 -2.38
C GLY B 151 -2.01 3.66 -0.96
N ASP B 152 -0.72 3.37 -0.77
CA ASP B 152 -0.19 3.15 0.56
C ASP B 152 -0.10 4.45 1.36
N LYS B 153 0.58 5.45 0.81
CA LYS B 153 0.74 6.76 1.43
C LYS B 153 1.53 6.69 2.74
N LYS B 154 1.33 5.62 3.52
CA LYS B 154 2.13 5.43 4.73
C LYS B 154 3.61 5.36 4.39
N VAL B 155 3.96 4.73 3.27
CA VAL B 155 5.34 4.56 2.86
C VAL B 155 5.74 5.72 1.93
N SER B 156 4.75 6.27 1.21
CA SER B 156 5.03 7.39 0.30
C SER B 156 5.60 8.58 1.06
N ILE B 157 5.06 8.86 2.26
CA ILE B 157 5.63 9.91 3.09
C ILE B 157 7.03 9.52 3.56
N ASP B 158 7.23 8.25 3.90
CA ASP B 158 8.55 7.79 4.31
C ASP B 158 9.53 7.85 3.14
N ALA B 159 9.08 7.49 1.94
CA ALA B 159 9.96 7.50 0.78
C ALA B 159 10.38 8.91 0.40
N THR B 160 9.48 9.89 0.56
CA THR B 160 9.85 11.27 0.27
C THR B 160 10.80 11.82 1.32
N ARG B 161 10.74 11.32 2.56
CA ARG B 161 11.71 11.73 3.56
C ARG B 161 13.11 11.28 3.20
N ILE B 162 13.25 10.08 2.65
CA ILE B 162 14.56 9.61 2.20
C ILE B 162 15.03 10.42 1.01
N ALA B 163 14.11 10.75 0.09
CA ALA B 163 14.47 11.60 -1.03
C ALA B 163 14.91 12.98 -0.57
N LEU B 164 14.27 13.51 0.47
CA LEU B 164 14.67 14.80 1.02
C LEU B 164 16.00 14.70 1.76
N GLU B 165 16.19 13.61 2.52
CA GLU B 165 17.45 13.44 3.25
C GLU B 165 18.62 13.27 2.29
N ALA B 166 18.44 12.44 1.27
CA ALA B 166 19.51 12.25 0.29
C ALA B 166 19.78 13.54 -0.49
N SER B 167 18.71 14.28 -0.83
CA SER B 167 18.89 15.54 -1.55
C SER B 167 19.54 16.59 -0.67
N LEU B 168 19.17 16.63 0.61
CA LEU B 168 19.79 17.58 1.53
C LEU B 168 21.26 17.28 1.74
N ALA B 169 21.64 15.99 1.71
CA ALA B 169 23.05 15.64 1.85
C ALA B 169 23.86 16.12 0.67
N ALA B 170 23.34 15.95 -0.55
CA ALA B 170 24.03 16.44 -1.74
C ALA B 170 24.14 17.96 -1.73
N LEU B 171 23.15 18.66 -1.19
CA LEU B 171 23.24 20.10 -1.05
C LEU B 171 24.35 20.51 -0.09
N GLU B 172 24.58 19.71 0.95
CA GLU B 172 25.66 20.00 1.90
C GLU B 172 27.03 19.78 1.26
N ILE B 173 27.12 18.87 0.29
CA ILE B 173 28.40 18.64 -0.40
C ILE B 173 28.72 19.81 -1.31
N ILE B 174 27.71 20.38 -1.96
CA ILE B 174 27.93 21.50 -2.87
C ILE B 174 28.29 22.77 -2.09
N LEU B 175 27.64 22.97 -0.93
CA LEU B 175 28.00 24.10 -0.08
C LEU B 175 29.46 24.04 0.34
N GLU B 176 29.99 22.83 0.56
CA GLU B 176 31.41 22.70 0.85
C GLU B 176 32.26 23.07 -0.36
N GLU B 177 31.85 22.61 -1.54
CA GLU B 177 32.53 23.03 -2.77
C GLU B 177 32.38 24.53 -2.99
N LEU B 178 31.28 25.12 -2.51
CA LEU B 178 31.11 26.57 -2.62
C LEU B 178 32.05 27.31 -1.69
N LYS B 179 32.31 26.77 -0.51
CA LYS B 179 33.19 27.44 0.44
C LYS B 179 34.66 27.25 0.09
N GLU B 180 35.01 26.14 -0.58
CA GLU B 180 36.38 25.99 -1.05
C GLU B 180 36.66 26.82 -2.31
N MET B 181 35.63 27.16 -3.07
CA MET B 181 35.80 28.09 -4.18
C MET B 181 35.91 29.53 -3.69
N LEU B 182 35.16 29.88 -2.66
CA LEU B 182 35.35 31.17 -2.00
C LEU B 182 36.72 31.25 -1.34
N GLU B 183 37.24 30.11 -0.86
CA GLU B 183 38.58 30.09 -0.30
C GLU B 183 39.63 30.45 -1.35
N ARG B 184 39.44 29.96 -2.58
CA ARG B 184 40.36 30.28 -3.66
C ARG B 184 40.20 31.71 -4.18
N LEU B 185 39.01 32.30 -4.01
CA LEU B 185 38.82 33.68 -4.43
C LEU B 185 39.40 34.67 -3.42
N GLU B 186 39.42 34.30 -2.14
CA GLU B 186 40.06 35.14 -1.13
C GLU B 186 41.57 35.18 -1.32
N LYS B 187 42.18 34.03 -1.58
CA LYS B 187 43.62 33.97 -1.83
C LYS B 187 43.98 34.41 -3.24
N ASN B 188 43.03 34.44 -4.16
CA ASN B 188 43.29 34.78 -5.56
C ASN B 188 42.10 35.53 -6.13
N PRO B 189 41.94 36.82 -5.81
CA PRO B 189 40.88 37.63 -6.42
C PRO B 189 41.16 37.89 -7.89
N ASP B 190 40.38 37.26 -8.76
CA ASP B 190 40.63 37.33 -10.20
C ASP B 190 39.37 36.89 -10.93
N LYS B 191 39.34 37.14 -12.24
CA LYS B 191 38.30 36.61 -13.09
C LYS B 191 38.72 35.23 -13.60
N ASP B 192 37.84 34.60 -14.40
CA ASP B 192 37.97 33.22 -14.85
C ASP B 192 37.75 32.26 -13.67
N VAL B 193 38.12 32.68 -12.47
CA VAL B 193 37.79 31.93 -11.26
C VAL B 193 36.56 32.55 -10.62
N ILE B 194 36.32 33.84 -10.89
CA ILE B 194 35.11 34.48 -10.39
C ILE B 194 33.88 34.00 -11.15
N VAL B 195 34.06 33.52 -12.38
CA VAL B 195 32.95 32.94 -13.12
C VAL B 195 32.70 31.49 -12.71
N LYS B 196 33.74 30.79 -12.21
CA LYS B 196 33.52 29.47 -11.65
C LYS B 196 32.77 29.54 -10.32
N VAL B 197 33.00 30.61 -9.56
CA VAL B 197 32.23 30.81 -8.33
C VAL B 197 30.76 31.03 -8.68
N LEU B 198 30.49 31.77 -9.74
CA LEU B 198 29.10 32.03 -10.12
C LEU B 198 28.43 30.78 -10.67
N LYS B 199 29.17 29.92 -11.35
CA LYS B 199 28.57 28.66 -11.81
C LYS B 199 28.33 27.69 -10.67
N VAL B 200 29.06 27.84 -9.56
CA VAL B 200 28.82 27.00 -8.38
C VAL B 200 27.65 27.52 -7.57
N ILE B 201 27.53 28.85 -7.45
CA ILE B 201 26.39 29.43 -6.75
C ILE B 201 25.09 29.05 -7.43
N VAL B 202 25.07 29.11 -8.77
CA VAL B 202 23.89 28.69 -9.52
C VAL B 202 23.62 27.21 -9.30
N LYS B 203 24.67 26.38 -9.32
CA LYS B 203 24.47 24.95 -9.10
C LYS B 203 24.02 24.68 -7.66
N ALA B 204 24.53 25.46 -6.70
CA ALA B 204 24.09 25.31 -5.31
C ALA B 204 22.63 25.73 -5.16
N ILE B 205 22.25 26.83 -5.82
CA ILE B 205 20.85 27.26 -5.79
C ILE B 205 19.97 26.22 -6.49
N GLU B 206 20.42 25.72 -7.64
CA GLU B 206 19.67 24.69 -8.35
C GLU B 206 19.46 23.46 -7.48
N ALA B 207 20.49 23.06 -6.73
CA ALA B 207 20.34 21.96 -5.78
C ALA B 207 19.47 22.37 -4.59
N SER B 208 19.38 23.67 -4.30
CA SER B 208 18.50 24.13 -3.23
C SER B 208 17.04 24.16 -3.68
N VAL B 209 16.80 24.51 -4.95
CA VAL B 209 15.44 24.51 -5.46
C VAL B 209 14.88 23.09 -5.53
N LYS B 210 15.71 22.13 -5.96
CA LYS B 210 15.29 20.73 -5.95
C LYS B 210 14.95 20.26 -4.54
N ASN B 211 15.70 20.74 -3.55
CA ASN B 211 15.42 20.36 -2.17
C ASN B 211 14.08 20.91 -1.72
N GLN B 212 13.84 22.21 -1.95
CA GLN B 212 12.57 22.82 -1.56
C GLN B 212 11.41 22.22 -2.35
N LYS B 213 11.66 21.79 -3.59
CA LYS B 213 10.62 21.14 -4.38
C LYS B 213 10.27 19.77 -3.80
N ILE B 214 11.27 19.04 -3.28
CA ILE B 214 11.00 17.76 -2.65
C ILE B 214 10.29 17.96 -1.31
N SER B 215 10.76 18.93 -0.52
CA SER B 215 10.16 19.15 0.79
C SER B 215 8.73 19.67 0.67
N ALA B 216 8.40 20.30 -0.45
CA ALA B 216 7.04 20.79 -0.67
C ALA B 216 6.08 19.63 -0.90
N LYS B 217 6.50 18.60 -1.64
CA LYS B 217 5.62 17.46 -1.88
C LYS B 217 5.39 16.65 -0.62
N ASN B 218 6.38 16.61 0.28
CA ASN B 218 6.20 15.87 1.52
C ASN B 218 5.19 16.54 2.44
N GLN B 219 5.18 17.88 2.45
CA GLN B 219 4.14 18.59 3.18
C GLN B 219 2.78 18.38 2.55
N LYS B 220 2.73 18.25 1.22
CA LYS B 220 1.48 17.92 0.54
C LYS B 220 0.95 16.57 1.00
N ALA B 221 1.82 15.56 1.05
CA ALA B 221 1.40 14.24 1.51
C ALA B 221 1.04 14.26 2.99
N LEU B 222 1.72 15.07 3.79
CA LEU B 222 1.38 15.18 5.21
C LEU B 222 0.09 15.97 5.41
N ALA B 223 -0.25 16.85 4.47
CA ALA B 223 -1.49 17.63 4.61
C ALA B 223 -2.72 16.79 4.34
N GLU B 224 -2.64 15.87 3.38
CA GLU B 224 -3.77 14.98 3.10
C GLU B 224 -3.97 13.99 4.24
N LEU B 225 -2.89 13.53 4.85
CA LEU B 225 -2.99 12.63 5.99
C LEU B 225 -3.43 13.40 7.22
N ALA B 226 -4.11 12.70 8.13
CA ALA B 226 -4.64 13.30 9.35
C ALA B 226 -3.53 13.87 10.24
N ALA C 1 -11.30 17.42 -35.24
CA ALA C 1 -12.18 18.51 -34.84
C ALA C 1 -13.40 18.62 -35.77
N LEU C 2 -14.45 17.87 -35.44
CA LEU C 2 -15.65 17.84 -36.27
C LEU C 2 -16.92 17.85 -35.43
N GLU C 3 -17.66 16.74 -35.40
CA GLU C 3 -18.91 16.69 -34.67
C GLU C 3 -18.71 16.68 -33.16
N LYS C 4 -17.51 16.32 -32.69
CA LYS C 4 -17.21 16.44 -31.27
C LYS C 4 -17.24 17.89 -30.83
N ASP C 5 -16.94 18.82 -31.74
CA ASP C 5 -17.10 20.24 -31.45
C ASP C 5 -18.57 20.62 -31.42
N ARG C 6 -19.39 19.98 -32.26
CA ARG C 6 -20.82 20.29 -32.29
C ARG C 6 -21.46 20.04 -30.94
N ARG C 7 -21.14 18.92 -30.30
CA ARG C 7 -21.68 18.64 -28.97
C ARG C 7 -21.14 19.59 -27.92
N ALA C 8 -19.98 20.20 -28.17
CA ALA C 8 -19.38 21.22 -27.32
C ALA C 8 -19.97 22.61 -27.60
N LEU C 9 -20.24 22.92 -28.88
CA LEU C 9 -20.79 24.23 -29.21
C LEU C 9 -22.26 24.33 -28.84
N GLU C 10 -23.00 23.22 -28.93
CA GLU C 10 -24.40 23.24 -28.51
C GLU C 10 -24.54 23.49 -27.01
N ALA C 11 -23.54 23.06 -26.22
CA ALA C 11 -23.56 23.35 -24.79
C ALA C 11 -23.21 24.80 -24.51
N LEU C 12 -22.34 25.40 -25.33
CA LEU C 12 -22.02 26.82 -25.17
C LEU C 12 -23.25 27.68 -25.42
N LYS C 13 -23.94 27.45 -26.53
CA LYS C 13 -25.15 28.22 -26.81
C LYS C 13 -26.24 27.93 -25.77
N ARG C 14 -26.27 26.71 -25.25
CA ARG C 14 -27.19 26.43 -24.14
C ARG C 14 -26.73 27.14 -22.87
N ALA C 15 -25.44 27.40 -22.74
CA ALA C 15 -24.89 28.22 -21.66
C ALA C 15 -24.99 29.70 -21.95
N GLN C 16 -24.88 30.12 -23.22
CA GLN C 16 -25.05 31.53 -23.55
C GLN C 16 -26.46 31.99 -23.27
N GLU C 17 -27.45 31.18 -23.65
CA GLU C 17 -28.82 31.45 -23.26
C GLU C 17 -29.03 31.29 -21.76
N ALA C 18 -28.11 30.65 -21.06
CA ALA C 18 -28.21 30.54 -19.61
C ALA C 18 -27.52 31.73 -18.96
N GLU C 19 -27.64 32.90 -19.60
CA GLU C 19 -27.15 34.17 -19.07
C GLU C 19 -28.14 35.32 -19.25
N LYS C 20 -28.93 35.34 -20.32
CA LYS C 20 -30.00 36.34 -20.43
C LYS C 20 -31.04 36.12 -19.35
N LYS C 21 -31.52 34.88 -19.21
CA LYS C 21 -32.44 34.52 -18.14
C LYS C 21 -31.76 34.46 -16.78
N GLY C 22 -30.43 34.47 -16.75
CA GLY C 22 -29.70 34.26 -15.51
C GLY C 22 -29.39 32.79 -15.34
N ASP C 23 -29.61 32.27 -14.13
CA ASP C 23 -29.41 30.86 -13.82
C ASP C 23 -27.97 30.42 -14.14
N VAL C 24 -27.05 30.88 -13.27
CA VAL C 24 -25.65 30.56 -13.45
C VAL C 24 -25.33 29.12 -13.06
N GLU C 25 -26.14 28.51 -12.20
CA GLU C 25 -25.88 27.12 -11.81
C GLU C 25 -26.16 26.15 -12.97
N GLU C 26 -27.01 26.55 -13.92
CA GLU C 26 -27.21 25.76 -15.13
C GLU C 26 -26.26 26.16 -16.25
N ALA C 27 -25.75 27.39 -16.22
CA ALA C 27 -24.75 27.82 -17.20
C ALA C 27 -23.43 27.08 -17.00
N VAL C 28 -23.08 26.77 -15.75
CA VAL C 28 -21.82 26.07 -15.51
C VAL C 28 -21.94 24.60 -15.85
N ARG C 29 -23.08 23.98 -15.55
CA ARG C 29 -23.28 22.58 -15.93
C ARG C 29 -23.33 22.43 -17.45
N ALA C 30 -23.82 23.44 -18.16
CA ALA C 30 -23.70 23.44 -19.60
C ALA C 30 -22.25 23.64 -20.03
N ALA C 31 -21.52 24.51 -19.31
CA ALA C 31 -20.10 24.68 -19.58
C ALA C 31 -19.32 23.42 -19.23
N GLN C 32 -19.74 22.69 -18.20
CA GLN C 32 -19.08 21.44 -17.85
C GLN C 32 -19.26 20.41 -18.96
N GLU C 33 -20.45 20.34 -19.56
CA GLU C 33 -20.66 19.50 -20.73
C GLU C 33 -19.91 20.06 -21.94
N ALA C 34 -19.74 21.38 -22.00
CA ALA C 34 -18.98 21.98 -23.09
C ALA C 34 -17.50 21.63 -22.98
N VAL C 35 -16.91 21.82 -21.80
CA VAL C 35 -15.49 21.54 -21.63
C VAL C 35 -15.22 20.04 -21.70
N ARG C 36 -16.22 19.22 -21.37
CA ARG C 36 -16.05 17.78 -21.49
C ARG C 36 -15.92 17.37 -22.96
N ALA C 37 -16.83 17.87 -23.80
CA ALA C 37 -16.74 17.60 -25.23
C ALA C 37 -15.61 18.38 -25.89
N ALA C 38 -15.18 19.49 -25.29
CA ALA C 38 -14.06 20.24 -25.85
C ALA C 38 -12.73 19.52 -25.60
N LYS C 39 -12.53 19.05 -24.37
CA LYS C 39 -11.36 18.23 -24.07
C LYS C 39 -11.39 16.93 -24.86
N GLU C 40 -12.58 16.32 -24.97
CA GLU C 40 -12.76 15.17 -25.85
C GLU C 40 -12.45 15.52 -27.30
N SER C 41 -12.69 16.77 -27.69
CA SER C 41 -12.41 17.17 -29.07
C SER C 41 -10.91 17.34 -29.30
N GLY C 42 -10.24 18.07 -28.40
CA GLY C 42 -8.85 18.42 -28.62
C GLY C 42 -8.63 19.57 -29.55
N ALA C 43 -9.70 20.28 -29.95
CA ALA C 43 -9.58 21.42 -30.86
C ALA C 43 -9.09 22.62 -30.08
N SER C 44 -7.86 23.06 -30.39
CA SER C 44 -7.28 24.18 -29.66
C SER C 44 -8.05 25.48 -29.87
N TRP C 45 -8.80 25.59 -30.96
CA TRP C 45 -9.62 26.78 -31.17
C TRP C 45 -10.94 26.71 -30.39
N ILE C 46 -11.49 25.51 -30.23
CA ILE C 46 -12.69 25.35 -29.42
C ILE C 46 -12.39 25.57 -27.94
N LEU C 47 -11.22 25.09 -27.49
CA LEU C 47 -10.85 25.27 -26.09
C LEU C 47 -10.74 26.75 -25.72
N ARG C 48 -10.40 27.60 -26.68
CA ARG C 48 -10.38 29.04 -26.42
C ARG C 48 -11.80 29.58 -26.19
N LEU C 49 -12.79 29.02 -26.87
CA LEU C 49 -14.16 29.51 -26.72
C LEU C 49 -14.74 29.11 -25.37
N VAL C 50 -14.70 27.82 -25.04
CA VAL C 50 -15.26 27.34 -23.78
C VAL C 50 -14.54 27.97 -22.59
N ALA C 51 -13.25 28.28 -22.74
CA ALA C 51 -12.52 28.95 -21.68
C ALA C 51 -13.06 30.36 -21.45
N GLU C 52 -12.96 31.22 -22.47
CA GLU C 52 -13.41 32.60 -22.33
C GLU C 52 -14.90 32.68 -22.03
N GLN C 53 -15.70 31.72 -22.53
CA GLN C 53 -17.11 31.70 -22.20
C GLN C 53 -17.33 31.39 -20.72
N ALA C 54 -16.49 30.52 -20.15
CA ALA C 54 -16.58 30.24 -18.72
C ALA C 54 -16.19 31.45 -17.89
N LEU C 55 -15.33 32.32 -18.42
CA LEU C 55 -15.04 33.58 -17.74
C LEU C 55 -16.28 34.46 -17.68
N ARG C 56 -17.02 34.54 -18.79
CA ARG C 56 -18.26 35.30 -18.80
C ARG C 56 -19.25 34.76 -17.78
N ILE C 57 -19.36 33.44 -17.68
CA ILE C 57 -20.23 32.82 -16.69
C ILE C 57 -19.70 33.10 -15.28
N ALA C 58 -18.37 33.13 -15.13
CA ALA C 58 -17.80 33.42 -13.81
C ALA C 58 -17.98 34.88 -13.43
N LYS C 59 -17.89 35.79 -14.41
CA LYS C 59 -18.13 37.20 -14.15
C LYS C 59 -19.61 37.47 -13.87
N GLU C 60 -20.51 36.67 -14.44
CA GLU C 60 -21.92 36.79 -14.09
C GLU C 60 -22.15 36.50 -12.61
N ALA C 61 -21.41 35.53 -12.06
CA ALA C 61 -21.53 35.22 -10.64
C ALA C 61 -20.88 36.29 -9.77
N GLU C 62 -19.96 37.08 -10.31
CA GLU C 62 -19.35 38.15 -9.54
C GLU C 62 -20.39 39.18 -9.11
N LYS C 63 -21.33 39.50 -10.00
CA LYS C 63 -22.37 40.48 -9.67
C LYS C 63 -23.46 39.89 -8.78
N GLN C 64 -23.89 38.67 -9.08
CA GLN C 64 -24.97 38.04 -8.33
C GLN C 64 -24.50 37.45 -7.00
N GLY C 65 -23.23 37.59 -6.66
CA GLY C 65 -22.73 36.97 -5.45
C GLY C 65 -22.66 35.45 -5.62
N ASN C 66 -22.71 34.75 -4.49
CA ASN C 66 -22.61 33.30 -4.45
C ASN C 66 -21.35 32.84 -5.17
N VAL C 67 -20.20 32.98 -4.51
CA VAL C 67 -18.93 32.60 -5.10
C VAL C 67 -18.80 31.10 -5.29
N GLU C 68 -19.76 30.32 -4.80
CA GLU C 68 -19.74 28.87 -5.00
C GLU C 68 -19.71 28.53 -6.49
N VAL C 69 -20.63 29.10 -7.26
CA VAL C 69 -20.69 28.81 -8.70
C VAL C 69 -19.50 29.40 -9.44
N ALA C 70 -18.99 30.54 -8.96
CA ALA C 70 -17.90 31.21 -9.65
C ALA C 70 -16.61 30.38 -9.64
N VAL C 71 -16.43 29.53 -8.63
CA VAL C 71 -15.25 28.67 -8.59
C VAL C 71 -15.39 27.53 -9.59
N LYS C 72 -16.57 26.88 -9.62
CA LYS C 72 -16.79 25.85 -10.63
C LYS C 72 -16.71 26.41 -12.04
N ALA C 73 -17.07 27.69 -12.21
CA ALA C 73 -16.90 28.33 -13.52
C ALA C 73 -15.43 28.60 -13.81
N ALA C 74 -14.67 28.98 -12.78
CA ALA C 74 -13.24 29.22 -12.97
C ALA C 74 -12.48 27.92 -13.20
N ARG C 75 -12.93 26.82 -12.61
CA ARG C 75 -12.30 25.54 -12.86
C ARG C 75 -12.49 25.11 -14.31
N VAL C 76 -13.73 25.21 -14.82
CA VAL C 76 -13.98 24.92 -16.22
C VAL C 76 -13.20 25.88 -17.12
N ALA C 77 -13.03 27.13 -16.70
CA ALA C 77 -12.25 28.07 -17.48
C ALA C 77 -10.77 27.69 -17.49
N VAL C 78 -10.23 27.29 -16.34
CA VAL C 78 -8.81 26.97 -16.27
C VAL C 78 -8.54 25.58 -16.85
N GLU C 79 -9.51 24.68 -16.82
CA GLU C 79 -9.32 23.37 -17.43
C GLU C 79 -9.27 23.47 -18.95
N ALA C 80 -10.02 24.41 -19.53
CA ALA C 80 -10.02 24.57 -20.98
C ALA C 80 -8.81 25.34 -21.46
N ALA C 81 -8.44 26.42 -20.75
CA ALA C 81 -7.27 27.20 -21.14
C ALA C 81 -5.97 26.46 -20.90
N LYS C 82 -5.95 25.49 -19.97
CA LYS C 82 -4.74 24.73 -19.71
C LYS C 82 -4.40 23.80 -20.87
N GLN C 83 -5.41 23.11 -21.41
CA GLN C 83 -5.19 22.24 -22.56
C GLN C 83 -5.12 23.00 -23.88
N ALA C 84 -5.54 24.27 -23.90
CA ALA C 84 -5.50 25.02 -25.16
C ALA C 84 -4.09 25.49 -25.49
N GLY C 85 -3.37 26.00 -24.49
CA GLY C 85 -2.04 26.52 -24.72
C GLY C 85 -1.99 28.01 -24.96
N ASP C 86 -2.99 28.76 -24.50
CA ASP C 86 -3.05 30.19 -24.67
C ASP C 86 -2.69 30.85 -23.34
N ASN C 87 -1.51 31.46 -23.28
CA ASN C 87 -1.05 32.06 -22.03
C ASN C 87 -1.86 33.29 -21.66
N ASP C 88 -2.34 34.05 -22.65
CA ASP C 88 -3.10 35.25 -22.35
C ASP C 88 -4.47 34.93 -21.79
N VAL C 89 -5.05 33.79 -22.17
CA VAL C 89 -6.29 33.36 -21.53
C VAL C 89 -6.01 32.77 -20.17
N LEU C 90 -4.90 32.02 -20.03
CA LEU C 90 -4.49 31.55 -18.71
C LEU C 90 -4.22 32.73 -17.77
N ARG C 91 -3.57 33.77 -18.30
CA ARG C 91 -3.33 34.97 -17.50
C ARG C 91 -4.63 35.65 -17.11
N LYS C 92 -5.65 35.56 -17.97
CA LYS C 92 -6.94 36.18 -17.65
C LYS C 92 -7.72 35.36 -16.63
N VAL C 93 -7.54 34.04 -16.64
CA VAL C 93 -8.21 33.18 -15.67
C VAL C 93 -7.65 33.42 -14.28
N ALA C 94 -6.33 33.63 -14.17
CA ALA C 94 -5.71 33.82 -12.86
C ALA C 94 -6.23 35.09 -12.20
N GLU C 95 -6.22 36.21 -12.93
CA GLU C 95 -6.69 37.46 -12.35
C GLU C 95 -8.15 37.37 -11.93
N GLN C 96 -8.96 36.62 -12.69
CA GLN C 96 -10.36 36.45 -12.32
C GLN C 96 -10.51 35.55 -11.10
N ALA C 97 -9.71 34.47 -11.02
CA ALA C 97 -9.79 33.58 -9.87
C ALA C 97 -9.33 34.27 -8.60
N LEU C 98 -8.40 35.23 -8.71
CA LEU C 98 -8.01 36.01 -7.55
C LEU C 98 -9.13 36.94 -7.11
N ARG C 99 -9.92 37.46 -8.05
CA ARG C 99 -11.07 38.27 -7.68
C ARG C 99 -12.08 37.45 -6.89
N ILE C 100 -12.35 36.23 -7.33
CA ILE C 100 -13.31 35.37 -6.63
C ILE C 100 -12.78 35.02 -5.23
N ALA C 101 -11.47 34.79 -5.11
CA ALA C 101 -10.91 34.39 -3.82
C ALA C 101 -11.00 35.53 -2.80
N LYS C 102 -10.69 36.76 -3.22
CA LYS C 102 -10.81 37.89 -2.32
C LYS C 102 -12.28 38.16 -1.99
N GLU C 103 -13.17 38.01 -2.97
CA GLU C 103 -14.59 38.19 -2.71
C GLU C 103 -15.11 37.09 -1.77
N ALA C 104 -14.67 35.86 -1.97
CA ALA C 104 -15.03 34.77 -1.06
C ALA C 104 -14.41 34.98 0.32
N GLU C 105 -13.30 35.73 0.39
CA GLU C 105 -12.75 36.09 1.69
C GLU C 105 -13.66 37.11 2.39
N LYS C 106 -14.26 38.02 1.62
CA LYS C 106 -15.22 38.96 2.21
C LYS C 106 -16.52 38.27 2.58
N GLN C 107 -16.96 37.32 1.77
CA GLN C 107 -18.18 36.57 2.07
C GLN C 107 -18.04 35.73 3.33
N GLY C 108 -16.81 35.42 3.74
CA GLY C 108 -16.55 34.58 4.88
C GLY C 108 -16.30 33.12 4.54
N ASN C 109 -16.55 32.72 3.30
CA ASN C 109 -16.34 31.34 2.87
C ASN C 109 -14.87 31.18 2.49
N VAL C 110 -14.06 30.81 3.49
CA VAL C 110 -12.63 30.65 3.25
C VAL C 110 -12.36 29.38 2.44
N ASP C 111 -13.23 28.36 2.56
CA ASP C 111 -13.05 27.13 1.80
C ASP C 111 -13.16 27.39 0.31
N VAL C 112 -14.17 28.15 -0.10
CA VAL C 112 -14.28 28.54 -1.50
C VAL C 112 -13.15 29.47 -1.89
N ALA C 113 -12.74 30.35 -0.98
CA ALA C 113 -11.62 31.26 -1.26
C ALA C 113 -10.34 30.48 -1.52
N ALA C 114 -10.11 29.41 -0.77
CA ALA C 114 -8.96 28.56 -1.02
C ALA C 114 -9.09 27.80 -2.34
N LYS C 115 -10.32 27.43 -2.73
CA LYS C 115 -10.51 26.74 -3.99
C LYS C 115 -10.25 27.67 -5.18
N ALA C 116 -10.60 28.95 -5.05
CA ALA C 116 -10.36 29.91 -6.11
C ALA C 116 -8.89 30.28 -6.24
N ALA C 117 -8.16 30.32 -5.11
CA ALA C 117 -6.74 30.61 -5.18
C ALA C 117 -5.98 29.46 -5.84
N GLN C 118 -6.42 28.22 -5.62
CA GLN C 118 -5.81 27.10 -6.33
C GLN C 118 -5.97 27.24 -7.83
N VAL C 119 -7.12 27.76 -8.27
CA VAL C 119 -7.34 28.02 -9.69
C VAL C 119 -6.37 29.08 -10.19
N ALA C 120 -6.19 30.15 -9.41
CA ALA C 120 -5.27 31.22 -9.82
C ALA C 120 -3.83 30.72 -9.80
N ALA C 121 -3.47 29.89 -8.83
CA ALA C 121 -2.11 29.36 -8.77
C ALA C 121 -1.84 28.40 -9.91
N GLU C 122 -2.82 27.56 -10.26
CA GLU C 122 -2.64 26.64 -11.37
C GLU C 122 -2.56 27.37 -12.71
N ALA C 123 -3.40 28.40 -12.89
CA ALA C 123 -3.39 29.15 -14.14
C ALA C 123 -2.11 29.96 -14.30
N ALA C 124 -1.64 30.59 -13.22
CA ALA C 124 -0.43 31.39 -13.30
C ALA C 124 0.81 30.52 -13.51
N LYS C 125 0.80 29.32 -12.91
CA LYS C 125 1.92 28.41 -13.10
C LYS C 125 1.98 27.93 -14.54
N GLN C 126 0.83 27.59 -15.13
CA GLN C 126 0.81 27.09 -16.50
C GLN C 126 1.27 28.16 -17.49
N ALA C 127 1.03 29.44 -17.18
CA ALA C 127 1.41 30.52 -18.08
C ALA C 127 2.83 31.04 -17.82
N GLY C 128 3.42 30.72 -16.68
CA GLY C 128 4.75 31.19 -16.38
C GLY C 128 4.84 32.65 -16.00
N ASP C 129 3.90 33.13 -15.18
CA ASP C 129 3.85 34.52 -14.75
C ASP C 129 4.29 34.56 -13.29
N LYS C 130 5.55 34.97 -13.06
CA LYS C 130 6.04 35.04 -11.69
C LYS C 130 5.38 36.17 -10.92
N ASP C 131 4.99 37.25 -11.61
CA ASP C 131 4.33 38.36 -10.92
C ASP C 131 2.94 37.96 -10.45
N MET C 132 2.19 37.20 -11.26
CA MET C 132 0.90 36.70 -10.82
C MET C 132 1.05 35.64 -9.75
N LEU C 133 2.08 34.79 -9.87
CA LEU C 133 2.30 33.75 -8.87
C LEU C 133 2.64 34.35 -7.51
N GLU C 134 3.44 35.42 -7.49
CA GLU C 134 3.72 36.08 -6.22
C GLU C 134 2.47 36.69 -5.63
N LYS C 135 1.56 37.19 -6.47
CA LYS C 135 0.30 37.73 -5.98
C LYS C 135 -0.58 36.63 -5.40
N VAL C 136 -0.61 35.47 -6.05
CA VAL C 136 -1.40 34.34 -5.53
C VAL C 136 -0.86 33.88 -4.19
N ALA C 137 0.45 33.97 -3.99
CA ALA C 137 1.04 33.52 -2.73
C ALA C 137 0.60 34.42 -1.57
N LYS C 138 0.56 35.74 -1.78
CA LYS C 138 0.16 36.64 -0.71
C LYS C 138 -1.35 36.58 -0.46
N VAL C 139 -2.15 36.27 -1.48
CA VAL C 139 -3.58 36.12 -1.29
C VAL C 139 -3.88 34.82 -0.56
N ALA C 140 -3.19 33.74 -0.94
CA ALA C 140 -3.36 32.47 -0.22
C ALA C 140 -2.89 32.59 1.22
N GLU C 141 -1.89 33.43 1.48
CA GLU C 141 -1.54 33.74 2.87
C GLU C 141 -2.65 34.56 3.53
N GLN C 142 -3.26 35.48 2.78
CA GLN C 142 -4.35 36.28 3.32
C GLN C 142 -5.53 35.41 3.73
N ILE C 143 -5.83 34.38 2.93
CA ILE C 143 -6.91 33.46 3.26
C ILE C 143 -6.57 32.66 4.50
N ALA C 144 -5.32 32.21 4.62
CA ALA C 144 -4.90 31.43 5.77
C ALA C 144 -4.90 32.27 7.04
N LYS C 145 -4.57 33.56 6.93
CA LYS C 145 -4.65 34.45 8.09
C LYS C 145 -6.09 34.62 8.54
N ALA C 146 -7.03 34.69 7.58
CA ALA C 146 -8.44 34.78 7.93
C ALA C 146 -9.00 33.44 8.39
N ALA C 147 -8.52 32.34 7.83
CA ALA C 147 -8.98 31.02 8.26
C ALA C 147 -8.57 30.74 9.70
N GLU C 148 -7.38 31.21 10.09
CA GLU C 148 -6.97 31.06 11.49
C GLU C 148 -7.97 31.71 12.43
N LYS C 149 -8.55 32.84 12.02
CA LYS C 149 -9.56 33.50 12.85
C LYS C 149 -10.86 32.72 12.87
N GLU C 150 -11.33 32.28 11.69
CA GLU C 150 -12.63 31.63 11.61
C GLU C 150 -12.62 30.18 12.12
N GLY C 151 -11.45 29.56 12.23
CA GLY C 151 -11.38 28.15 12.54
C GLY C 151 -11.22 27.32 11.30
N ASP C 152 -11.74 26.09 11.32
CA ASP C 152 -11.61 25.15 10.21
C ASP C 152 -10.15 25.05 9.75
N LYS C 153 -9.37 24.35 10.59
CA LYS C 153 -7.94 24.25 10.36
C LYS C 153 -7.60 23.55 9.06
N LYS C 154 -8.54 22.78 8.49
CA LYS C 154 -8.29 22.13 7.20
C LYS C 154 -8.09 23.16 6.10
N VAL C 155 -8.86 24.26 6.15
CA VAL C 155 -8.71 25.32 5.15
C VAL C 155 -7.39 26.05 5.37
N SER C 156 -7.01 26.28 6.63
CA SER C 156 -5.79 27.04 6.91
C SER C 156 -4.55 26.31 6.42
N ILE C 157 -4.49 24.99 6.64
CA ILE C 157 -3.36 24.23 6.09
C ILE C 157 -3.45 24.11 4.59
N ASP C 158 -4.66 24.21 4.02
CA ASP C 158 -4.80 24.12 2.57
C ASP C 158 -4.44 25.42 1.88
N ALA C 159 -4.67 26.57 2.53
CA ALA C 159 -4.27 27.84 1.95
C ALA C 159 -2.75 27.99 1.99
N THR C 160 -2.12 27.61 3.10
CA THR C 160 -0.66 27.67 3.19
C THR C 160 0.00 26.71 2.21
N ARG C 161 -0.61 25.54 1.98
CA ARG C 161 -0.11 24.64 0.95
C ARG C 161 -0.17 25.28 -0.42
N ILE C 162 -1.27 25.97 -0.74
CA ILE C 162 -1.40 26.64 -2.03
C ILE C 162 -0.43 27.81 -2.12
N ALA C 163 -0.25 28.55 -1.02
CA ALA C 163 0.73 29.62 -1.01
C ALA C 163 2.15 29.09 -1.20
N LEU C 164 2.38 27.83 -0.81
CA LEU C 164 3.70 27.23 -0.99
C LEU C 164 3.91 26.80 -2.45
N GLU C 165 2.89 26.21 -3.07
CA GLU C 165 3.03 25.77 -4.45
C GLU C 165 3.22 26.95 -5.40
N ALA C 166 2.58 28.08 -5.10
CA ALA C 166 2.72 29.26 -5.95
C ALA C 166 4.08 29.91 -5.79
N SER C 167 4.55 30.04 -4.55
CA SER C 167 5.87 30.63 -4.32
C SER C 167 6.97 29.73 -4.83
N LEU C 168 6.79 28.40 -4.70
CA LEU C 168 7.74 27.47 -5.27
C LEU C 168 7.78 27.57 -6.79
N ALA C 169 6.62 27.80 -7.41
CA ALA C 169 6.57 27.96 -8.86
C ALA C 169 7.26 29.25 -9.29
N ALA C 170 7.17 30.30 -8.47
CA ALA C 170 7.86 31.54 -8.80
C ALA C 170 9.36 31.42 -8.59
N LEU C 171 9.77 30.59 -7.64
CA LEU C 171 11.20 30.38 -7.41
C LEU C 171 11.85 29.61 -8.55
N GLU C 172 11.13 28.62 -9.10
CA GLU C 172 11.65 27.89 -10.25
C GLU C 172 11.75 28.78 -11.49
N ILE C 173 10.82 29.72 -11.65
CA ILE C 173 10.87 30.63 -12.79
C ILE C 173 12.07 31.56 -12.67
N ILE C 174 12.34 32.07 -11.46
CA ILE C 174 13.52 32.89 -11.24
C ILE C 174 14.78 32.06 -11.40
N LEU C 175 14.73 30.77 -11.04
CA LEU C 175 15.88 29.89 -11.26
C LEU C 175 16.17 29.74 -12.75
N GLU C 176 15.13 29.53 -13.56
CA GLU C 176 15.33 29.43 -15.00
C GLU C 176 15.84 30.75 -15.58
N GLU C 177 15.35 31.88 -15.06
CA GLU C 177 15.90 33.17 -15.45
C GLU C 177 17.32 33.34 -14.95
N LEU C 178 17.73 32.61 -13.92
CA LEU C 178 19.10 32.69 -13.43
C LEU C 178 20.03 31.81 -14.26
N LYS C 179 19.56 30.63 -14.68
CA LYS C 179 20.38 29.78 -15.54
C LYS C 179 20.62 30.42 -16.90
N GLU C 180 19.67 31.24 -17.38
CA GLU C 180 19.87 31.93 -18.65
C GLU C 180 20.96 32.98 -18.53
N MET C 181 20.91 33.81 -17.47
CA MET C 181 21.93 34.82 -17.26
C MET C 181 23.31 34.19 -17.15
N LEU C 182 23.40 33.02 -16.53
CA LEU C 182 24.68 32.31 -16.45
C LEU C 182 25.16 31.93 -17.85
N GLU C 183 24.25 31.57 -18.74
CA GLU C 183 24.64 31.30 -20.12
C GLU C 183 25.10 32.57 -20.81
N ARG C 184 24.46 33.71 -20.52
CA ARG C 184 24.89 34.97 -21.10
C ARG C 184 26.22 35.43 -20.54
N LEU C 185 26.62 34.92 -19.38
CA LEU C 185 27.92 35.23 -18.78
C LEU C 185 28.99 34.23 -19.16
N GLU C 186 28.61 33.00 -19.52
CA GLU C 186 29.57 32.04 -20.04
C GLU C 186 30.36 32.64 -21.20
N LYS C 187 29.66 33.05 -22.25
CA LYS C 187 30.26 33.87 -23.29
C LYS C 187 30.34 35.32 -22.83
N ASN C 188 31.40 36.01 -23.23
CA ASN C 188 31.64 37.41 -22.90
C ASN C 188 31.62 37.61 -21.38
N PRO C 189 32.66 37.17 -20.66
CA PRO C 189 32.72 37.46 -19.22
C PRO C 189 32.94 38.94 -18.97
N ASP C 190 31.88 39.73 -19.11
CA ASP C 190 31.98 41.18 -19.11
C ASP C 190 31.81 41.74 -17.69
N LYS C 191 32.23 43.00 -17.53
CA LYS C 191 32.09 43.67 -16.24
C LYS C 191 30.62 43.97 -15.94
N ASP C 192 29.85 44.32 -16.97
CA ASP C 192 28.45 44.69 -16.78
C ASP C 192 27.50 43.51 -16.86
N VAL C 193 27.99 42.32 -17.19
CA VAL C 193 27.16 41.12 -17.14
C VAL C 193 27.29 40.43 -15.78
N ILE C 194 28.43 40.57 -15.10
CA ILE C 194 28.58 40.02 -13.76
C ILE C 194 27.65 40.72 -12.78
N VAL C 195 27.50 42.04 -12.91
CA VAL C 195 26.63 42.77 -12.01
C VAL C 195 25.17 42.39 -12.24
N LYS C 196 24.82 41.97 -13.45
CA LYS C 196 23.44 41.56 -13.71
C LYS C 196 23.14 40.19 -13.11
N VAL C 197 24.06 39.23 -13.26
CA VAL C 197 23.81 37.90 -12.71
C VAL C 197 23.84 37.93 -11.19
N LEU C 198 24.58 38.87 -10.60
CA LEU C 198 24.56 39.01 -9.14
C LEU C 198 23.24 39.62 -8.68
N LYS C 199 22.62 40.46 -9.50
CA LYS C 199 21.29 40.98 -9.17
C LYS C 199 20.26 39.86 -9.19
N VAL C 200 20.38 38.92 -10.13
CA VAL C 200 19.44 37.80 -10.20
C VAL C 200 19.69 36.82 -9.07
N ILE C 201 20.94 36.69 -8.62
CA ILE C 201 21.25 35.81 -7.49
C ILE C 201 20.51 36.29 -6.25
N VAL C 202 20.50 37.60 -6.00
CA VAL C 202 19.79 38.13 -4.84
C VAL C 202 18.29 37.90 -4.99
N LYS C 203 17.76 38.09 -6.20
CA LYS C 203 16.34 37.88 -6.44
C LYS C 203 15.96 36.42 -6.22
N ALA C 204 16.82 35.49 -6.64
CA ALA C 204 16.54 34.08 -6.40
C ALA C 204 16.70 33.73 -4.92
N ILE C 205 17.65 34.37 -4.22
CA ILE C 205 17.80 34.14 -2.79
C ILE C 205 16.61 34.73 -2.04
N GLU C 206 16.15 35.93 -2.45
CA GLU C 206 14.96 36.52 -1.85
C GLU C 206 13.73 35.66 -2.07
N ALA C 207 13.65 34.98 -3.22
CA ALA C 207 12.55 34.05 -3.44
C ALA C 207 12.72 32.80 -2.60
N SER C 208 13.97 32.33 -2.45
CA SER C 208 14.22 31.12 -1.66
C SER C 208 13.95 31.35 -0.18
N VAL C 209 14.10 32.58 0.30
CA VAL C 209 13.77 32.89 1.69
C VAL C 209 12.26 33.00 1.87
N LYS C 210 11.58 33.64 0.90
CA LYS C 210 10.13 33.74 0.97
C LYS C 210 9.47 32.38 0.86
N ASN C 211 10.02 31.50 0.03
CA ASN C 211 9.46 30.15 -0.10
C ASN C 211 9.62 29.36 1.20
N GLN C 212 10.78 29.48 1.84
CA GLN C 212 10.97 28.83 3.14
C GLN C 212 10.15 29.52 4.22
N LYS C 213 9.92 30.83 4.09
CA LYS C 213 9.05 31.53 5.03
C LYS C 213 7.62 30.99 4.95
N ILE C 214 7.14 30.72 3.74
CA ILE C 214 5.80 30.15 3.58
C ILE C 214 5.79 28.70 4.04
N SER C 215 6.85 27.96 3.75
CA SER C 215 6.92 26.56 4.17
C SER C 215 6.98 26.44 5.69
N ALA C 216 7.61 27.41 6.36
CA ALA C 216 7.66 27.39 7.82
C ALA C 216 6.26 27.58 8.41
N LYS C 217 5.47 28.48 7.83
CA LYS C 217 4.10 28.66 8.30
C LYS C 217 3.25 27.44 8.01
N ASN C 218 3.49 26.76 6.87
CA ASN C 218 2.74 25.56 6.57
C ASN C 218 3.02 24.46 7.59
N GLN C 219 4.26 24.40 8.07
CA GLN C 219 4.57 23.46 9.16
C GLN C 219 3.91 23.89 10.47
N LYS C 220 3.81 25.21 10.71
CA LYS C 220 3.07 25.69 11.87
C LYS C 220 1.61 25.28 11.80
N ALA C 221 1.04 25.31 10.60
CA ALA C 221 -0.38 24.97 10.45
C ALA C 221 -0.63 23.50 10.76
N LEU C 222 0.27 22.62 10.31
CA LEU C 222 0.14 21.20 10.64
C LEU C 222 0.47 20.94 12.11
N ALA C 223 1.34 21.75 12.70
CA ALA C 223 1.72 21.51 14.10
C ALA C 223 0.62 21.92 15.06
N GLU C 224 -0.15 22.96 14.72
CA GLU C 224 -1.24 23.40 15.59
C GLU C 224 -2.30 22.32 15.72
N LEU C 225 -2.60 21.61 14.64
CA LEU C 225 -3.57 20.53 14.66
C LEU C 225 -2.93 19.26 15.20
N ALA C 226 -3.63 18.58 16.10
CA ALA C 226 -3.17 17.32 16.71
C ALA C 226 -1.86 17.50 17.47
N ALA D 1 25.77 -34.34 25.14
CA ALA D 1 26.32 -33.93 26.43
C ALA D 1 27.64 -33.21 26.24
N LEU D 2 27.80 -32.08 26.94
CA LEU D 2 29.00 -31.25 26.87
C LEU D 2 29.26 -30.77 25.44
N GLU D 3 29.60 -31.69 24.54
CA GLU D 3 29.71 -31.37 23.13
C GLU D 3 28.32 -31.31 22.49
N LYS D 4 28.17 -30.44 21.49
CA LYS D 4 26.91 -30.24 20.78
C LYS D 4 25.80 -29.78 21.72
N ASP D 5 25.47 -30.60 22.72
CA ASP D 5 24.50 -30.24 23.74
C ASP D 5 25.11 -29.17 24.64
N ARG D 6 24.39 -28.80 25.70
CA ARG D 6 24.84 -27.79 26.67
C ARG D 6 24.93 -26.40 26.05
N ARG D 7 25.35 -26.31 24.79
CA ARG D 7 25.40 -25.02 24.09
C ARG D 7 24.02 -24.37 24.05
N ALA D 8 22.96 -25.16 23.99
CA ALA D 8 21.62 -24.60 24.07
C ALA D 8 21.28 -24.17 25.49
N LEU D 9 21.72 -24.94 26.49
CA LEU D 9 21.41 -24.61 27.87
C LEU D 9 22.09 -23.33 28.30
N GLU D 10 23.34 -23.12 27.84
CA GLU D 10 24.04 -21.88 28.19
C GLU D 10 23.43 -20.69 27.45
N ALA D 11 22.93 -20.91 26.23
CA ALA D 11 22.25 -19.85 25.52
C ALA D 11 20.94 -19.50 26.20
N LEU D 12 20.23 -20.50 26.72
CA LEU D 12 18.99 -20.24 27.44
C LEU D 12 19.28 -19.51 28.75
N LYS D 13 20.42 -19.79 29.38
CA LYS D 13 20.77 -19.05 30.59
C LYS D 13 21.09 -17.60 30.26
N ARG D 14 21.82 -17.37 29.16
CA ARG D 14 22.07 -15.99 28.72
C ARG D 14 20.75 -15.29 28.41
N ALA D 15 19.79 -16.02 27.85
CA ALA D 15 18.48 -15.42 27.61
C ALA D 15 17.78 -15.10 28.93
N GLN D 16 17.87 -16.01 29.90
CA GLN D 16 17.24 -15.77 31.19
C GLN D 16 17.84 -14.56 31.89
N GLU D 17 19.16 -14.36 31.75
CA GLU D 17 19.78 -13.17 32.31
C GLU D 17 19.36 -11.93 31.52
N ALA D 18 19.19 -12.07 30.21
CA ALA D 18 18.72 -10.96 29.40
C ALA D 18 17.28 -10.61 29.73
N GLU D 19 16.47 -11.60 30.12
CA GLU D 19 15.10 -11.30 30.57
C GLU D 19 15.12 -10.57 31.90
N LYS D 20 15.96 -11.03 32.84
CA LYS D 20 16.13 -10.31 34.09
C LYS D 20 16.59 -8.88 33.85
N LYS D 21 17.50 -8.71 32.90
CA LYS D 21 17.93 -7.36 32.52
C LYS D 21 16.83 -6.62 31.77
N GLY D 22 15.98 -7.33 31.06
CA GLY D 22 14.91 -6.73 30.28
C GLY D 22 15.32 -6.27 28.91
N ASP D 23 16.45 -6.75 28.39
CA ASP D 23 16.90 -6.37 27.06
C ASP D 23 16.03 -7.00 25.97
N VAL D 24 15.54 -8.21 26.21
CA VAL D 24 14.55 -8.84 25.33
C VAL D 24 15.09 -9.03 23.92
N GLU D 25 15.56 -7.95 23.32
CA GLU D 25 16.13 -8.03 21.97
C GLU D 25 17.27 -9.03 21.92
N GLU D 26 18.24 -8.88 22.82
CA GLU D 26 19.33 -9.84 22.89
C GLU D 26 18.83 -11.22 23.32
N ALA D 27 17.77 -11.25 24.12
CA ALA D 27 17.22 -12.53 24.57
C ALA D 27 16.72 -13.36 23.41
N VAL D 28 16.21 -12.70 22.35
CA VAL D 28 15.78 -13.44 21.17
C VAL D 28 16.99 -13.97 20.42
N ARG D 29 18.06 -13.17 20.33
CA ARG D 29 19.28 -13.60 19.66
C ARG D 29 19.85 -14.85 20.33
N ALA D 30 19.89 -14.87 21.66
CA ALA D 30 20.38 -16.06 22.35
C ALA D 30 19.41 -17.23 22.18
N ALA D 31 18.10 -16.95 22.21
CA ALA D 31 17.12 -18.00 22.03
C ALA D 31 17.18 -18.59 20.61
N GLN D 32 17.52 -17.75 19.62
CA GLN D 32 17.74 -18.27 18.27
C GLN D 32 18.91 -19.25 18.26
N GLU D 33 19.97 -18.94 19.00
CA GLU D 33 21.08 -19.87 19.14
C GLU D 33 20.64 -21.13 19.88
N ALA D 34 19.74 -20.99 20.85
CA ALA D 34 19.35 -22.13 21.68
C ALA D 34 18.50 -23.12 20.90
N VAL D 35 17.57 -22.62 20.08
CA VAL D 35 16.66 -23.50 19.36
C VAL D 35 17.41 -24.20 18.22
N ARG D 36 18.43 -23.55 17.67
CA ARG D 36 19.22 -24.20 16.62
C ARG D 36 20.09 -25.30 17.20
N ALA D 37 20.69 -25.06 18.36
CA ALA D 37 21.50 -26.10 18.98
C ALA D 37 20.62 -27.24 19.49
N ALA D 38 19.42 -26.94 19.96
CA ALA D 38 18.54 -28.00 20.44
C ALA D 38 18.05 -28.86 19.30
N LYS D 39 17.91 -28.29 18.11
CA LYS D 39 17.59 -29.10 16.93
C LYS D 39 18.76 -30.03 16.58
N GLU D 40 19.99 -29.56 16.80
CA GLU D 40 21.15 -30.41 16.58
C GLU D 40 21.14 -31.59 17.55
N SER D 41 20.77 -31.35 18.80
CA SER D 41 20.63 -32.46 19.74
C SER D 41 19.45 -33.34 19.37
N GLY D 42 18.40 -32.75 18.79
CA GLY D 42 17.22 -33.52 18.43
C GLY D 42 16.59 -34.22 19.61
N ALA D 43 16.60 -33.57 20.78
CA ALA D 43 16.17 -34.19 22.02
C ALA D 43 14.85 -33.61 22.48
N SER D 44 13.92 -34.48 22.87
CA SER D 44 12.75 -34.04 23.61
C SER D 44 13.19 -33.32 24.89
N TRP D 45 12.33 -32.43 25.38
CA TRP D 45 12.70 -31.41 26.35
C TRP D 45 13.80 -30.53 25.77
N ILE D 46 14.43 -29.70 26.61
CA ILE D 46 15.35 -28.65 26.18
C ILE D 46 14.61 -27.70 25.25
N LEU D 47 14.23 -28.21 24.07
CA LEU D 47 13.30 -27.48 23.21
C LEU D 47 12.05 -27.07 23.98
N ARG D 48 11.48 -28.00 24.75
CA ARG D 48 10.32 -27.70 25.59
C ARG D 48 10.63 -26.55 26.54
N LEU D 49 11.88 -26.45 27.01
CA LEU D 49 12.25 -25.34 27.87
C LEU D 49 12.48 -24.06 27.06
N VAL D 50 13.06 -24.21 25.87
CA VAL D 50 13.24 -23.05 24.99
C VAL D 50 11.89 -22.52 24.51
N ALA D 51 10.95 -23.42 24.25
CA ALA D 51 9.61 -22.98 23.83
C ALA D 51 8.92 -22.21 24.94
N GLU D 52 9.03 -22.68 26.19
CA GLU D 52 8.35 -22.01 27.29
C GLU D 52 9.08 -20.73 27.70
N GLN D 53 10.40 -20.68 27.52
CA GLN D 53 11.14 -19.47 27.84
C GLN D 53 10.88 -18.39 26.80
N ALA D 54 10.92 -18.75 25.51
CA ALA D 54 10.68 -17.77 24.45
C ALA D 54 9.29 -17.16 24.55
N LEU D 55 8.31 -17.92 25.05
CA LEU D 55 7.00 -17.35 25.30
C LEU D 55 7.08 -16.22 26.31
N ARG D 56 7.94 -16.35 27.33
CA ARG D 56 8.08 -15.29 28.32
C ARG D 56 8.72 -14.05 27.71
N ILE D 57 9.68 -14.24 26.80
CA ILE D 57 10.26 -13.09 26.09
C ILE D 57 9.21 -12.38 25.26
N ALA D 58 8.30 -13.15 24.64
CA ALA D 58 7.23 -12.55 23.86
C ALA D 58 6.20 -11.87 24.75
N LYS D 59 6.00 -12.38 25.98
CA LYS D 59 5.02 -11.77 26.88
C LYS D 59 5.53 -10.44 27.41
N GLU D 60 6.80 -10.38 27.84
CA GLU D 60 7.39 -9.13 28.30
C GLU D 60 7.66 -8.16 27.15
N ALA D 61 7.72 -8.64 25.91
CA ALA D 61 7.85 -7.69 24.80
C ALA D 61 6.53 -7.04 24.47
N GLU D 62 5.41 -7.68 24.84
CA GLU D 62 4.11 -7.03 24.75
C GLU D 62 4.01 -5.88 25.74
N LYS D 63 4.43 -6.09 26.99
CA LYS D 63 4.45 -5.02 27.97
C LYS D 63 5.34 -3.87 27.51
N GLN D 64 6.52 -4.19 26.98
CA GLN D 64 7.37 -3.17 26.40
C GLN D 64 6.72 -2.52 25.18
N GLY D 65 5.84 -3.25 24.50
CA GLY D 65 5.21 -2.76 23.30
C GLY D 65 5.96 -3.07 22.02
N ASN D 66 7.11 -3.72 22.11
CA ASN D 66 7.92 -4.06 20.93
C ASN D 66 7.29 -5.29 20.28
N VAL D 67 6.29 -5.03 19.42
CA VAL D 67 5.65 -6.12 18.70
C VAL D 67 6.57 -6.72 17.65
N GLU D 68 7.56 -5.96 17.19
CA GLU D 68 8.51 -6.49 16.21
C GLU D 68 9.38 -7.58 16.84
N VAL D 69 9.87 -7.36 18.07
CA VAL D 69 10.64 -8.38 18.76
C VAL D 69 9.74 -9.54 19.18
N ALA D 70 8.49 -9.22 19.55
CA ALA D 70 7.58 -10.25 20.04
C ALA D 70 7.27 -11.29 18.98
N VAL D 71 7.25 -10.90 17.71
CA VAL D 71 6.98 -11.88 16.66
C VAL D 71 8.19 -12.76 16.37
N LYS D 72 9.40 -12.30 16.68
CA LYS D 72 10.56 -13.19 16.58
C LYS D 72 10.61 -14.14 17.76
N ALA D 73 10.22 -13.67 18.95
CA ALA D 73 10.20 -14.54 20.11
C ALA D 73 9.16 -15.65 19.95
N ALA D 74 7.99 -15.32 19.41
CA ALA D 74 6.98 -16.34 19.17
C ALA D 74 7.37 -17.24 18.00
N ARG D 75 8.19 -16.75 17.07
CA ARG D 75 8.63 -17.59 15.97
C ARG D 75 9.60 -18.67 16.46
N VAL D 76 10.44 -18.33 17.44
CA VAL D 76 11.32 -19.33 18.03
C VAL D 76 10.51 -20.30 18.88
N ALA D 77 9.50 -19.80 19.58
CA ALA D 77 8.68 -20.67 20.43
C ALA D 77 7.83 -21.63 19.60
N VAL D 78 7.31 -21.17 18.48
CA VAL D 78 6.50 -22.04 17.64
C VAL D 78 7.38 -23.03 16.89
N GLU D 79 8.63 -22.66 16.62
CA GLU D 79 9.54 -23.58 15.94
C GLU D 79 10.09 -24.62 16.90
N ALA D 80 10.29 -24.27 18.17
CA ALA D 80 10.77 -25.22 19.16
C ALA D 80 9.66 -26.17 19.60
N ALA D 81 8.47 -25.64 19.85
CA ALA D 81 7.36 -26.48 20.26
C ALA D 81 6.85 -27.37 19.13
N LYS D 82 7.12 -27.01 17.88
CA LYS D 82 6.72 -27.87 16.76
C LYS D 82 7.51 -29.16 16.75
N GLN D 83 8.83 -29.07 16.99
CA GLN D 83 9.69 -30.25 16.98
C GLN D 83 9.50 -31.10 18.23
N ALA D 84 9.20 -30.48 19.38
CA ALA D 84 9.10 -31.21 20.63
C ALA D 84 7.72 -31.81 20.87
N GLY D 85 6.73 -31.42 20.07
CA GLY D 85 5.37 -31.87 20.32
C GLY D 85 4.71 -31.07 21.42
N ASP D 86 4.03 -31.74 22.35
CA ASP D 86 3.35 -31.11 23.47
C ASP D 86 2.40 -30.03 22.97
N ASN D 87 1.24 -30.45 22.43
CA ASN D 87 0.34 -29.53 21.77
C ASN D 87 -0.28 -28.50 22.73
N ASP D 88 -0.15 -28.69 24.04
CA ASP D 88 -0.56 -27.64 24.96
C ASP D 88 0.43 -26.48 24.96
N VAL D 89 1.68 -26.73 24.59
CA VAL D 89 2.63 -25.64 24.42
C VAL D 89 2.36 -24.91 23.11
N LEU D 90 2.03 -25.65 22.06
CA LEU D 90 1.65 -25.02 20.79
C LEU D 90 0.39 -24.18 20.95
N ARG D 91 -0.62 -24.70 21.67
CA ARG D 91 -1.82 -23.93 21.93
C ARG D 91 -1.49 -22.66 22.72
N LYS D 92 -0.51 -22.73 23.62
CA LYS D 92 -0.09 -21.56 24.37
C LYS D 92 0.58 -20.53 23.48
N VAL D 93 1.30 -20.98 22.44
CA VAL D 93 1.95 -20.05 21.51
C VAL D 93 0.92 -19.37 20.64
N ALA D 94 -0.05 -20.13 20.11
CA ALA D 94 -1.06 -19.56 19.22
C ALA D 94 -1.89 -18.50 19.94
N GLU D 95 -2.20 -18.72 21.22
CA GLU D 95 -2.91 -17.71 21.98
C GLU D 95 -2.07 -16.46 22.16
N GLN D 96 -0.76 -16.62 22.31
CA GLN D 96 0.12 -15.46 22.46
C GLN D 96 0.39 -14.79 21.12
N ALA D 97 0.44 -15.56 20.02
CA ALA D 97 0.68 -14.97 18.72
C ALA D 97 -0.53 -14.17 18.23
N LEU D 98 -1.74 -14.55 18.67
CA LEU D 98 -2.91 -13.76 18.33
C LEU D 98 -2.95 -12.46 19.11
N ARG D 99 -2.55 -12.51 20.40
CA ARG D 99 -2.42 -11.29 21.17
C ARG D 99 -1.41 -10.33 20.52
N ILE D 100 -0.29 -10.88 20.05
CA ILE D 100 0.69 -10.06 19.33
C ILE D 100 0.07 -9.49 18.07
N ALA D 101 -0.77 -10.27 17.40
CA ALA D 101 -1.41 -9.80 16.16
C ALA D 101 -2.33 -8.63 16.42
N LYS D 102 -3.15 -8.71 17.48
CA LYS D 102 -4.04 -7.60 17.81
C LYS D 102 -3.24 -6.40 18.30
N GLU D 103 -2.15 -6.63 19.02
CA GLU D 103 -1.28 -5.52 19.43
C GLU D 103 -0.48 -4.97 18.25
N ALA D 104 -0.15 -5.81 17.28
CA ALA D 104 0.46 -5.31 16.06
C ALA D 104 -0.53 -4.47 15.27
N GLU D 105 -1.81 -4.88 15.27
CA GLU D 105 -2.86 -4.02 14.76
C GLU D 105 -2.99 -2.79 15.67
N LYS D 106 -3.82 -1.84 15.23
CA LYS D 106 -4.09 -0.61 15.98
C LYS D 106 -2.84 0.27 16.06
N GLN D 107 -1.67 -0.33 16.27
CA GLN D 107 -0.42 0.43 16.20
C GLN D 107 -0.09 0.82 14.76
N GLY D 108 -0.49 0.01 13.78
CA GLY D 108 -0.28 0.31 12.38
C GLY D 108 0.67 -0.61 11.66
N ASN D 109 1.25 -1.62 12.31
CA ASN D 109 2.21 -2.52 11.67
C ASN D 109 1.44 -3.75 11.19
N VAL D 110 0.91 -3.67 9.97
CA VAL D 110 0.16 -4.78 9.42
C VAL D 110 1.06 -5.89 8.91
N ASP D 111 2.33 -5.58 8.59
CA ASP D 111 3.25 -6.62 8.14
C ASP D 111 3.61 -7.56 9.28
N VAL D 112 3.92 -7.00 10.45
CA VAL D 112 4.19 -7.82 11.62
C VAL D 112 2.92 -8.54 12.07
N ALA D 113 1.78 -7.88 11.94
CA ALA D 113 0.50 -8.54 12.25
C ALA D 113 0.28 -9.77 11.38
N ALA D 114 0.63 -9.66 10.09
CA ALA D 114 0.54 -10.82 9.21
C ALA D 114 1.52 -11.91 9.63
N LYS D 115 2.71 -11.52 10.11
CA LYS D 115 3.68 -12.48 10.59
C LYS D 115 3.22 -13.14 11.89
N ALA D 116 2.51 -12.40 12.74
CA ALA D 116 2.01 -12.99 13.97
C ALA D 116 0.85 -13.94 13.70
N ALA D 117 -0.02 -13.59 12.75
CA ALA D 117 -1.14 -14.46 12.40
C ALA D 117 -0.64 -15.76 11.77
N GLN D 118 0.44 -15.70 11.00
CA GLN D 118 1.02 -16.92 10.45
C GLN D 118 1.52 -17.84 11.55
N VAL D 119 2.19 -17.27 12.55
CA VAL D 119 2.69 -18.06 13.68
C VAL D 119 1.54 -18.70 14.44
N ALA D 120 0.47 -17.93 14.67
CA ALA D 120 -0.70 -18.49 15.35
C ALA D 120 -1.34 -19.59 14.52
N ALA D 121 -1.38 -19.42 13.19
CA ALA D 121 -1.87 -20.48 12.32
C ALA D 121 -0.89 -21.63 12.21
N GLU D 122 0.39 -21.38 12.46
CA GLU D 122 1.38 -22.46 12.44
C GLU D 122 1.22 -23.37 13.65
N ALA D 123 1.05 -22.78 14.85
CA ALA D 123 0.94 -23.58 16.06
C ALA D 123 -0.40 -24.30 16.11
N ALA D 124 -1.51 -23.58 15.87
CA ALA D 124 -2.83 -24.17 16.00
C ALA D 124 -3.05 -25.29 14.98
N LYS D 125 -2.49 -25.15 13.78
CA LYS D 125 -2.61 -26.21 12.79
C LYS D 125 -1.84 -27.45 13.22
N GLN D 126 -0.65 -27.26 13.79
CA GLN D 126 0.13 -28.40 14.26
C GLN D 126 -0.52 -29.05 15.47
N ALA D 127 -1.07 -28.24 16.38
CA ALA D 127 -1.73 -28.78 17.57
C ALA D 127 -3.09 -29.39 17.26
N GLY D 128 -3.79 -28.85 16.26
CA GLY D 128 -5.10 -29.36 15.89
C GLY D 128 -6.24 -28.73 16.66
N ASP D 129 -6.23 -27.40 16.77
CA ASP D 129 -7.28 -26.65 17.46
C ASP D 129 -8.11 -25.93 16.40
N LYS D 130 -9.29 -26.48 16.11
CA LYS D 130 -10.17 -25.83 15.15
C LYS D 130 -10.71 -24.52 15.70
N ASP D 131 -10.92 -24.43 17.01
CA ASP D 131 -11.44 -23.19 17.60
C ASP D 131 -10.41 -22.08 17.55
N MET D 132 -9.12 -22.42 17.63
CA MET D 132 -8.08 -21.42 17.48
C MET D 132 -7.82 -21.09 16.01
N LEU D 133 -7.81 -22.12 15.15
CA LEU D 133 -7.62 -21.90 13.73
C LEU D 133 -8.72 -21.01 13.16
N GLU D 134 -9.96 -21.23 13.58
CA GLU D 134 -11.04 -20.32 13.22
C GLU D 134 -10.79 -18.93 13.76
N LYS D 135 -10.27 -18.84 14.99
CA LYS D 135 -9.95 -17.54 15.57
C LYS D 135 -8.77 -16.88 14.86
N VAL D 136 -7.83 -17.68 14.35
CA VAL D 136 -6.73 -17.12 13.58
C VAL D 136 -7.21 -16.61 12.23
N ALA D 137 -8.12 -17.35 11.59
CA ALA D 137 -8.62 -16.93 10.29
C ALA D 137 -9.43 -15.65 10.38
N LYS D 138 -10.14 -15.44 11.48
CA LYS D 138 -10.89 -14.19 11.64
C LYS D 138 -9.95 -13.01 11.83
N VAL D 139 -8.88 -13.19 12.60
CA VAL D 139 -7.91 -12.11 12.80
C VAL D 139 -7.15 -11.83 11.51
N ALA D 140 -6.83 -12.87 10.75
CA ALA D 140 -6.17 -12.67 9.46
C ALA D 140 -7.07 -11.90 8.48
N GLU D 141 -8.39 -12.06 8.61
CA GLU D 141 -9.30 -11.24 7.80
C GLU D 141 -9.26 -9.78 8.24
N GLN D 142 -9.13 -9.53 9.55
CA GLN D 142 -9.00 -8.17 10.04
C GLN D 142 -7.70 -7.52 9.56
N ILE D 143 -6.64 -8.32 9.39
CA ILE D 143 -5.39 -7.78 8.87
C ILE D 143 -5.53 -7.44 7.40
N ALA D 144 -6.24 -8.28 6.64
CA ALA D 144 -6.38 -8.05 5.20
C ALA D 144 -7.21 -6.80 4.92
N LYS D 145 -8.30 -6.60 5.66
CA LYS D 145 -9.10 -5.40 5.48
C LYS D 145 -8.33 -4.16 5.91
N ALA D 146 -7.58 -4.26 7.01
CA ALA D 146 -6.77 -3.13 7.46
C ALA D 146 -5.62 -2.84 6.50
N ALA D 147 -5.03 -3.89 5.93
CA ALA D 147 -3.97 -3.67 4.95
C ALA D 147 -4.51 -2.98 3.70
N GLU D 148 -5.78 -3.20 3.37
CA GLU D 148 -6.39 -2.47 2.28
C GLU D 148 -6.61 -1.00 2.65
N LYS D 149 -7.01 -0.75 3.90
CA LYS D 149 -7.20 0.64 4.34
C LYS D 149 -5.86 1.37 4.48
N GLU D 150 -4.78 0.65 4.79
CA GLU D 150 -3.47 1.27 4.86
C GLU D 150 -2.82 1.41 3.49
N GLY D 151 -3.24 0.60 2.51
CA GLY D 151 -2.79 0.72 1.15
C GLY D 151 -1.78 -0.33 0.72
N ASP D 152 -1.16 -1.05 1.66
CA ASP D 152 -0.20 -2.09 1.31
C ASP D 152 -0.95 -3.31 0.78
N LYS D 153 -0.80 -3.59 -0.51
CA LYS D 153 -1.51 -4.71 -1.12
C LYS D 153 -0.78 -6.02 -0.89
N LYS D 154 0.56 -5.98 -0.82
CA LYS D 154 1.32 -7.21 -0.60
C LYS D 154 0.96 -7.86 0.73
N VAL D 155 0.75 -7.04 1.77
CA VAL D 155 0.33 -7.59 3.05
C VAL D 155 -1.10 -8.13 2.96
N SER D 156 -1.95 -7.49 2.16
CA SER D 156 -3.34 -7.95 2.05
C SER D 156 -3.42 -9.32 1.40
N ILE D 157 -2.57 -9.57 0.39
CA ILE D 157 -2.55 -10.89 -0.23
C ILE D 157 -2.00 -11.93 0.74
N ASP D 158 -0.95 -11.57 1.49
CA ASP D 158 -0.41 -12.49 2.48
C ASP D 158 -1.39 -12.76 3.60
N ALA D 159 -2.21 -11.77 3.96
CA ALA D 159 -3.17 -11.95 5.04
C ALA D 159 -4.33 -12.85 4.62
N THR D 160 -4.76 -12.72 3.36
CA THR D 160 -5.83 -13.60 2.88
C THR D 160 -5.34 -15.03 2.71
N ARG D 161 -4.08 -15.22 2.34
CA ARG D 161 -3.52 -16.56 2.22
C ARG D 161 -3.47 -17.25 3.58
N ILE D 162 -3.11 -16.51 4.62
CA ILE D 162 -3.11 -17.08 5.97
C ILE D 162 -4.53 -17.37 6.43
N ALA D 163 -5.47 -16.47 6.10
CA ALA D 163 -6.86 -16.70 6.47
C ALA D 163 -7.42 -17.95 5.80
N LEU D 164 -7.04 -18.19 4.54
CA LEU D 164 -7.49 -19.38 3.85
C LEU D 164 -6.86 -20.64 4.44
N GLU D 165 -5.57 -20.57 4.79
CA GLU D 165 -4.88 -21.75 5.32
C GLU D 165 -5.44 -22.15 6.69
N ALA D 166 -5.66 -21.18 7.57
CA ALA D 166 -6.26 -21.48 8.87
C ALA D 166 -7.71 -21.93 8.72
N SER D 167 -8.42 -21.42 7.71
CA SER D 167 -9.79 -21.85 7.46
C SER D 167 -9.85 -23.22 6.80
N LEU D 168 -8.88 -23.54 5.94
CA LEU D 168 -8.82 -24.87 5.34
C LEU D 168 -8.39 -25.91 6.36
N ALA D 169 -7.52 -25.53 7.31
CA ALA D 169 -7.10 -26.48 8.33
C ALA D 169 -8.25 -26.83 9.27
N ALA D 170 -9.04 -25.83 9.66
CA ALA D 170 -10.18 -26.10 10.53
C ALA D 170 -11.26 -26.90 9.81
N LEU D 171 -11.40 -26.71 8.50
CA LEU D 171 -12.37 -27.49 7.74
C LEU D 171 -11.99 -28.95 7.66
N GLU D 172 -10.68 -29.24 7.61
CA GLU D 172 -10.24 -30.64 7.62
C GLU D 172 -10.47 -31.27 8.98
N ILE D 173 -10.30 -30.51 10.05
CA ILE D 173 -10.53 -31.03 11.39
C ILE D 173 -12.01 -31.35 11.60
N ILE D 174 -12.89 -30.45 11.15
CA ILE D 174 -14.32 -30.71 11.28
C ILE D 174 -14.73 -31.89 10.42
N LEU D 175 -14.09 -32.07 9.26
CA LEU D 175 -14.38 -33.24 8.44
C LEU D 175 -14.03 -34.52 9.17
N GLU D 176 -12.92 -34.52 9.93
CA GLU D 176 -12.55 -35.71 10.68
C GLU D 176 -13.53 -35.97 11.82
N GLU D 177 -14.01 -34.90 12.47
CA GLU D 177 -15.04 -35.07 13.48
C GLU D 177 -16.33 -35.63 12.88
N LEU D 178 -16.63 -35.27 11.63
CA LEU D 178 -17.82 -35.80 10.98
C LEU D 178 -17.64 -37.28 10.62
N LYS D 179 -16.45 -37.64 10.15
CA LYS D 179 -16.18 -39.04 9.84
C LYS D 179 -16.25 -39.90 11.11
N GLU D 180 -15.78 -39.35 12.24
CA GLU D 180 -15.92 -40.06 13.50
C GLU D 180 -17.38 -40.14 13.94
N MET D 181 -18.17 -39.10 13.65
CA MET D 181 -19.60 -39.15 13.98
C MET D 181 -20.35 -40.10 13.05
N LEU D 182 -19.91 -40.23 11.80
CA LEU D 182 -20.55 -41.18 10.90
C LEU D 182 -20.30 -42.62 11.36
N GLU D 183 -19.08 -42.91 11.80
CA GLU D 183 -18.77 -44.26 12.27
C GLU D 183 -19.55 -44.61 13.52
N ARG D 184 -19.79 -43.63 14.39
CA ARG D 184 -20.66 -43.85 15.55
C ARG D 184 -22.12 -43.98 15.15
N LEU D 185 -22.50 -43.43 13.99
CA LEU D 185 -23.87 -43.60 13.50
C LEU D 185 -24.06 -44.99 12.91
N GLU D 186 -23.01 -45.55 12.28
CA GLU D 186 -23.12 -46.89 11.71
C GLU D 186 -23.30 -47.94 12.78
N LYS D 187 -22.69 -47.76 13.95
CA LYS D 187 -22.78 -48.76 15.00
C LYS D 187 -24.05 -48.61 15.82
N ASN D 188 -24.57 -47.39 15.97
CA ASN D 188 -25.80 -47.12 16.71
C ASN D 188 -26.68 -46.21 15.86
N PRO D 189 -27.42 -46.78 14.89
CA PRO D 189 -28.24 -45.94 14.01
C PRO D 189 -29.66 -45.74 14.52
N ASP D 190 -29.96 -44.54 14.99
CA ASP D 190 -31.32 -44.21 15.42
C ASP D 190 -31.53 -42.71 15.25
N LYS D 191 -32.69 -42.23 15.69
CA LYS D 191 -33.06 -40.83 15.47
C LYS D 191 -32.08 -39.89 16.21
N ASP D 192 -31.81 -40.17 17.48
CA ASP D 192 -31.02 -39.25 18.28
C ASP D 192 -29.60 -39.12 17.76
N VAL D 193 -29.03 -40.20 17.25
CA VAL D 193 -27.68 -40.14 16.69
C VAL D 193 -27.70 -39.44 15.34
N ILE D 194 -28.77 -39.64 14.56
CA ILE D 194 -28.90 -38.96 13.27
C ILE D 194 -28.97 -37.46 13.47
N VAL D 195 -29.68 -37.02 14.52
CA VAL D 195 -29.76 -35.59 14.83
C VAL D 195 -28.38 -35.01 15.06
N LYS D 196 -27.53 -35.75 15.78
CA LYS D 196 -26.19 -35.25 16.07
C LYS D 196 -25.29 -35.31 14.84
N VAL D 197 -25.51 -36.29 13.94
CA VAL D 197 -24.73 -36.33 12.71
C VAL D 197 -25.13 -35.18 11.80
N LEU D 198 -26.44 -34.92 11.66
CA LEU D 198 -26.88 -33.79 10.85
C LEU D 198 -26.42 -32.46 11.43
N LYS D 199 -26.30 -32.37 12.76
CA LYS D 199 -25.78 -31.15 13.36
C LYS D 199 -24.32 -30.92 12.99
N VAL D 200 -23.54 -32.00 12.89
CA VAL D 200 -22.15 -31.86 12.46
C VAL D 200 -22.08 -31.59 10.96
N ILE D 201 -22.99 -32.16 10.17
CA ILE D 201 -23.00 -31.91 8.73
C ILE D 201 -23.22 -30.43 8.46
N VAL D 202 -24.11 -29.79 9.22
CA VAL D 202 -24.33 -28.35 9.05
C VAL D 202 -23.07 -27.58 9.42
N LYS D 203 -22.40 -27.97 10.51
CA LYS D 203 -21.15 -27.32 10.88
C LYS D 203 -20.06 -27.57 9.83
N ALA D 204 -20.10 -28.71 9.14
CA ALA D 204 -19.11 -28.97 8.10
C ALA D 204 -19.41 -28.16 6.85
N ILE D 205 -20.69 -27.97 6.53
CA ILE D 205 -21.05 -27.15 5.37
C ILE D 205 -20.83 -25.67 5.68
N GLU D 206 -21.15 -25.25 6.91
CA GLU D 206 -20.96 -23.85 7.28
C GLU D 206 -19.49 -23.46 7.21
N ALA D 207 -18.59 -24.36 7.61
CA ALA D 207 -17.17 -24.09 7.50
C ALA D 207 -16.70 -24.17 6.05
N SER D 208 -17.32 -25.04 5.25
CA SER D 208 -16.95 -25.15 3.84
C SER D 208 -17.30 -23.88 3.07
N VAL D 209 -18.44 -23.27 3.41
CA VAL D 209 -18.82 -22.03 2.76
C VAL D 209 -17.90 -20.89 3.19
N LYS D 210 -17.59 -20.81 4.49
CA LYS D 210 -16.65 -19.79 4.95
C LYS D 210 -15.25 -20.00 4.41
N ASN D 211 -14.90 -21.24 4.06
CA ASN D 211 -13.61 -21.47 3.44
C ASN D 211 -13.62 -21.07 1.97
N GLN D 212 -14.72 -21.34 1.27
CA GLN D 212 -14.83 -20.93 -0.12
C GLN D 212 -14.93 -19.42 -0.25
N LYS D 213 -15.52 -18.74 0.73
CA LYS D 213 -15.58 -17.28 0.70
C LYS D 213 -14.18 -16.69 0.75
N ILE D 214 -13.28 -17.26 1.57
CA ILE D 214 -11.92 -16.75 1.62
C ILE D 214 -11.14 -17.16 0.39
N SER D 215 -11.43 -18.33 -0.17
CA SER D 215 -10.75 -18.77 -1.39
C SER D 215 -11.05 -17.86 -2.56
N ALA D 216 -12.29 -17.36 -2.63
CA ALA D 216 -12.66 -16.45 -3.72
C ALA D 216 -11.95 -15.11 -3.59
N LYS D 217 -11.79 -14.61 -2.36
CA LYS D 217 -11.08 -13.35 -2.18
C LYS D 217 -9.59 -13.51 -2.49
N ASN D 218 -9.03 -14.68 -2.21
CA ASN D 218 -7.63 -14.93 -2.59
C ASN D 218 -7.48 -15.06 -4.10
N GLN D 219 -8.47 -15.66 -4.77
CA GLN D 219 -8.45 -15.71 -6.23
C GLN D 219 -8.58 -14.31 -6.82
N LYS D 220 -9.43 -13.47 -6.22
CA LYS D 220 -9.55 -12.09 -6.68
C LYS D 220 -8.22 -11.36 -6.58
N ALA D 221 -7.48 -11.55 -5.49
CA ALA D 221 -6.16 -10.93 -5.37
C ALA D 221 -5.16 -11.55 -6.34
N LEU D 222 -5.31 -12.84 -6.63
CA LEU D 222 -4.47 -13.49 -7.63
C LEU D 222 -4.83 -13.08 -9.04
N ALA D 223 -6.07 -12.62 -9.26
CA ALA D 223 -6.44 -12.14 -10.59
C ALA D 223 -5.61 -10.93 -11.00
N GLU D 224 -5.12 -10.17 -10.02
CA GLU D 224 -4.20 -9.07 -10.30
C GLU D 224 -2.85 -9.65 -10.71
N LEU D 225 -2.41 -9.33 -11.92
CA LEU D 225 -1.15 -9.84 -12.46
C LEU D 225 -1.09 -11.36 -12.42
N ALA E 1 -17.32 -45.44 -42.33
CA ALA E 1 -18.50 -46.16 -41.85
C ALA E 1 -18.49 -47.61 -42.32
N LEU E 2 -18.14 -47.81 -43.59
CA LEU E 2 -18.14 -49.14 -44.18
C LEU E 2 -17.04 -49.38 -45.21
N GLU E 3 -16.58 -48.36 -45.94
CA GLU E 3 -15.69 -48.55 -47.07
C GLU E 3 -14.29 -47.97 -46.86
N LYS E 4 -13.92 -47.69 -45.61
CA LYS E 4 -12.58 -47.16 -45.34
C LYS E 4 -11.93 -47.80 -44.11
N ASP E 5 -12.46 -48.91 -43.60
CA ASP E 5 -11.81 -49.60 -42.49
C ASP E 5 -10.60 -50.40 -42.93
N ARG E 6 -10.64 -50.94 -44.16
CA ARG E 6 -9.52 -51.72 -44.67
C ARG E 6 -8.24 -50.90 -44.74
N ARG E 7 -8.36 -49.59 -44.95
CA ARG E 7 -7.19 -48.72 -44.93
C ARG E 7 -6.54 -48.70 -43.56
N ALA E 8 -7.33 -48.93 -42.51
CA ALA E 8 -6.78 -48.93 -41.15
C ALA E 8 -6.16 -50.27 -40.79
N LEU E 9 -6.75 -51.38 -41.24
CA LEU E 9 -6.17 -52.69 -40.97
C LEU E 9 -4.81 -52.83 -41.62
N GLU E 10 -4.64 -52.31 -42.84
CA GLU E 10 -3.34 -52.31 -43.46
C GLU E 10 -2.38 -51.36 -42.75
N ALA E 11 -2.91 -50.29 -42.14
CA ALA E 11 -2.09 -49.45 -41.28
C ALA E 11 -1.78 -50.14 -39.96
N LEU E 12 -2.63 -51.08 -39.54
CA LEU E 12 -2.32 -51.92 -38.39
C LEU E 12 -1.34 -53.02 -38.76
N LYS E 13 -1.36 -53.48 -40.01
CA LYS E 13 -0.40 -54.47 -40.46
C LYS E 13 1.01 -53.87 -40.53
N ARG E 14 1.11 -52.62 -40.95
CA ARG E 14 2.40 -51.92 -40.93
C ARG E 14 2.82 -51.52 -39.52
N ALA E 15 1.96 -51.71 -38.52
CA ALA E 15 2.25 -51.35 -37.15
C ALA E 15 2.83 -52.51 -36.34
N GLN E 16 2.27 -53.71 -36.48
CA GLN E 16 2.67 -54.85 -35.67
C GLN E 16 4.09 -55.35 -35.95
N GLU E 17 4.91 -54.66 -36.75
CA GLU E 17 6.31 -55.08 -36.90
C GLU E 17 7.11 -54.84 -35.62
N ALA E 18 6.62 -53.99 -34.72
CA ALA E 18 7.30 -53.68 -33.47
C ALA E 18 7.07 -54.74 -32.40
N GLU E 19 6.79 -55.98 -32.80
CA GLU E 19 6.65 -57.07 -31.83
C GLU E 19 7.96 -57.79 -31.62
N LYS E 20 8.64 -58.15 -32.71
CA LYS E 20 9.96 -58.76 -32.60
C LYS E 20 11.01 -57.73 -32.21
N LYS E 21 10.89 -56.51 -32.73
CA LYS E 21 11.81 -55.43 -32.39
C LYS E 21 11.20 -54.56 -31.29
N GLY E 22 11.93 -53.52 -30.92
CA GLY E 22 11.46 -52.59 -29.92
C GLY E 22 11.40 -51.16 -30.44
N ASP E 23 11.10 -51.02 -31.72
CA ASP E 23 11.07 -49.70 -32.35
C ASP E 23 9.88 -48.89 -31.83
N VAL E 24 10.15 -47.65 -31.43
CA VAL E 24 9.10 -46.73 -31.00
C VAL E 24 8.85 -45.61 -31.99
N GLU E 25 9.74 -45.42 -32.98
CA GLU E 25 9.51 -44.39 -33.99
C GLU E 25 8.40 -44.79 -34.96
N GLU E 26 8.52 -45.98 -35.55
CA GLU E 26 7.46 -46.47 -36.42
C GLU E 26 6.23 -46.92 -35.64
N ALA E 27 6.37 -47.13 -34.33
CA ALA E 27 5.22 -47.53 -33.53
C ALA E 27 4.31 -46.35 -33.22
N VAL E 28 4.89 -45.16 -33.00
CA VAL E 28 4.07 -43.99 -32.74
C VAL E 28 3.52 -43.39 -34.04
N ARG E 29 4.28 -43.49 -35.13
CA ARG E 29 3.78 -43.01 -36.42
C ARG E 29 2.59 -43.85 -36.89
N ALA E 30 2.68 -45.17 -36.76
CA ALA E 30 1.57 -46.03 -37.12
C ALA E 30 0.39 -45.85 -36.17
N ALA E 31 0.67 -45.59 -34.89
CA ALA E 31 -0.41 -45.33 -33.94
C ALA E 31 -1.12 -44.01 -34.23
N GLN E 32 -0.38 -43.02 -34.76
CA GLN E 32 -1.01 -41.76 -35.12
C GLN E 32 -1.99 -41.95 -36.28
N GLU E 33 -1.58 -42.65 -37.33
CA GLU E 33 -2.46 -42.86 -38.47
C GLU E 33 -3.57 -43.85 -38.15
N ALA E 34 -3.32 -44.78 -37.22
CA ALA E 34 -4.33 -45.79 -36.89
C ALA E 34 -5.49 -45.16 -36.12
N VAL E 35 -5.19 -44.45 -35.03
CA VAL E 35 -6.26 -43.83 -34.24
C VAL E 35 -6.94 -42.72 -35.04
N ARG E 36 -6.23 -42.13 -36.00
CA ARG E 36 -6.83 -41.07 -36.81
C ARG E 36 -7.78 -41.64 -37.85
N ALA E 37 -7.29 -42.55 -38.69
CA ALA E 37 -8.13 -43.12 -39.74
C ALA E 37 -9.28 -43.93 -39.18
N ALA E 38 -9.09 -44.53 -37.99
CA ALA E 38 -10.17 -45.31 -37.39
C ALA E 38 -11.25 -44.41 -36.81
N LYS E 39 -10.87 -43.23 -36.30
CA LYS E 39 -11.86 -42.35 -35.69
C LYS E 39 -12.80 -41.76 -36.74
N GLU E 40 -12.27 -41.42 -37.92
CA GLU E 40 -13.11 -40.85 -38.97
C GLU E 40 -14.02 -41.90 -39.58
N SER E 41 -13.60 -43.16 -39.57
CA SER E 41 -14.47 -44.24 -40.06
C SER E 41 -15.66 -44.43 -39.13
N GLY E 42 -15.45 -44.28 -37.82
CA GLY E 42 -16.54 -44.46 -36.87
C GLY E 42 -16.99 -45.88 -36.71
N ALA E 43 -16.09 -46.85 -36.87
CA ALA E 43 -16.39 -48.26 -36.69
C ALA E 43 -15.76 -48.72 -35.38
N SER E 44 -16.59 -48.90 -34.35
CA SER E 44 -16.08 -49.27 -33.04
C SER E 44 -15.41 -50.65 -33.03
N TRP E 45 -15.56 -51.43 -34.11
CA TRP E 45 -14.90 -52.73 -34.17
C TRP E 45 -13.45 -52.63 -34.61
N ILE E 46 -13.07 -51.54 -35.29
CA ILE E 46 -11.66 -51.30 -35.57
C ILE E 46 -11.00 -50.44 -34.50
N LEU E 47 -11.80 -49.74 -33.68
CA LEU E 47 -11.24 -48.99 -32.57
C LEU E 47 -10.84 -49.89 -31.41
N ARG E 48 -11.36 -51.11 -31.34
CA ARG E 48 -10.99 -52.02 -30.26
C ARG E 48 -9.61 -52.62 -30.46
N LEU E 49 -9.13 -52.70 -31.71
CA LEU E 49 -7.79 -53.20 -31.96
C LEU E 49 -6.75 -52.11 -31.73
N VAL E 50 -6.97 -50.92 -32.29
CA VAL E 50 -6.01 -49.83 -32.15
C VAL E 50 -5.87 -49.43 -30.68
N ALA E 51 -6.93 -49.59 -29.89
CA ALA E 51 -6.84 -49.31 -28.47
C ALA E 51 -6.05 -50.40 -27.74
N GLU E 52 -6.27 -51.66 -28.11
CA GLU E 52 -5.52 -52.75 -27.49
C GLU E 52 -4.10 -52.80 -28.01
N GLN E 53 -3.91 -52.51 -29.30
CA GLN E 53 -2.55 -52.45 -29.85
C GLN E 53 -1.77 -51.30 -29.22
N ALA E 54 -2.43 -50.18 -28.93
CA ALA E 54 -1.75 -49.08 -28.25
C ALA E 54 -1.33 -49.48 -26.84
N LEU E 55 -2.11 -50.34 -26.18
CA LEU E 55 -1.69 -50.88 -24.90
C LEU E 55 -0.51 -51.83 -25.06
N ARG E 56 -0.38 -52.48 -26.22
CA ARG E 56 0.74 -53.36 -26.46
C ARG E 56 2.01 -52.58 -26.78
N ILE E 57 1.89 -51.48 -27.52
CA ILE E 57 3.06 -50.66 -27.80
C ILE E 57 3.44 -49.78 -26.61
N ALA E 58 2.49 -49.51 -25.70
CA ALA E 58 2.82 -48.76 -24.50
C ALA E 58 3.40 -49.66 -23.41
N LYS E 59 3.04 -50.94 -23.42
CA LYS E 59 3.63 -51.88 -22.47
C LYS E 59 5.10 -52.13 -22.80
N GLU E 60 5.40 -52.32 -24.09
CA GLU E 60 6.80 -52.45 -24.51
C GLU E 60 7.55 -51.14 -24.37
N ALA E 61 6.87 -50.01 -24.58
CA ALA E 61 7.51 -48.72 -24.32
C ALA E 61 7.72 -48.49 -22.84
N GLU E 62 6.90 -49.11 -21.99
CA GLU E 62 7.14 -49.04 -20.55
C GLU E 62 8.42 -49.77 -20.17
N LYS E 63 8.70 -50.89 -20.84
CA LYS E 63 9.98 -51.57 -20.66
C LYS E 63 11.08 -50.78 -21.33
N GLN E 64 12.32 -51.05 -20.91
CA GLN E 64 13.51 -50.38 -21.44
C GLN E 64 13.42 -48.86 -21.23
N GLY E 65 12.88 -48.46 -20.08
CA GLY E 65 12.65 -47.06 -19.81
C GLY E 65 11.61 -46.47 -20.75
N ASN E 66 12.05 -45.57 -21.63
CA ASN E 66 11.22 -45.05 -22.72
C ASN E 66 9.87 -44.53 -22.22
N VAL E 67 9.89 -43.83 -21.08
CA VAL E 67 8.66 -43.22 -20.57
C VAL E 67 8.23 -42.04 -21.43
N GLU E 68 9.17 -41.41 -22.14
CA GLU E 68 8.83 -40.26 -22.97
C GLU E 68 7.92 -40.66 -24.12
N VAL E 69 8.10 -41.86 -24.67
CA VAL E 69 7.25 -42.35 -25.74
C VAL E 69 6.10 -43.21 -25.24
N ALA E 70 6.16 -43.68 -23.99
CA ALA E 70 5.06 -44.47 -23.44
C ALA E 70 3.81 -43.63 -23.23
N VAL E 71 3.98 -42.34 -22.89
CA VAL E 71 2.82 -41.46 -22.74
C VAL E 71 2.23 -41.13 -24.10
N LYS E 72 3.06 -41.01 -25.14
CA LYS E 72 2.55 -40.78 -26.48
C LYS E 72 1.75 -41.96 -26.98
N ALA E 73 2.06 -43.17 -26.52
CA ALA E 73 1.30 -44.35 -26.89
C ALA E 73 0.00 -44.46 -26.08
N ALA E 74 0.04 -44.06 -24.80
CA ALA E 74 -1.16 -44.05 -24.00
C ALA E 74 -2.10 -42.91 -24.40
N ARG E 75 -1.54 -41.82 -24.93
CA ARG E 75 -2.39 -40.76 -25.49
C ARG E 75 -3.16 -41.27 -26.70
N VAL E 76 -2.53 -42.13 -27.51
CA VAL E 76 -3.23 -42.74 -28.62
C VAL E 76 -4.26 -43.74 -28.11
N ALA E 77 -3.94 -44.46 -27.03
CA ALA E 77 -4.87 -45.45 -26.49
C ALA E 77 -6.14 -44.79 -25.96
N VAL E 78 -6.00 -43.67 -25.26
CA VAL E 78 -7.17 -43.02 -24.68
C VAL E 78 -8.01 -42.33 -25.76
N GLU E 79 -7.36 -41.84 -26.84
CA GLU E 79 -8.11 -41.20 -27.90
C GLU E 79 -8.98 -42.20 -28.66
N ALA E 80 -8.48 -43.42 -28.83
CA ALA E 80 -9.27 -44.45 -29.52
C ALA E 80 -10.44 -44.90 -28.65
N ALA E 81 -10.20 -45.09 -27.36
CA ALA E 81 -11.25 -45.56 -26.46
C ALA E 81 -12.24 -44.46 -26.10
N LYS E 82 -11.82 -43.20 -26.13
CA LYS E 82 -12.73 -42.10 -25.83
C LYS E 82 -13.84 -42.00 -26.87
N GLN E 83 -13.49 -42.20 -28.15
CA GLN E 83 -14.46 -42.14 -29.22
C GLN E 83 -15.19 -43.46 -29.45
N ALA E 84 -14.60 -44.58 -29.03
CA ALA E 84 -15.28 -45.87 -29.18
C ALA E 84 -16.42 -46.01 -28.19
N GLY E 85 -16.18 -45.65 -26.93
CA GLY E 85 -17.20 -45.74 -25.91
C GLY E 85 -17.14 -46.97 -25.03
N ASP E 86 -16.04 -47.70 -25.02
CA ASP E 86 -15.90 -48.90 -24.20
C ASP E 86 -15.39 -48.52 -22.82
N ASN E 87 -16.13 -48.94 -21.78
CA ASN E 87 -15.78 -48.55 -20.42
C ASN E 87 -14.67 -49.41 -19.84
N ASP E 88 -14.50 -50.64 -20.33
CA ASP E 88 -13.52 -51.53 -19.74
C ASP E 88 -12.10 -51.13 -20.14
N VAL E 89 -11.89 -50.76 -21.40
CA VAL E 89 -10.55 -50.37 -21.84
C VAL E 89 -10.15 -49.02 -21.27
N LEU E 90 -11.12 -48.14 -21.02
CA LEU E 90 -10.82 -46.85 -20.40
C LEU E 90 -10.28 -47.04 -18.99
N ARG E 91 -10.81 -48.03 -18.26
CA ARG E 91 -10.30 -48.32 -16.92
C ARG E 91 -8.91 -48.95 -16.98
N LYS E 92 -8.60 -49.68 -18.06
CA LYS E 92 -7.28 -50.27 -18.20
C LYS E 92 -6.25 -49.23 -18.64
N VAL E 93 -6.64 -48.30 -19.52
CA VAL E 93 -5.73 -47.23 -19.91
C VAL E 93 -5.47 -46.31 -18.73
N ALA E 94 -6.49 -46.06 -17.90
CA ALA E 94 -6.33 -45.17 -16.75
C ALA E 94 -5.36 -45.76 -15.75
N GLU E 95 -5.50 -47.06 -15.44
CA GLU E 95 -4.57 -47.71 -14.51
C GLU E 95 -3.18 -47.84 -15.11
N GLN E 96 -3.09 -48.05 -16.43
CA GLN E 96 -1.79 -48.15 -17.07
C GLN E 96 -1.11 -46.80 -17.18
N ALA E 97 -1.89 -45.73 -17.41
CA ALA E 97 -1.30 -44.40 -17.46
C ALA E 97 -0.76 -43.97 -16.10
N LEU E 98 -1.35 -44.47 -15.02
CA LEU E 98 -0.83 -44.19 -13.68
C LEU E 98 0.55 -44.79 -13.50
N ARG E 99 0.78 -45.99 -14.05
CA ARG E 99 2.10 -46.59 -13.99
C ARG E 99 3.12 -45.75 -14.75
N ILE E 100 2.75 -45.27 -15.94
CA ILE E 100 3.65 -44.42 -16.71
C ILE E 100 3.95 -43.13 -15.95
N ALA E 101 2.98 -42.64 -15.17
CA ALA E 101 3.21 -41.43 -14.40
C ALA E 101 4.12 -41.71 -13.20
N LYS E 102 3.89 -42.83 -12.52
CA LYS E 102 4.73 -43.16 -11.35
C LYS E 102 6.13 -43.57 -11.77
N GLU E 103 6.28 -44.19 -12.95
CA GLU E 103 7.60 -44.50 -13.46
C GLU E 103 8.36 -43.23 -13.85
N ALA E 104 7.68 -42.32 -14.58
CA ALA E 104 8.32 -41.08 -15.00
C ALA E 104 8.65 -40.18 -13.82
N GLU E 105 7.93 -40.33 -12.70
CA GLU E 105 8.29 -39.61 -11.49
C GLU E 105 9.64 -40.09 -10.96
N LYS E 106 9.86 -41.40 -10.97
CA LYS E 106 11.15 -41.94 -10.56
C LYS E 106 12.24 -41.58 -11.56
N GLN E 107 11.90 -41.57 -12.86
CA GLN E 107 12.86 -41.20 -13.90
C GLN E 107 13.28 -39.73 -13.83
N GLY E 108 12.69 -38.94 -12.93
CA GLY E 108 12.98 -37.54 -12.83
C GLY E 108 12.31 -36.67 -13.87
N ASN E 109 11.47 -37.25 -14.73
CA ASN E 109 10.77 -36.51 -15.78
C ASN E 109 9.35 -36.24 -15.30
N VAL E 110 9.17 -35.11 -14.62
CA VAL E 110 7.84 -34.75 -14.12
C VAL E 110 6.93 -34.30 -15.25
N ASP E 111 7.50 -33.79 -16.35
CA ASP E 111 6.69 -33.37 -17.49
C ASP E 111 5.94 -34.56 -18.10
N VAL E 112 6.66 -35.65 -18.37
CA VAL E 112 6.03 -36.87 -18.84
C VAL E 112 5.12 -37.45 -17.76
N ALA E 113 5.53 -37.35 -16.51
CA ALA E 113 4.70 -37.84 -15.41
C ALA E 113 3.38 -37.09 -15.33
N ALA E 114 3.42 -35.78 -15.59
CA ALA E 114 2.17 -35.01 -15.63
C ALA E 114 1.34 -35.35 -16.85
N LYS E 115 1.98 -35.51 -18.01
CA LYS E 115 1.25 -35.86 -19.22
C LYS E 115 0.62 -37.25 -19.10
N ALA E 116 1.26 -38.17 -18.39
CA ALA E 116 0.67 -39.48 -18.17
C ALA E 116 -0.49 -39.40 -17.18
N ALA E 117 -0.44 -38.45 -16.25
CA ALA E 117 -1.55 -38.25 -15.33
C ALA E 117 -2.76 -37.67 -16.05
N GLN E 118 -2.52 -36.78 -17.02
CA GLN E 118 -3.63 -36.22 -17.80
C GLN E 118 -4.37 -37.30 -18.56
N VAL E 119 -3.63 -38.20 -19.21
CA VAL E 119 -4.25 -39.33 -19.90
C VAL E 119 -4.99 -40.21 -18.90
N ALA E 120 -4.42 -40.39 -17.71
CA ALA E 120 -5.11 -41.16 -16.67
C ALA E 120 -6.39 -40.48 -16.24
N ALA E 121 -6.36 -39.16 -16.08
CA ALA E 121 -7.58 -38.41 -15.78
C ALA E 121 -8.50 -38.32 -16.98
N GLU E 122 -7.95 -38.41 -18.20
CA GLU E 122 -8.77 -38.35 -19.39
C GLU E 122 -9.67 -39.58 -19.50
N ALA E 123 -9.11 -40.77 -19.29
CA ALA E 123 -9.89 -41.99 -19.43
C ALA E 123 -10.81 -42.21 -18.23
N ALA E 124 -10.33 -41.89 -17.02
CA ALA E 124 -11.15 -42.10 -15.83
C ALA E 124 -12.36 -41.19 -15.80
N LYS E 125 -12.24 -39.98 -16.36
CA LYS E 125 -13.38 -39.06 -16.39
C LYS E 125 -14.46 -39.57 -17.34
N GLN E 126 -14.07 -39.98 -18.55
CA GLN E 126 -15.04 -40.44 -19.54
C GLN E 126 -15.68 -41.76 -19.13
N ALA E 127 -14.96 -42.59 -18.36
CA ALA E 127 -15.50 -43.87 -17.93
C ALA E 127 -16.36 -43.74 -16.68
N GLY E 128 -16.22 -42.66 -15.92
CA GLY E 128 -17.03 -42.48 -14.73
C GLY E 128 -16.58 -43.27 -13.53
N ASP E 129 -15.27 -43.44 -13.35
CA ASP E 129 -14.72 -44.18 -12.23
C ASP E 129 -14.30 -43.18 -11.15
N LYS E 130 -15.08 -43.11 -10.07
CA LYS E 130 -14.77 -42.16 -9.00
C LYS E 130 -13.54 -42.58 -8.22
N ASP E 131 -13.33 -43.88 -8.05
CA ASP E 131 -12.16 -44.36 -7.32
C ASP E 131 -10.87 -44.11 -8.09
N MET E 132 -10.93 -44.16 -9.42
CA MET E 132 -9.74 -43.90 -10.22
C MET E 132 -9.46 -42.40 -10.33
N LEU E 133 -10.52 -41.58 -10.44
CA LEU E 133 -10.33 -40.14 -10.58
C LEU E 133 -9.63 -39.56 -9.35
N GLU E 134 -10.09 -39.93 -8.16
CA GLU E 134 -9.43 -39.45 -6.95
C GLU E 134 -8.00 -39.99 -6.85
N LYS E 135 -7.75 -41.19 -7.39
CA LYS E 135 -6.40 -41.73 -7.38
C LYS E 135 -5.50 -40.93 -8.32
N VAL E 136 -6.01 -40.55 -9.48
CA VAL E 136 -5.24 -39.71 -10.39
C VAL E 136 -4.98 -38.34 -9.77
N ALA E 137 -5.93 -37.85 -8.97
CA ALA E 137 -5.74 -36.55 -8.32
C ALA E 137 -4.63 -36.60 -7.27
N LYS E 138 -4.54 -37.71 -6.54
CA LYS E 138 -3.49 -37.83 -5.53
C LYS E 138 -2.14 -38.15 -6.14
N VAL E 139 -2.11 -38.81 -7.30
CA VAL E 139 -0.84 -39.02 -8.01
C VAL E 139 -0.34 -37.71 -8.59
N ALA E 140 -1.24 -36.90 -9.15
CA ALA E 140 -0.84 -35.61 -9.68
C ALA E 140 -0.41 -34.66 -8.56
N GLU E 141 -0.92 -34.87 -7.34
CA GLU E 141 -0.47 -34.07 -6.22
C GLU E 141 0.95 -34.44 -5.80
N GLN E 142 1.34 -35.72 -5.97
CA GLN E 142 2.71 -36.11 -5.68
C GLN E 142 3.66 -35.60 -6.75
N ILE E 143 3.24 -35.61 -8.01
CA ILE E 143 4.05 -35.04 -9.08
C ILE E 143 4.25 -33.55 -8.85
N ALA E 144 3.20 -32.87 -8.35
CA ALA E 144 3.31 -31.44 -8.08
C ALA E 144 4.29 -31.16 -6.95
N LYS E 145 4.23 -31.96 -5.87
CA LYS E 145 5.19 -31.79 -4.78
C LYS E 145 6.59 -32.18 -5.22
N ALA E 146 6.71 -33.13 -6.15
CA ALA E 146 8.03 -33.50 -6.66
C ALA E 146 8.60 -32.39 -7.54
N ALA E 147 7.77 -31.78 -8.37
CA ALA E 147 8.23 -30.66 -9.18
C ALA E 147 8.57 -29.44 -8.33
N GLU E 148 7.86 -29.24 -7.22
CA GLU E 148 8.21 -28.17 -6.29
C GLU E 148 9.61 -28.37 -5.74
N LYS E 149 9.98 -29.63 -5.46
CA LYS E 149 11.35 -29.90 -5.01
C LYS E 149 12.34 -29.75 -6.16
N GLU E 150 11.94 -30.13 -7.38
CA GLU E 150 12.80 -29.95 -8.54
C GLU E 150 12.93 -28.49 -8.94
N GLY E 151 12.18 -27.58 -8.34
CA GLY E 151 12.25 -26.18 -8.71
C GLY E 151 11.86 -25.92 -10.15
N ASP E 152 10.83 -26.61 -10.64
CA ASP E 152 10.42 -26.52 -12.04
C ASP E 152 9.33 -25.46 -12.24
N LYS E 153 8.26 -25.53 -11.44
CA LYS E 153 7.14 -24.59 -11.47
C LYS E 153 6.32 -24.69 -12.75
N LYS E 154 6.99 -25.02 -13.86
CA LYS E 154 6.27 -25.20 -15.13
C LYS E 154 5.34 -26.41 -15.05
N VAL E 155 5.86 -27.54 -14.56
CA VAL E 155 5.02 -28.74 -14.43
C VAL E 155 4.25 -28.73 -13.11
N SER E 156 4.81 -28.10 -12.07
CA SER E 156 4.13 -28.08 -10.78
C SER E 156 2.76 -27.43 -10.87
N ILE E 157 2.65 -26.32 -11.63
CA ILE E 157 1.36 -25.66 -11.77
C ILE E 157 0.43 -26.51 -12.63
N ASP E 158 0.95 -27.12 -13.69
CA ASP E 158 0.13 -28.02 -14.51
C ASP E 158 -0.22 -29.31 -13.79
N ALA E 159 0.59 -29.72 -12.81
CA ALA E 159 0.28 -30.93 -12.06
C ALA E 159 -0.83 -30.70 -11.05
N THR E 160 -0.89 -29.51 -10.46
CA THR E 160 -2.01 -29.18 -9.57
C THR E 160 -3.29 -28.98 -10.37
N ARG E 161 -3.18 -28.46 -11.60
CA ARG E 161 -4.36 -28.31 -12.44
C ARG E 161 -4.98 -29.67 -12.76
N ILE E 162 -4.15 -30.65 -13.07
CA ILE E 162 -4.66 -32.00 -13.33
C ILE E 162 -5.20 -32.63 -12.06
N ALA E 163 -4.55 -32.38 -10.93
CA ALA E 163 -5.05 -32.88 -9.65
C ALA E 163 -6.39 -32.27 -9.31
N LEU E 164 -6.56 -30.97 -9.60
CA LEU E 164 -7.83 -30.30 -9.32
C LEU E 164 -8.92 -30.77 -10.28
N GLU E 165 -8.61 -30.87 -11.57
CA GLU E 165 -9.61 -31.31 -12.54
C GLU E 165 -10.03 -32.75 -12.29
N ALA E 166 -9.11 -33.59 -11.80
CA ALA E 166 -9.45 -34.98 -11.53
C ALA E 166 -10.31 -35.11 -10.28
N SER E 167 -10.01 -34.33 -9.23
CA SER E 167 -10.80 -34.40 -8.02
C SER E 167 -12.15 -33.71 -8.18
N LEU E 168 -12.22 -32.66 -9.00
CA LEU E 168 -13.50 -32.03 -9.28
C LEU E 168 -14.43 -32.96 -10.04
N ALA E 169 -13.88 -33.75 -10.97
CA ALA E 169 -14.70 -34.71 -11.71
C ALA E 169 -15.23 -35.80 -10.80
N ALA E 170 -14.41 -36.30 -9.88
CA ALA E 170 -14.88 -37.30 -8.93
C ALA E 170 -15.94 -36.74 -8.00
N LEU E 171 -15.88 -35.42 -7.73
CA LEU E 171 -16.91 -34.80 -6.90
C LEU E 171 -18.25 -34.76 -7.61
N GLU E 172 -18.25 -34.68 -8.94
CA GLU E 172 -19.50 -34.69 -9.68
C GLU E 172 -20.14 -36.08 -9.66
N ILE E 173 -19.33 -37.13 -9.77
CA ILE E 173 -19.87 -38.48 -9.73
C ILE E 173 -20.49 -38.79 -8.37
N ILE E 174 -19.82 -38.37 -7.29
CA ILE E 174 -20.39 -38.56 -5.96
C ILE E 174 -21.68 -37.75 -5.81
N LEU E 175 -21.71 -36.55 -6.38
CA LEU E 175 -22.92 -35.74 -6.33
C LEU E 175 -24.07 -36.41 -7.07
N GLU E 176 -23.77 -37.04 -8.21
CA GLU E 176 -24.81 -37.75 -8.95
C GLU E 176 -25.31 -38.96 -8.17
N GLU E 177 -24.41 -39.69 -7.50
CA GLU E 177 -24.83 -40.82 -6.68
C GLU E 177 -25.67 -40.37 -5.50
N LEU E 178 -25.41 -39.16 -4.97
CA LEU E 178 -26.19 -38.67 -3.85
C LEU E 178 -27.62 -38.32 -4.28
N LYS E 179 -27.76 -37.74 -5.47
CA LYS E 179 -29.09 -37.44 -5.99
C LYS E 179 -29.82 -38.67 -6.51
N GLU E 180 -29.09 -39.74 -6.83
CA GLU E 180 -29.74 -41.02 -7.11
C GLU E 180 -30.28 -41.65 -5.83
N MET E 181 -29.56 -41.49 -4.73
CA MET E 181 -30.05 -41.98 -3.44
C MET E 181 -31.14 -41.10 -2.87
N LEU E 182 -31.15 -39.81 -3.24
CA LEU E 182 -32.21 -38.91 -2.76
C LEU E 182 -33.56 -39.28 -3.34
N GLU E 183 -33.61 -39.51 -4.66
CA GLU E 183 -34.87 -39.88 -5.31
C GLU E 183 -35.34 -41.27 -4.89
N ARG E 184 -34.44 -42.12 -4.39
CA ARG E 184 -34.84 -43.40 -3.83
C ARG E 184 -35.50 -43.23 -2.47
N LEU E 185 -35.03 -42.26 -1.67
CA LEU E 185 -35.69 -41.97 -0.40
C LEU E 185 -37.08 -41.42 -0.63
N GLU E 186 -37.30 -40.75 -1.75
CA GLU E 186 -38.63 -40.28 -2.11
C GLU E 186 -39.51 -41.46 -2.48
N LYS E 187 -40.75 -41.45 -1.99
CA LYS E 187 -41.71 -42.52 -2.20
C LYS E 187 -41.30 -43.81 -1.49
N ASN E 188 -40.17 -43.79 -0.78
CA ASN E 188 -39.70 -44.95 -0.02
C ASN E 188 -38.87 -44.46 1.17
N PRO E 189 -39.52 -43.84 2.16
CA PRO E 189 -38.78 -43.40 3.35
C PRO E 189 -38.50 -44.55 4.29
N ASP E 190 -37.28 -44.58 4.82
CA ASP E 190 -36.87 -45.65 5.73
C ASP E 190 -35.61 -45.22 6.44
N LYS E 191 -35.45 -45.70 7.69
CA LYS E 191 -34.25 -45.37 8.45
C LYS E 191 -33.01 -45.98 7.82
N ASP E 192 -33.15 -47.13 7.15
CA ASP E 192 -31.99 -47.72 6.46
C ASP E 192 -31.59 -46.89 5.25
N VAL E 193 -32.57 -46.31 4.56
CA VAL E 193 -32.26 -45.45 3.42
C VAL E 193 -31.62 -44.15 3.89
N ILE E 194 -32.11 -43.60 5.02
CA ILE E 194 -31.55 -42.36 5.56
C ILE E 194 -30.07 -42.55 5.90
N VAL E 195 -29.74 -43.70 6.51
CA VAL E 195 -28.34 -43.98 6.84
C VAL E 195 -27.50 -44.07 5.57
N LYS E 196 -28.04 -44.74 4.53
CA LYS E 196 -27.29 -44.86 3.28
C LYS E 196 -27.07 -43.50 2.62
N VAL E 197 -28.04 -42.59 2.75
CA VAL E 197 -27.87 -41.26 2.20
C VAL E 197 -26.86 -40.46 3.03
N LEU E 198 -26.92 -40.60 4.36
CA LEU E 198 -25.96 -39.92 5.22
C LEU E 198 -24.53 -40.35 4.91
N LYS E 199 -24.34 -41.64 4.60
CA LYS E 199 -23.00 -42.11 4.26
C LYS E 199 -22.51 -41.50 2.95
N VAL E 200 -23.43 -41.23 2.01
CA VAL E 200 -23.02 -40.60 0.77
C VAL E 200 -22.77 -39.11 0.96
N ILE E 201 -23.50 -38.46 1.86
CA ILE E 201 -23.27 -37.04 2.14
C ILE E 201 -21.88 -36.84 2.72
N VAL E 202 -21.46 -37.74 3.62
CA VAL E 202 -20.12 -37.63 4.20
C VAL E 202 -19.08 -37.83 3.11
N LYS E 203 -19.28 -38.81 2.22
CA LYS E 203 -18.36 -39.01 1.11
C LYS E 203 -18.30 -37.78 0.21
N ALA E 204 -19.43 -37.10 0.03
CA ALA E 204 -19.45 -35.90 -0.80
C ALA E 204 -18.75 -34.74 -0.10
N ILE E 205 -18.94 -34.59 1.21
CA ILE E 205 -18.21 -33.57 1.94
C ILE E 205 -16.73 -33.89 1.98
N GLU E 206 -16.39 -35.18 2.05
CA GLU E 206 -14.98 -35.57 2.02
C GLU E 206 -14.34 -35.25 0.68
N ALA E 207 -15.06 -35.46 -0.43
CA ALA E 207 -14.52 -35.13 -1.74
C ALA E 207 -14.50 -33.62 -1.97
N SER E 208 -15.42 -32.88 -1.33
CA SER E 208 -15.43 -31.43 -1.48
C SER E 208 -14.29 -30.79 -0.70
N VAL E 209 -14.05 -31.24 0.53
CA VAL E 209 -12.98 -30.67 1.34
C VAL E 209 -11.62 -30.98 0.73
N LYS E 210 -11.45 -32.20 0.19
CA LYS E 210 -10.22 -32.51 -0.52
C LYS E 210 -10.11 -31.70 -1.81
N ASN E 211 -11.24 -31.42 -2.46
CA ASN E 211 -11.20 -30.61 -3.67
C ASN E 211 -10.79 -29.16 -3.35
N GLN E 212 -11.28 -28.63 -2.23
CA GLN E 212 -10.82 -27.30 -1.82
C GLN E 212 -9.38 -27.35 -1.32
N LYS E 213 -8.95 -28.49 -0.80
CA LYS E 213 -7.55 -28.64 -0.42
C LYS E 213 -6.64 -28.55 -1.63
N ILE E 214 -7.03 -29.19 -2.74
CA ILE E 214 -6.27 -29.07 -3.97
C ILE E 214 -6.42 -27.68 -4.56
N SER E 215 -7.59 -27.06 -4.38
CA SER E 215 -7.80 -25.72 -4.91
C SER E 215 -6.86 -24.70 -4.28
N ALA E 216 -6.62 -24.83 -2.97
CA ALA E 216 -5.68 -23.93 -2.31
C ALA E 216 -4.26 -24.16 -2.78
N LYS E 217 -3.93 -25.40 -3.14
CA LYS E 217 -2.60 -25.69 -3.68
C LYS E 217 -2.39 -25.04 -5.03
N ASN E 218 -3.41 -25.07 -5.89
CA ASN E 218 -3.30 -24.45 -7.21
C ASN E 218 -3.22 -22.93 -7.11
N GLN E 219 -3.90 -22.34 -6.12
CA GLN E 219 -3.72 -20.92 -5.87
C GLN E 219 -2.33 -20.63 -5.31
N LYS E 220 -1.83 -21.51 -4.44
CA LYS E 220 -0.47 -21.37 -3.92
C LYS E 220 0.55 -21.43 -5.04
N ALA E 221 0.37 -22.35 -5.99
CA ALA E 221 1.28 -22.44 -7.13
C ALA E 221 1.21 -21.17 -7.98
N LEU E 222 0.01 -20.65 -8.21
CA LEU E 222 -0.11 -19.40 -8.97
C LEU E 222 0.46 -18.22 -8.21
N ALA E 223 0.40 -18.26 -6.88
CA ALA E 223 0.95 -17.16 -6.08
C ALA E 223 2.47 -17.16 -6.10
N GLU E 224 3.09 -18.35 -6.22
CA GLU E 224 4.54 -18.41 -6.31
C GLU E 224 5.05 -17.87 -7.63
N LEU E 225 4.26 -18.00 -8.70
CA LEU E 225 4.66 -17.49 -10.00
C LEU E 225 4.52 -15.96 -10.07
N ALA E 226 3.38 -15.44 -9.65
CA ALA E 226 3.13 -14.00 -9.69
C ALA E 226 3.85 -13.31 -8.54
N ARG F 7 2.36 53.05 40.33
CA ARG F 7 2.35 51.59 40.26
C ARG F 7 3.77 51.07 40.11
N ALA F 8 4.69 51.96 39.73
CA ALA F 8 6.09 51.56 39.56
C ALA F 8 6.79 51.34 40.90
N LEU F 9 6.59 52.26 41.84
CA LEU F 9 7.22 52.12 43.16
C LEU F 9 6.72 50.87 43.87
N GLU F 10 5.40 50.73 44.01
CA GLU F 10 4.83 49.60 44.74
C GLU F 10 5.15 48.26 44.08
N ALA F 11 5.50 48.28 42.79
CA ALA F 11 5.90 47.05 42.10
C ALA F 11 7.38 46.74 42.28
N LEU F 12 8.22 47.76 42.46
CA LEU F 12 9.65 47.52 42.63
C LEU F 12 10.04 47.29 44.08
N LYS F 13 9.49 48.09 45.02
CA LYS F 13 9.85 47.91 46.41
C LYS F 13 9.23 46.64 47.00
N ARG F 14 8.07 46.22 46.49
CA ARG F 14 7.53 44.92 46.85
C ARG F 14 8.31 43.79 46.19
N ALA F 15 9.00 44.08 45.09
CA ALA F 15 9.90 43.12 44.45
C ALA F 15 11.33 43.24 44.94
N GLN F 16 11.64 44.23 45.80
CA GLN F 16 12.97 44.36 46.39
C GLN F 16 13.30 43.24 47.37
N GLU F 17 12.46 42.22 47.47
CA GLU F 17 12.75 41.04 48.29
C GLU F 17 13.87 40.23 47.63
N ALA F 18 14.02 38.98 48.05
CA ALA F 18 15.16 38.15 47.65
C ALA F 18 16.41 38.92 48.06
N GLU F 19 17.43 39.04 47.21
CA GLU F 19 18.66 39.74 47.55
C GLU F 19 19.24 39.12 48.82
N LYS F 20 19.89 37.97 48.67
CA LYS F 20 20.47 37.21 49.77
C LYS F 20 19.40 36.62 50.70
N LYS F 21 18.13 36.81 50.34
CA LYS F 21 17.04 36.18 51.08
C LYS F 21 16.62 34.85 50.45
N GLY F 22 16.35 34.85 49.14
CA GLY F 22 16.09 33.62 48.41
C GLY F 22 14.68 33.45 47.89
N ASP F 23 13.72 34.24 48.36
CA ASP F 23 12.33 34.09 47.92
C ASP F 23 12.15 34.70 46.54
N VAL F 24 11.68 33.89 45.59
CA VAL F 24 11.55 34.32 44.21
C VAL F 24 10.11 34.27 43.71
N GLU F 25 9.22 33.49 44.35
CA GLU F 25 7.86 33.32 43.83
C GLU F 25 7.09 34.63 43.84
N GLU F 26 6.95 35.25 45.00
CA GLU F 26 6.23 36.52 45.09
C GLU F 26 6.98 37.66 44.44
N ALA F 27 8.26 37.49 44.12
CA ALA F 27 9.03 38.53 43.46
C ALA F 27 8.89 38.50 41.95
N VAL F 28 8.71 37.32 41.35
CA VAL F 28 8.36 37.27 39.94
C VAL F 28 6.89 37.61 39.75
N ARG F 29 6.06 37.35 40.78
CA ARG F 29 4.68 37.82 40.75
C ARG F 29 4.58 39.34 40.88
N ALA F 30 5.64 39.99 41.35
CA ALA F 30 5.68 41.43 41.42
C ALA F 30 6.25 42.07 40.16
N ALA F 31 7.10 41.34 39.42
CA ALA F 31 7.64 41.87 38.17
C ALA F 31 6.61 41.88 37.06
N GLN F 32 5.58 41.04 37.14
CA GLN F 32 4.55 41.01 36.11
C GLN F 32 3.60 42.20 36.24
N GLU F 33 3.35 42.67 37.46
CA GLU F 33 2.60 43.92 37.64
C GLU F 33 3.44 45.12 37.23
N ALA F 34 4.77 44.99 37.27
CA ALA F 34 5.63 46.05 36.78
C ALA F 34 5.54 46.15 35.27
N VAL F 35 5.47 45.01 34.58
CA VAL F 35 5.44 45.04 33.11
C VAL F 35 4.03 45.32 32.62
N ARG F 36 3.01 44.95 33.39
CA ARG F 36 1.63 45.19 32.96
C ARG F 36 1.37 46.67 32.80
N ALA F 37 1.76 47.47 33.79
CA ALA F 37 1.62 48.92 33.66
C ALA F 37 2.68 49.49 32.74
N ALA F 38 3.82 48.81 32.58
CA ALA F 38 4.93 49.38 31.83
C ALA F 38 4.58 49.55 30.36
N LYS F 39 3.77 48.65 29.81
CA LYS F 39 3.37 48.78 28.42
C LYS F 39 2.58 50.06 28.18
N GLU F 40 1.64 50.38 29.09
CA GLU F 40 0.97 51.67 29.03
C GLU F 40 1.92 52.79 29.46
N SER F 41 2.78 52.53 30.46
CA SER F 41 3.64 53.56 31.00
C SER F 41 4.72 53.98 30.01
N GLY F 42 5.22 53.03 29.23
CA GLY F 42 6.37 53.32 28.38
C GLY F 42 7.56 53.67 29.24
N ALA F 43 8.17 54.83 28.96
CA ALA F 43 9.29 55.38 29.72
C ALA F 43 10.49 54.45 29.72
N SER F 44 11.49 54.76 28.91
CA SER F 44 12.66 53.88 28.75
C SER F 44 13.33 53.62 30.10
N TRP F 45 13.39 54.63 30.96
CA TRP F 45 14.01 54.44 32.27
C TRP F 45 13.26 53.40 33.08
N ILE F 46 11.93 53.52 33.16
CA ILE F 46 11.13 52.54 33.88
C ILE F 46 11.26 51.16 33.22
N LEU F 47 11.30 51.13 31.88
CA LEU F 47 11.42 49.86 31.18
C LEU F 47 12.75 49.18 31.51
N ARG F 48 13.85 49.92 31.46
CA ARG F 48 15.15 49.33 31.76
C ARG F 48 15.24 48.91 33.22
N LEU F 49 14.64 49.69 34.12
CA LEU F 49 14.67 49.31 35.53
C LEU F 49 13.92 48.01 35.76
N VAL F 50 12.76 47.86 35.13
CA VAL F 50 12.01 46.60 35.26
C VAL F 50 12.78 45.46 34.60
N ALA F 51 13.44 45.73 33.48
CA ALA F 51 14.17 44.67 32.78
C ALA F 51 15.42 44.27 33.54
N GLU F 52 16.19 45.25 34.03
CA GLU F 52 17.42 44.95 34.74
C GLU F 52 17.13 44.20 36.04
N GLN F 53 16.08 44.60 36.76
CA GLN F 53 15.68 43.85 37.94
C GLN F 53 15.25 42.45 37.58
N ALA F 54 14.56 42.29 36.45
CA ALA F 54 14.17 40.97 35.98
C ALA F 54 15.37 40.14 35.55
N LEU F 55 16.51 40.78 35.28
CA LEU F 55 17.74 40.03 35.01
C LEU F 55 18.46 39.67 36.29
N ARG F 56 18.42 40.56 37.29
CA ARG F 56 18.99 40.26 38.60
C ARG F 56 18.29 39.05 39.22
N ILE F 57 16.95 39.06 39.20
CA ILE F 57 16.20 37.96 39.80
C ILE F 57 16.33 36.70 38.95
N ALA F 58 16.57 36.85 37.65
CA ALA F 58 16.86 35.68 36.82
C ALA F 58 18.23 35.11 37.11
N LYS F 59 19.23 35.99 37.32
CA LYS F 59 20.53 35.53 37.77
C LYS F 59 20.45 34.94 39.17
N GLU F 60 19.54 35.45 40.01
CA GLU F 60 19.33 34.86 41.33
C GLU F 60 18.58 33.53 41.22
N ALA F 61 17.75 33.37 40.18
CA ALA F 61 16.99 32.15 40.00
C ALA F 61 17.79 31.03 39.35
N GLU F 62 18.84 31.37 38.60
CA GLU F 62 19.71 30.34 38.06
C GLU F 62 20.48 29.62 39.17
N LYS F 63 20.68 30.27 40.31
CA LYS F 63 21.16 29.60 41.51
C LYS F 63 19.99 28.95 42.23
N GLN F 64 20.29 28.22 43.29
CA GLN F 64 19.29 27.55 44.12
C GLN F 64 18.44 26.54 43.34
N GLY F 65 18.83 26.23 42.10
CA GLY F 65 18.00 25.38 41.27
C GLY F 65 16.71 26.08 40.89
N ASN F 66 15.65 25.28 40.76
CA ASN F 66 14.31 25.77 40.45
C ASN F 66 14.33 26.64 39.19
N VAL F 67 14.59 25.97 38.06
CA VAL F 67 14.60 26.65 36.77
C VAL F 67 13.21 27.02 36.30
N GLU F 68 12.16 26.53 36.97
CA GLU F 68 10.81 26.92 36.61
C GLU F 68 10.57 28.40 36.85
N VAL F 69 11.03 28.93 37.99
CA VAL F 69 10.89 30.35 38.27
C VAL F 69 11.93 31.19 37.55
N ALA F 70 12.96 30.56 36.97
CA ALA F 70 13.96 31.32 36.23
C ALA F 70 13.44 31.78 34.87
N VAL F 71 12.55 31.00 34.25
CA VAL F 71 11.98 31.41 32.97
C VAL F 71 10.86 32.43 33.18
N LYS F 72 10.19 32.41 34.33
CA LYS F 72 9.24 33.47 34.65
C LYS F 72 9.96 34.82 34.76
N ALA F 73 11.12 34.82 35.42
CA ALA F 73 11.91 36.04 35.53
C ALA F 73 12.57 36.41 34.20
N ALA F 74 12.79 35.42 33.34
CA ALA F 74 13.39 35.69 32.03
C ALA F 74 12.38 36.20 31.03
N ARG F 75 11.12 35.72 31.11
CA ARG F 75 10.12 36.18 30.16
C ARG F 75 9.65 37.60 30.46
N VAL F 76 9.62 37.99 31.75
CA VAL F 76 9.31 39.37 32.09
C VAL F 76 10.48 40.29 31.81
N ALA F 77 11.69 39.74 31.65
CA ALA F 77 12.83 40.55 31.25
C ALA F 77 12.76 40.89 29.77
N VAL F 78 12.29 39.95 28.94
CA VAL F 78 12.09 40.25 27.53
C VAL F 78 10.74 40.93 27.28
N GLU F 79 9.77 40.75 28.18
CA GLU F 79 8.51 41.46 28.06
C GLU F 79 8.68 42.95 28.35
N ALA F 80 9.77 43.35 29.00
CA ALA F 80 10.05 44.74 29.28
C ALA F 80 11.17 45.31 28.41
N ALA F 81 11.93 44.45 27.74
CA ALA F 81 13.04 44.90 26.91
C ALA F 81 12.66 45.06 25.45
N LYS F 82 11.56 44.44 25.01
CA LYS F 82 11.13 44.60 23.62
C LYS F 82 10.36 45.90 23.39
N GLN F 83 9.85 46.52 24.45
CA GLN F 83 9.32 47.88 24.32
C GLN F 83 10.45 48.91 24.37
N ALA F 84 11.55 48.59 25.03
CA ALA F 84 12.69 49.50 25.10
C ALA F 84 13.45 49.49 23.78
N GLY F 85 13.93 50.67 23.38
CA GLY F 85 14.63 50.80 22.13
C GLY F 85 16.14 50.81 22.29
N ASP F 86 16.65 50.03 23.23
CA ASP F 86 18.09 49.97 23.47
C ASP F 86 18.76 48.84 22.69
N ASN F 87 18.04 47.75 22.42
CA ASN F 87 18.52 46.60 21.66
C ASN F 87 19.61 45.83 22.39
N ASP F 88 20.44 46.52 23.17
CA ASP F 88 21.50 45.84 23.92
C ASP F 88 20.91 45.07 25.11
N VAL F 89 19.89 45.64 25.76
CA VAL F 89 19.21 44.92 26.84
C VAL F 89 18.64 43.61 26.34
N LEU F 90 18.16 43.60 25.08
CA LEU F 90 17.72 42.36 24.47
C LEU F 90 18.86 41.38 24.28
N ARG F 91 20.08 41.89 24.06
CA ARG F 91 21.22 41.00 23.89
C ARG F 91 21.62 40.33 25.20
N LYS F 92 21.53 41.07 26.31
CA LYS F 92 21.91 40.51 27.60
C LYS F 92 20.91 39.47 28.07
N VAL F 93 19.60 39.75 27.93
CA VAL F 93 18.60 38.78 28.35
C VAL F 93 18.61 37.55 27.45
N ALA F 94 18.93 37.73 26.17
CA ALA F 94 19.04 36.58 25.27
C ALA F 94 20.16 35.66 25.70
N GLU F 95 21.32 36.24 26.05
CA GLU F 95 22.41 35.42 26.58
C GLU F 95 22.04 34.78 27.91
N GLN F 96 21.34 35.52 28.77
CA GLN F 96 20.94 34.96 30.06
C GLN F 96 19.87 33.89 29.88
N ALA F 97 18.98 34.07 28.91
CA ALA F 97 17.98 33.04 28.63
C ALA F 97 18.61 31.80 28.03
N LEU F 98 19.74 31.95 27.35
CA LEU F 98 20.47 30.78 26.84
C LEU F 98 21.04 29.96 27.98
N ARG F 99 21.67 30.62 28.96
CA ARG F 99 22.26 29.89 30.08
C ARG F 99 21.18 29.16 30.89
N ILE F 100 20.01 29.77 31.03
CA ILE F 100 18.90 29.09 31.70
C ILE F 100 18.50 27.84 30.93
N ALA F 101 18.55 27.91 29.59
CA ALA F 101 18.23 26.73 28.78
C ALA F 101 19.28 25.65 28.97
N LYS F 102 20.56 26.03 29.10
CA LYS F 102 21.61 25.04 29.31
C LYS F 102 21.44 24.33 30.65
N GLU F 103 21.10 25.08 31.70
CA GLU F 103 20.92 24.46 33.01
C GLU F 103 19.64 23.64 33.07
N ALA F 104 18.56 24.16 32.48
CA ALA F 104 17.31 23.40 32.46
C ALA F 104 17.46 22.08 31.70
N GLU F 105 18.40 22.03 30.77
CA GLU F 105 18.75 20.74 30.14
C GLU F 105 19.48 19.85 31.13
N LYS F 106 20.40 20.42 31.92
CA LYS F 106 21.13 19.64 32.92
C LYS F 106 20.20 19.11 34.00
N GLN F 107 19.15 19.85 34.34
CA GLN F 107 18.15 19.39 35.30
C GLN F 107 17.20 18.36 34.72
N GLY F 108 17.38 17.97 33.46
CA GLY F 108 16.46 17.05 32.81
C GLY F 108 15.08 17.61 32.55
N ASN F 109 14.86 18.90 32.80
CA ASN F 109 13.57 19.53 32.56
C ASN F 109 13.66 20.24 31.21
N VAL F 110 13.38 19.49 30.14
CA VAL F 110 13.41 20.05 28.79
C VAL F 110 12.23 20.97 28.51
N ASP F 111 11.19 20.93 29.35
CA ASP F 111 10.06 21.83 29.16
C ASP F 111 10.47 23.29 29.35
N VAL F 112 11.10 23.60 30.50
CA VAL F 112 11.57 24.96 30.73
C VAL F 112 12.84 25.26 29.94
N ALA F 113 13.50 24.24 29.38
CA ALA F 113 14.63 24.50 28.50
C ALA F 113 14.16 25.05 27.17
N ALA F 114 13.01 24.57 26.67
CA ALA F 114 12.41 25.12 25.47
C ALA F 114 11.76 26.47 25.73
N LYS F 115 11.17 26.65 26.91
CA LYS F 115 10.63 27.96 27.28
C LYS F 115 11.74 29.00 27.38
N ALA F 116 12.90 28.60 27.90
CA ALA F 116 14.04 29.52 27.95
C ALA F 116 14.58 29.80 26.55
N ALA F 117 14.57 28.78 25.68
CA ALA F 117 14.98 28.99 24.29
C ALA F 117 14.00 29.92 23.57
N GLN F 118 12.73 29.91 23.98
CA GLN F 118 11.77 30.86 23.44
C GLN F 118 12.16 32.28 23.79
N VAL F 119 12.38 32.54 25.09
CA VAL F 119 12.77 33.88 25.54
C VAL F 119 14.05 34.32 24.86
N ALA F 120 15.02 33.40 24.72
CA ALA F 120 16.26 33.73 24.03
C ALA F 120 16.00 34.02 22.55
N ALA F 121 14.97 33.42 21.97
CA ALA F 121 14.65 33.70 20.57
C ALA F 121 13.91 35.02 20.42
N GLU F 122 13.03 35.35 21.37
CA GLU F 122 12.29 36.60 21.30
C GLU F 122 13.23 37.79 21.34
N ALA F 123 14.15 37.81 22.30
CA ALA F 123 15.03 38.97 22.46
C ALA F 123 16.06 39.05 21.33
N ALA F 124 16.40 37.93 20.71
CA ALA F 124 17.39 37.95 19.64
C ALA F 124 16.81 38.47 18.33
N LYS F 125 15.56 38.09 18.02
CA LYS F 125 14.94 38.55 16.78
C LYS F 125 14.55 40.03 16.87
N GLN F 126 14.13 40.49 18.05
CA GLN F 126 13.77 41.90 18.22
C GLN F 126 14.98 42.81 18.13
N ALA F 127 16.15 42.34 18.57
CA ALA F 127 17.34 43.17 18.51
C ALA F 127 18.04 43.09 17.17
N GLY F 128 17.79 42.04 16.38
CA GLY F 128 18.43 41.92 15.09
C GLY F 128 19.87 41.46 15.15
N ASP F 129 20.18 40.51 16.02
CA ASP F 129 21.52 39.94 16.14
C ASP F 129 21.49 38.54 15.55
N LYS F 130 21.92 38.41 14.29
CA LYS F 130 21.88 37.12 13.62
C LYS F 130 22.86 36.14 14.24
N ASP F 131 23.96 36.63 14.84
CA ASP F 131 24.88 35.74 15.54
C ASP F 131 24.24 35.11 16.76
N MET F 132 23.23 35.75 17.34
CA MET F 132 22.51 35.19 18.47
C MET F 132 21.35 34.30 18.03
N LEU F 133 20.66 34.68 16.94
CA LEU F 133 19.55 33.89 16.44
C LEU F 133 20.02 32.48 16.06
N GLU F 134 21.12 32.38 15.31
CA GLU F 134 21.63 31.07 14.94
C GLU F 134 22.13 30.30 16.16
N LYS F 135 22.68 31.00 17.15
CA LYS F 135 23.13 30.33 18.36
C LYS F 135 21.94 29.80 19.18
N VAL F 136 20.84 30.55 19.22
CA VAL F 136 19.63 30.05 19.87
C VAL F 136 19.13 28.81 19.14
N ALA F 137 19.20 28.82 17.80
CA ALA F 137 18.83 27.64 17.03
C ALA F 137 19.79 26.49 17.33
N LYS F 138 21.07 26.79 17.51
CA LYS F 138 22.03 25.75 17.86
C LYS F 138 21.78 25.21 19.26
N VAL F 139 21.20 26.02 20.14
CA VAL F 139 20.81 25.54 21.47
C VAL F 139 19.42 24.91 21.44
N ALA F 140 18.52 25.41 20.58
CA ALA F 140 17.19 24.81 20.51
C ALA F 140 17.25 23.38 19.97
N GLU F 141 18.23 23.09 19.10
CA GLU F 141 18.39 21.72 18.63
C GLU F 141 19.00 20.83 19.70
N GLN F 142 19.78 21.41 20.62
CA GLN F 142 20.28 20.65 21.76
C GLN F 142 19.12 20.15 22.62
N ILE F 143 18.15 21.04 22.89
CA ILE F 143 16.96 20.63 23.63
C ILE F 143 16.13 19.65 22.83
N ALA F 144 16.09 19.83 21.51
CA ALA F 144 15.31 18.93 20.66
C ALA F 144 15.92 17.53 20.64
N LYS F 145 17.25 17.45 20.55
CA LYS F 145 17.91 16.14 20.57
C LYS F 145 17.92 15.54 21.97
N ALA F 146 17.96 16.38 23.01
CA ALA F 146 17.87 15.87 24.38
C ALA F 146 16.47 15.37 24.70
N ALA F 147 15.45 16.01 24.13
CA ALA F 147 14.08 15.53 24.32
C ALA F 147 13.85 14.19 23.62
N GLU F 148 14.51 13.97 22.48
CA GLU F 148 14.40 12.68 21.81
C GLU F 148 14.90 11.56 22.71
N LYS F 149 15.93 11.82 23.51
CA LYS F 149 16.44 10.82 24.44
C LYS F 149 15.58 10.72 25.69
N GLU F 150 14.94 11.80 26.10
CA GLU F 150 14.10 11.79 27.29
C GLU F 150 12.66 11.38 27.03
N GLY F 151 12.22 11.40 25.77
CA GLY F 151 10.82 11.21 25.47
C GLY F 151 10.08 12.53 25.43
N ASP F 152 8.76 12.44 25.64
CA ASP F 152 7.88 13.60 25.59
C ASP F 152 8.05 14.31 24.25
N LYS F 153 7.41 13.77 23.21
CA LYS F 153 7.60 14.30 21.86
C LYS F 153 7.09 15.73 21.71
N LYS F 154 6.19 16.17 22.59
CA LYS F 154 5.68 17.54 22.50
C LYS F 154 6.78 18.57 22.67
N VAL F 155 7.80 18.26 23.49
CA VAL F 155 8.89 19.21 23.70
C VAL F 155 9.84 19.22 22.51
N SER F 156 10.07 18.05 21.90
CA SER F 156 10.97 17.99 20.77
C SER F 156 10.41 18.73 19.56
N ILE F 157 9.11 18.57 19.30
CA ILE F 157 8.46 19.31 18.21
C ILE F 157 8.54 20.80 18.49
N ASP F 158 8.30 21.20 19.74
CA ASP F 158 8.35 22.62 20.09
C ASP F 158 9.76 23.16 20.03
N ALA F 159 10.75 22.34 20.40
CA ALA F 159 12.14 22.81 20.38
C ALA F 159 12.64 22.96 18.94
N THR F 160 12.27 22.03 18.06
CA THR F 160 12.63 22.18 16.65
C THR F 160 11.94 23.40 16.04
N ARG F 161 10.70 23.66 16.46
CA ARG F 161 10.00 24.86 15.99
C ARG F 161 10.76 26.12 16.39
N ILE F 162 11.30 26.16 17.61
CA ILE F 162 12.08 27.31 18.03
C ILE F 162 13.33 27.45 17.18
N ALA F 163 13.99 26.32 16.87
CA ALA F 163 15.20 26.36 16.05
C ALA F 163 14.88 26.81 14.63
N LEU F 164 13.71 26.42 14.10
CA LEU F 164 13.34 26.85 12.76
C LEU F 164 13.02 28.33 12.71
N GLU F 165 12.28 28.83 13.72
CA GLU F 165 11.98 30.26 13.77
C GLU F 165 13.24 31.09 13.97
N ALA F 166 14.19 30.59 14.77
CA ALA F 166 15.42 31.33 15.01
C ALA F 166 16.30 31.35 13.77
N SER F 167 16.46 30.18 13.11
CA SER F 167 17.30 30.13 11.92
C SER F 167 16.68 30.91 10.77
N LEU F 168 15.35 30.87 10.65
CA LEU F 168 14.69 31.66 9.62
C LEU F 168 14.87 33.15 9.86
N ALA F 169 14.76 33.58 11.11
CA ALA F 169 15.01 34.98 11.44
C ALA F 169 16.45 35.37 11.12
N ALA F 170 17.41 34.51 11.48
CA ALA F 170 18.80 34.78 11.13
C ALA F 170 19.01 34.79 9.62
N LEU F 171 18.17 34.05 8.89
CA LEU F 171 18.23 34.09 7.44
C LEU F 171 17.69 35.40 6.88
N GLU F 172 16.78 36.04 7.61
CA GLU F 172 16.21 37.30 7.14
C GLU F 172 17.16 38.47 7.36
N ILE F 173 17.90 38.46 8.47
CA ILE F 173 18.85 39.54 8.73
C ILE F 173 19.98 39.53 7.70
N ILE F 174 20.49 38.34 7.37
CA ILE F 174 21.51 38.23 6.34
C ILE F 174 20.93 38.67 4.99
N LEU F 175 19.65 38.39 4.75
CA LEU F 175 18.99 38.85 3.53
C LEU F 175 18.96 40.38 3.48
N GLU F 176 18.63 41.02 4.60
CA GLU F 176 18.68 42.47 4.64
C GLU F 176 20.10 42.99 4.46
N GLU F 177 21.08 42.26 5.00
CA GLU F 177 22.47 42.61 4.73
C GLU F 177 22.82 42.42 3.26
N LEU F 178 22.22 41.43 2.61
CA LEU F 178 22.49 41.20 1.20
C LEU F 178 21.87 42.30 0.33
N LYS F 179 20.70 42.82 0.73
CA LYS F 179 20.05 43.84 -0.08
C LYS F 179 20.76 45.19 0.04
N GLU F 180 21.25 45.53 1.24
CA GLU F 180 22.02 46.76 1.37
C GLU F 180 23.35 46.66 0.66
N MET F 181 23.92 45.44 0.55
CA MET F 181 25.09 45.25 -0.27
C MET F 181 24.73 45.26 -1.76
N LEU F 182 23.49 44.90 -2.09
CA LEU F 182 23.01 45.04 -3.46
C LEU F 182 22.76 46.50 -3.83
N GLU F 183 22.49 47.36 -2.85
CA GLU F 183 22.46 48.79 -3.13
C GLU F 183 23.85 49.29 -3.53
N ARG F 184 24.89 48.73 -2.90
CA ARG F 184 26.24 48.90 -3.41
C ARG F 184 26.39 48.09 -4.71
N LEU F 185 27.54 48.27 -5.36
CA LEU F 185 27.78 47.81 -6.73
C LEU F 185 26.96 48.62 -7.72
N GLU F 186 25.78 49.07 -7.30
CA GLU F 186 25.00 50.05 -8.04
C GLU F 186 25.40 51.45 -7.56
N LYS F 187 25.60 52.35 -8.52
CA LYS F 187 26.17 53.68 -8.31
C LYS F 187 27.62 53.63 -7.82
N ASN F 188 28.21 52.44 -7.74
CA ASN F 188 29.61 52.25 -7.36
C ASN F 188 30.04 50.82 -7.70
N PRO F 189 30.17 50.49 -8.99
CA PRO F 189 30.58 49.11 -9.35
C PRO F 189 32.08 48.95 -9.30
N ASP F 190 32.56 48.27 -8.25
CA ASP F 190 33.97 48.03 -8.05
C ASP F 190 34.24 46.53 -7.92
N LYS F 191 35.43 46.11 -8.35
CA LYS F 191 35.79 44.70 -8.28
C LYS F 191 35.95 44.25 -6.84
N ASP F 192 36.39 45.13 -5.94
CA ASP F 192 36.47 44.77 -4.53
C ASP F 192 35.09 44.64 -3.89
N VAL F 193 34.12 45.42 -4.35
CA VAL F 193 32.76 45.29 -3.83
C VAL F 193 32.13 43.99 -4.29
N ILE F 194 32.52 43.48 -5.46
CA ILE F 194 32.04 42.18 -5.91
C ILE F 194 32.52 41.09 -4.97
N VAL F 195 33.71 41.24 -4.39
CA VAL F 195 34.21 40.24 -3.45
C VAL F 195 33.41 40.25 -2.16
N LYS F 196 32.99 41.44 -1.71
CA LYS F 196 32.22 41.53 -0.47
C LYS F 196 30.85 40.89 -0.62
N VAL F 197 30.17 41.16 -1.74
CA VAL F 197 28.82 40.63 -1.92
C VAL F 197 28.85 39.14 -2.19
N LEU F 198 29.90 38.64 -2.86
CA LEU F 198 30.03 37.20 -3.02
C LEU F 198 30.25 36.51 -1.68
N LYS F 199 30.85 37.22 -0.72
CA LYS F 199 30.97 36.68 0.62
C LYS F 199 29.62 36.65 1.33
N VAL F 200 28.77 37.65 1.06
CA VAL F 200 27.45 37.67 1.68
C VAL F 200 26.54 36.62 1.07
N ILE F 201 26.74 36.28 -0.21
CA ILE F 201 25.94 35.25 -0.85
C ILE F 201 26.19 33.89 -0.19
N VAL F 202 27.46 33.57 0.06
CA VAL F 202 27.79 32.29 0.66
C VAL F 202 27.26 32.20 2.09
N LYS F 203 27.40 33.29 2.86
CA LYS F 203 26.83 33.29 4.20
C LYS F 203 25.32 33.27 4.19
N ALA F 204 24.69 33.65 3.06
CA ALA F 204 23.25 33.54 2.93
C ALA F 204 22.84 32.15 2.47
N ILE F 205 23.64 31.54 1.59
CA ILE F 205 23.37 30.15 1.20
C ILE F 205 23.64 29.21 2.36
N GLU F 206 24.72 29.44 3.11
CA GLU F 206 25.02 28.61 4.26
C GLU F 206 23.92 28.71 5.32
N ALA F 207 23.35 29.91 5.49
CA ALA F 207 22.23 30.05 6.40
C ALA F 207 20.96 29.43 5.84
N SER F 208 20.83 29.39 4.52
CA SER F 208 19.69 28.73 3.89
C SER F 208 19.75 27.23 4.08
N VAL F 209 20.95 26.64 3.90
CA VAL F 209 21.09 25.20 4.06
C VAL F 209 20.84 24.80 5.51
N LYS F 210 21.32 25.60 6.47
CA LYS F 210 21.06 25.31 7.88
C LYS F 210 19.57 25.42 8.20
N ASN F 211 18.83 26.25 7.45
CA ASN F 211 17.40 26.37 7.69
C ASN F 211 16.62 25.22 7.06
N GLN F 212 17.00 24.81 5.85
CA GLN F 212 16.39 23.63 5.24
C GLN F 212 16.75 22.37 6.01
N LYS F 213 17.93 22.35 6.64
CA LYS F 213 18.30 21.24 7.50
C LYS F 213 17.37 21.13 8.68
N ILE F 214 17.12 22.25 9.37
CA ILE F 214 16.22 22.24 10.52
C ILE F 214 14.79 21.98 10.07
N SER F 215 14.40 22.51 8.91
CA SER F 215 13.04 22.28 8.42
C SER F 215 12.82 20.82 8.05
N ALA F 216 13.89 20.11 7.67
CA ALA F 216 13.74 18.68 7.37
C ALA F 216 13.49 17.88 8.64
N LYS F 217 14.17 18.23 9.74
CA LYS F 217 13.92 17.52 10.99
C LYS F 217 12.57 17.89 11.59
N ASN F 218 12.18 19.17 11.47
CA ASN F 218 10.84 19.56 11.89
C ASN F 218 9.77 18.88 11.05
N GLN F 219 10.06 18.63 9.77
CA GLN F 219 9.15 17.84 8.94
C GLN F 219 9.12 16.39 9.39
N LYS F 220 10.28 15.85 9.80
CA LYS F 220 10.31 14.52 10.41
C LYS F 220 9.58 14.52 11.75
N ALA F 221 9.69 15.62 12.50
CA ALA F 221 8.99 15.70 13.78
C ALA F 221 7.49 15.83 13.57
N LEU F 222 7.07 16.63 12.59
CA LEU F 222 5.66 16.71 12.22
C LEU F 222 5.12 15.38 11.71
N ALA F 223 5.97 14.51 11.18
CA ALA F 223 5.54 13.17 10.82
C ALA F 223 5.43 12.34 12.10
N GLU F 224 5.37 11.02 11.95
CA GLU F 224 5.23 10.07 13.04
C GLU F 224 3.98 10.31 13.88
N LEU F 225 3.01 11.09 13.37
CA LEU F 225 1.78 11.29 14.12
C LEU F 225 0.93 10.03 14.18
N ALA F 226 1.10 9.13 13.23
CA ALA F 226 0.39 7.86 13.23
C ALA F 226 1.37 6.72 13.49
#